data_2HOI
#
_entry.id   2HOI
#
_cell.length_a   136.784
_cell.length_b   136.784
_cell.length_c   218.275
_cell.angle_alpha   90.000
_cell.angle_beta   90.000
_cell.angle_gamma   120.000
#
_symmetry.space_group_name_H-M   'P 32 2 1'
#
loop_
_entity.id
_entity.type
_entity.pdbx_description
1 polymer 'LoxP DNA'
2 polymer 'LoxP DNA'
3 polymer 'Recombinase Cre'
4 water water
#
loop_
_entity_poly.entity_id
_entity_poly.type
_entity_poly.pdbx_seq_one_letter_code
_entity_poly.pdbx_strand_id
1 'polydeoxyribonucleotide'
;(DT)(DA)(DT)(DA)(DA)(DC)(DT)(DT)(DC)(DG)(DT)(DA)(DT)(DA)(DG)(DC)(DA)(DT)(DA)(DC)
(DA)(DT)(DT)(DA)(DT)(DA)(DC)(DG)(DA)(DA)(DC)(DT)(DT)(DA)(DT)
;
C,E
2 'polydeoxyribonucleotide'
;(DT)(DA)(DT)(DA)(DA)(DG)(DT)(DT)(DC)(DG)(DT)(DA)(DT)(DA)(DA)(DT)(DG)(DT)(DA)(DT)
(DG)(DC)(DT)(DA)(DT)(DA)(DC)(DG)(DA)(DA)(DG)(DT)(DT)(DA)(DT)
;
D,F
3 'polypeptide(L)'
;MSNLLTVHQNLPALPVDATSDEVRKNLMDMFRDRQAFSEHTWKMLLSVCRSWAAWCKLNNRKWFPAEPEDVRDYLLYLQA
RGLAVKTIQQHLGQLNMLHRRSGLPRPSDSNAVSLVMRRIRKENVDAGERAKQALAFERTDFDQVRSLMENSDRCQDIRN
LAFLGIAYNTLLRIAEIARIRVKDISRTDGGRMLIHIGRTATLVSTAGVEKALSLGVTKLVERWISVSGVADDPNNYLFC
RVRKNGVAAPSATSQLSTRALEGIFEATHRLIYGAKDDSGQRYLAWSGHSARVGAARDMARAGVSIPEIMQAGGWTNVNI
VMNYIRNLDSETGAMVRLLEDGD
;
A,B,G,H
#
# COMPACT_ATOMS: atom_id res chain seq x y z
N SER E 20 -11.12 -24.78 34.24
CA SER E 20 -12.06 -23.90 34.99
C SER E 20 -11.36 -23.12 36.11
N ASP E 21 -10.28 -23.70 36.64
CA ASP E 21 -9.38 -22.98 37.54
C ASP E 21 -8.55 -21.99 36.74
N GLU E 22 -8.26 -22.35 35.50
CA GLU E 22 -7.48 -21.54 34.57
C GLU E 22 -8.22 -20.25 34.22
N VAL E 23 -9.51 -20.38 33.93
CA VAL E 23 -10.38 -19.25 33.58
C VAL E 23 -10.47 -18.26 34.76
N ARG E 24 -10.67 -18.80 35.96
CA ARG E 24 -10.71 -17.98 37.17
C ARG E 24 -9.38 -17.28 37.43
N LYS E 25 -8.28 -18.00 37.24
CA LYS E 25 -6.93 -17.44 37.36
C LYS E 25 -6.72 -16.28 36.39
N ASN E 26 -7.19 -16.43 35.15
CA ASN E 26 -7.11 -15.39 34.13
C ASN E 26 -7.92 -14.13 34.45
N LEU E 27 -9.15 -14.33 34.94
CA LEU E 27 -10.02 -13.23 35.36
C LEU E 27 -9.46 -12.45 36.55
N MET E 28 -8.81 -13.15 37.48
CA MET E 28 -8.21 -12.49 38.66
C MET E 28 -6.98 -11.68 38.25
N ASP E 29 -6.26 -12.18 37.25
CA ASP E 29 -5.16 -11.43 36.63
C ASP E 29 -5.67 -10.17 35.94
N MET E 30 -6.83 -10.29 35.30
CA MET E 30 -7.47 -9.16 34.64
C MET E 30 -7.94 -8.13 35.66
N PHE E 31 -8.39 -8.62 36.82
CA PHE E 31 -8.80 -7.74 37.92
C PHE E 31 -7.59 -7.05 38.57
N ARG E 32 -6.51 -7.81 38.76
CA ARG E 32 -5.29 -7.28 39.37
C ARG E 32 -4.68 -6.15 38.55
N ASP E 33 -4.71 -6.29 37.23
CA ASP E 33 -4.17 -5.26 36.35
C ASP E 33 -5.27 -4.51 35.59
N ARG E 34 -6.31 -4.10 36.33
CA ARG E 34 -7.41 -3.27 35.81
C ARG E 34 -6.92 -2.15 34.90
N GLN E 35 -5.89 -1.43 35.37
CA GLN E 35 -5.39 -0.22 34.74
C GLN E 35 -4.75 -0.46 33.37
N ALA E 36 -4.66 -1.73 32.97
CA ALA E 36 -4.23 -2.10 31.63
C ALA E 36 -5.18 -1.52 30.57
N PHE E 37 -6.43 -1.36 30.96
CA PHE E 37 -7.44 -0.80 30.06
C PHE E 37 -8.07 0.45 30.65
N SER E 38 -8.41 1.38 29.77
CA SER E 38 -9.14 2.59 30.13
C SER E 38 -10.45 2.25 30.82
N GLU E 39 -10.87 3.12 31.73
CA GLU E 39 -12.14 2.94 32.44
C GLU E 39 -13.35 2.95 31.50
N HIS E 40 -13.24 3.69 30.40
CA HIS E 40 -14.29 3.68 29.36
C HIS E 40 -14.45 2.31 28.72
N THR E 41 -13.33 1.61 28.54
CA THR E 41 -13.30 0.23 28.06
C THR E 41 -14.04 -0.70 29.04
N TRP E 42 -13.76 -0.54 30.33
CA TRP E 42 -14.41 -1.32 31.39
C TRP E 42 -15.91 -1.08 31.48
N LYS E 43 -16.30 0.20 31.40
CA LYS E 43 -17.70 0.57 31.45
C LYS E 43 -18.47 -0.07 30.29
N MET E 44 -17.85 -0.11 29.11
CA MET E 44 -18.48 -0.71 27.93
C MET E 44 -18.54 -2.25 27.97
N LEU E 45 -17.49 -2.88 28.49
CA LEU E 45 -17.47 -4.33 28.70
C LEU E 45 -18.63 -4.73 29.61
N LEU E 46 -18.75 -4.03 30.75
CA LEU E 46 -19.84 -4.25 31.69
C LEU E 46 -21.20 -4.08 31.03
N SER E 47 -21.33 -3.01 30.26
CA SER E 47 -22.57 -2.68 29.57
C SER E 47 -22.99 -3.79 28.60
N VAL E 48 -22.05 -4.22 27.75
CA VAL E 48 -22.29 -5.29 26.78
C VAL E 48 -22.60 -6.62 27.49
N CYS E 49 -21.88 -6.90 28.58
CA CYS E 49 -22.16 -8.09 29.40
C CYS E 49 -23.57 -8.11 29.99
N ARG E 50 -24.04 -6.96 30.48
CA ARG E 50 -25.41 -6.83 30.98
C ARG E 50 -26.43 -7.18 29.90
N SER E 51 -26.29 -6.56 28.73
CA SER E 51 -27.17 -6.78 27.59
C SER E 51 -27.16 -8.25 27.16
N TRP E 52 -25.96 -8.82 27.06
CA TRP E 52 -25.77 -10.21 26.67
C TRP E 52 -26.32 -11.22 27.69
N ALA E 53 -26.04 -11.00 28.97
CA ALA E 53 -26.53 -11.90 30.03
C ALA E 53 -28.04 -11.81 30.21
N ALA E 54 -28.60 -10.61 30.07
CA ALA E 54 -30.05 -10.40 30.12
C ALA E 54 -30.74 -11.09 28.95
N TRP E 55 -30.12 -11.03 27.77
CA TRP E 55 -30.67 -11.70 26.59
C TRP E 55 -30.54 -13.22 26.71
N CYS E 56 -29.42 -13.66 27.29
CA CYS E 56 -29.19 -15.07 27.59
C CYS E 56 -30.20 -15.61 28.60
N LYS E 57 -30.38 -14.86 29.70
CA LYS E 57 -31.34 -15.21 30.74
C LYS E 57 -32.71 -15.41 30.13
N LEU E 58 -33.15 -14.41 29.37
CA LEU E 58 -34.48 -14.42 28.74
C LEU E 58 -34.67 -15.61 27.80
N ASN E 59 -33.64 -15.95 27.04
CA ASN E 59 -33.72 -16.99 26.00
C ASN E 59 -33.16 -18.36 26.41
N ASN E 60 -32.93 -18.54 27.71
CA ASN E 60 -32.44 -19.81 28.26
C ASN E 60 -31.10 -20.28 27.66
N ARG E 61 -30.14 -19.36 27.57
CA ARG E 61 -28.82 -19.70 27.04
C ARG E 61 -27.74 -19.45 28.09
N LYS E 62 -26.65 -20.20 28.00
CA LYS E 62 -25.48 -19.97 28.85
C LYS E 62 -24.74 -18.73 28.37
N TRP E 63 -24.41 -17.84 29.30
CA TRP E 63 -23.78 -16.57 28.92
C TRP E 63 -22.26 -16.67 28.87
N PHE E 64 -21.70 -17.65 29.57
CA PHE E 64 -20.25 -17.81 29.69
C PHE E 64 -19.89 -19.26 30.00
N PRO E 65 -19.01 -19.88 29.18
CA PRO E 65 -18.51 -19.35 27.91
C PRO E 65 -19.62 -19.21 26.88
N ALA E 66 -19.49 -18.24 25.97
CA ALA E 66 -20.51 -17.99 24.96
C ALA E 66 -20.38 -18.92 23.77
N GLU E 67 -21.52 -19.45 23.34
CA GLU E 67 -21.57 -20.39 22.22
C GLU E 67 -21.97 -19.67 20.92
N PRO E 68 -21.26 -19.96 19.82
CA PRO E 68 -21.44 -19.40 18.46
C PRO E 68 -22.90 -19.19 18.05
N GLU E 69 -23.72 -20.22 18.19
CA GLU E 69 -25.14 -20.16 17.78
C GLU E 69 -25.93 -19.12 18.59
N ASP E 70 -25.63 -19.03 19.89
CA ASP E 70 -26.29 -18.08 20.77
C ASP E 70 -25.83 -16.64 20.52
N VAL E 71 -24.55 -16.48 20.19
CA VAL E 71 -23.98 -15.17 19.85
C VAL E 71 -24.56 -14.67 18.54
N ARG E 72 -24.71 -15.57 17.54
CA ARG E 72 -25.33 -15.18 16.26
C ARG E 72 -26.81 -14.75 16.47
N ASP E 73 -27.57 -15.48 17.30
CA ASP E 73 -28.98 -15.07 17.54
C ASP E 73 -29.05 -13.71 18.26
N TYR E 74 -28.08 -13.49 19.15
CA TYR E 74 -27.97 -12.21 19.90
C TYR E 74 -27.66 -11.07 18.93
N LEU E 75 -26.72 -11.31 18.01
CA LEU E 75 -26.36 -10.29 17.01
C LEU E 75 -27.51 -9.97 16.05
N LEU E 76 -28.35 -10.97 15.73
CA LEU E 76 -29.52 -10.75 14.89
C LEU E 76 -30.56 -9.96 15.66
N TYR E 77 -30.54 -10.11 16.99
CA TYR E 77 -31.44 -9.36 17.86
C TYR E 77 -30.99 -7.90 17.87
N LEU E 78 -29.68 -7.68 17.99
CA LEU E 78 -29.12 -6.32 17.98
C LEU E 78 -29.47 -5.61 16.69
N GLN E 79 -29.45 -6.35 15.59
CA GLN E 79 -29.83 -5.81 14.27
C GLN E 79 -31.29 -5.41 14.23
N ALA E 80 -32.18 -6.35 14.57
CA ALA E 80 -33.62 -6.12 14.54
C ALA E 80 -34.02 -4.96 15.43
N ARG E 81 -33.29 -4.78 16.51
CA ARG E 81 -33.50 -3.68 17.42
C ARG E 81 -33.17 -2.31 16.81
N GLY E 82 -32.28 -2.31 15.82
CA GLY E 82 -31.97 -1.10 15.05
C GLY E 82 -30.65 -0.46 15.41
N LEU E 83 -29.82 -1.21 16.14
CA LEU E 83 -28.49 -0.73 16.51
C LEU E 83 -27.62 -0.61 15.26
N ALA E 84 -26.71 0.35 15.26
CA ALA E 84 -25.83 0.58 14.12
C ALA E 84 -24.83 -0.56 14.01
N VAL E 85 -24.33 -0.80 12.79
CA VAL E 85 -23.32 -1.83 12.53
C VAL E 85 -22.14 -1.72 13.49
N LYS E 86 -21.68 -0.49 13.69
CA LYS E 86 -20.56 -0.20 14.59
C LYS E 86 -20.85 -0.58 16.04
N THR E 87 -22.10 -0.34 16.48
CA THR E 87 -22.56 -0.77 17.80
C THR E 87 -22.51 -2.30 17.92
N ILE E 88 -22.95 -2.99 16.88
CA ILE E 88 -22.97 -4.45 16.85
C ILE E 88 -21.54 -5.03 16.90
N GLN E 89 -20.63 -4.41 16.16
CA GLN E 89 -19.22 -4.81 16.15
C GLN E 89 -18.58 -4.63 17.53
N GLN E 90 -19.02 -3.59 18.22
CA GLN E 90 -18.55 -3.25 19.55
C GLN E 90 -18.96 -4.30 20.60
N HIS E 91 -20.17 -4.81 20.48
CA HIS E 91 -20.68 -5.84 21.40
C HIS E 91 -19.93 -7.15 21.17
N LEU E 92 -19.68 -7.48 19.90
CA LEU E 92 -18.93 -8.67 19.54
C LEU E 92 -17.48 -8.54 20.01
N GLY E 93 -16.89 -7.38 19.78
CA GLY E 93 -15.53 -7.07 20.17
C GLY E 93 -15.32 -7.16 21.68
N GLN E 94 -16.33 -6.70 22.45
CA GLN E 94 -16.25 -6.79 23.91
C GLN E 94 -16.36 -8.24 24.38
N LEU E 95 -17.16 -9.02 23.65
CA LEU E 95 -17.30 -10.45 23.95
C LEU E 95 -16.03 -11.20 23.57
N ASN E 96 -15.41 -10.79 22.47
CA ASN E 96 -14.14 -11.40 22.02
C ASN E 96 -13.02 -11.22 23.04
N MET E 97 -12.88 -10.00 23.53
CA MET E 97 -11.83 -9.67 24.51
C MET E 97 -11.99 -10.45 25.79
N LEU E 98 -13.21 -10.48 26.33
CA LEU E 98 -13.51 -11.24 27.56
C LEU E 98 -13.09 -12.71 27.42
N HIS E 99 -13.42 -13.30 26.27
CA HIS E 99 -13.06 -14.70 25.99
C HIS E 99 -11.57 -14.92 25.76
N ARG E 100 -10.92 -14.03 25.01
CA ARG E 100 -9.48 -14.15 24.78
C ARG E 100 -8.67 -14.00 26.07
N ARG E 101 -9.02 -13.01 26.88
CA ARG E 101 -8.38 -12.79 28.18
C ARG E 101 -8.73 -13.84 29.22
N SER E 102 -9.86 -14.54 29.04
CA SER E 102 -10.22 -15.67 29.90
C SER E 102 -9.50 -16.95 29.48
N GLY E 103 -8.96 -16.96 28.26
CA GLY E 103 -8.28 -18.12 27.71
C GLY E 103 -9.19 -19.03 26.88
N LEU E 104 -10.39 -18.54 26.57
CA LEU E 104 -11.39 -19.31 25.83
C LEU E 104 -11.46 -18.88 24.36
N PRO E 105 -12.09 -19.71 23.49
CA PRO E 105 -12.27 -19.33 22.08
C PRO E 105 -13.16 -18.09 21.89
N ARG E 106 -12.74 -17.22 20.97
CA ARG E 106 -13.47 -15.99 20.66
C ARG E 106 -14.65 -16.27 19.75
N PRO E 107 -15.84 -15.77 20.13
CA PRO E 107 -17.07 -15.81 19.33
C PRO E 107 -16.84 -15.55 17.82
N SER E 108 -15.98 -14.58 17.52
CA SER E 108 -15.66 -14.20 16.13
C SER E 108 -14.98 -15.29 15.31
N ASP E 109 -14.35 -16.25 15.97
CA ASP E 109 -13.58 -17.28 15.26
C ASP E 109 -14.42 -18.47 14.75
N SER E 110 -15.72 -18.45 15.04
CA SER E 110 -16.63 -19.47 14.55
C SER E 110 -17.25 -19.08 13.22
N ASN E 111 -17.67 -20.07 12.44
CA ASN E 111 -18.27 -19.87 11.12
C ASN E 111 -19.59 -19.09 11.17
N ALA E 112 -20.43 -19.41 12.15
CA ALA E 112 -21.76 -18.80 12.29
C ALA E 112 -21.74 -17.28 12.51
N VAL E 113 -20.90 -16.84 13.44
CA VAL E 113 -20.80 -15.42 13.77
C VAL E 113 -20.17 -14.64 12.62
N SER E 114 -19.13 -15.22 12.03
CA SER E 114 -18.45 -14.64 10.88
C SER E 114 -19.43 -14.40 9.72
N LEU E 115 -20.28 -15.41 9.47
CA LEU E 115 -21.27 -15.32 8.39
C LEU E 115 -22.40 -14.33 8.70
N VAL E 116 -22.82 -14.25 9.97
CA VAL E 116 -23.91 -13.36 10.35
C VAL E 116 -23.49 -11.87 10.34
N MET E 117 -22.21 -11.60 10.60
CA MET E 117 -21.71 -10.23 10.57
C MET E 117 -21.66 -9.70 9.15
N ARG E 118 -21.15 -10.51 8.23
CA ARG E 118 -21.15 -10.18 6.81
C ARG E 118 -22.58 -9.90 6.32
N ARG E 119 -23.51 -10.78 6.69
CA ARG E 119 -24.92 -10.60 6.38
C ARG E 119 -25.48 -9.28 6.96
N ILE E 120 -25.26 -9.05 8.26
CA ILE E 120 -25.76 -7.83 8.92
C ILE E 120 -25.19 -6.54 8.30
N ARG E 121 -23.87 -6.49 8.14
CA ARG E 121 -23.19 -5.37 7.47
C ARG E 121 -23.85 -5.07 6.12
N LYS E 122 -23.87 -6.09 5.27
CA LYS E 122 -24.43 -5.98 3.93
C LYS E 122 -25.91 -5.55 3.90
N GLU E 123 -26.72 -6.08 4.83
CA GLU E 123 -28.14 -5.75 4.92
C GLU E 123 -28.40 -4.32 5.35
N ASN E 124 -27.71 -3.87 6.40
CA ASN E 124 -27.84 -2.52 6.91
C ASN E 124 -27.36 -1.45 5.91
N VAL E 125 -26.27 -1.74 5.21
CA VAL E 125 -25.75 -0.84 4.18
C VAL E 125 -26.77 -0.67 3.04
N ASP E 126 -27.36 -1.78 2.59
CA ASP E 126 -28.36 -1.74 1.53
C ASP E 126 -29.68 -1.12 1.99
N ALA E 127 -29.95 -1.19 3.29
CA ALA E 127 -31.13 -0.55 3.87
C ALA E 127 -30.94 0.96 3.94
N GLY E 128 -29.69 1.41 3.89
CA GLY E 128 -29.37 2.82 3.85
C GLY E 128 -28.80 3.41 5.14
N GLU E 129 -28.35 2.56 6.04
CA GLU E 129 -27.74 2.99 7.29
C GLU E 129 -26.44 3.77 7.00
N ARG E 130 -26.35 4.97 7.56
CA ARG E 130 -25.22 5.84 7.31
C ARG E 130 -24.46 6.14 8.60
N ALA E 131 -23.13 6.07 8.53
CA ALA E 131 -22.30 6.47 9.65
C ALA E 131 -22.37 7.99 9.77
N LYS E 132 -22.69 8.46 10.97
CA LYS E 132 -22.86 9.89 11.20
C LYS E 132 -21.61 10.50 11.84
N GLN E 133 -21.52 11.83 11.82
CA GLN E 133 -20.40 12.54 12.43
C GLN E 133 -20.79 13.92 12.94
N ALA E 134 -20.00 14.45 13.84
CA ALA E 134 -20.26 15.75 14.44
C ALA E 134 -20.60 16.82 13.41
N LEU E 135 -21.58 17.64 13.76
CA LEU E 135 -21.98 18.79 12.93
C LEU E 135 -20.79 19.76 12.95
N ALA E 136 -20.34 20.18 11.76
CA ALA E 136 -19.17 21.04 11.67
C ALA E 136 -19.27 22.40 12.36
N PHE E 137 -18.25 22.71 13.15
CA PHE E 137 -18.14 24.03 13.80
C PHE E 137 -16.97 24.69 13.11
N GLU E 138 -17.29 25.50 12.09
CA GLU E 138 -16.27 26.12 11.24
C GLU E 138 -15.95 27.58 11.57
N ARG E 139 -14.99 28.15 10.85
CA ARG E 139 -14.58 29.54 11.03
C ARG E 139 -15.77 30.53 11.00
N THR E 140 -16.68 30.34 10.05
CA THR E 140 -17.86 31.21 9.94
C THR E 140 -18.76 31.11 11.16
N ASP E 141 -18.85 29.92 11.76
CA ASP E 141 -19.58 29.73 13.02
C ASP E 141 -18.87 30.41 14.17
N PHE E 142 -17.55 30.22 14.22
CA PHE E 142 -16.70 30.82 15.25
C PHE E 142 -16.75 32.35 15.17
N ASP E 143 -16.68 32.89 13.96
CA ASP E 143 -16.83 34.33 13.74
C ASP E 143 -18.21 34.79 14.20
N GLN E 144 -19.25 34.06 13.82
CA GLN E 144 -20.63 34.39 14.18
C GLN E 144 -20.84 34.42 15.70
N VAL E 145 -20.38 33.38 16.39
CA VAL E 145 -20.49 33.25 17.85
C VAL E 145 -19.75 34.38 18.58
N ARG E 146 -18.53 34.68 18.12
CA ARG E 146 -17.77 35.78 18.70
C ARG E 146 -18.53 37.08 18.54
N SER E 147 -19.01 37.32 17.31
CA SER E 147 -19.75 38.53 16.99
C SER E 147 -21.04 38.69 17.84
N LEU E 148 -21.70 37.58 18.15
CA LEU E 148 -22.96 37.63 18.90
C LEU E 148 -22.77 37.72 20.40
N MET E 149 -21.58 37.34 20.85
CA MET E 149 -21.33 37.19 22.29
C MET E 149 -20.24 38.05 22.93
N GLU E 150 -19.52 38.80 22.11
CA GLU E 150 -18.35 39.56 22.55
C GLU E 150 -18.68 40.70 23.53
N ASN E 151 -19.92 41.19 23.47
CA ASN E 151 -20.38 42.26 24.34
C ASN E 151 -20.76 41.79 25.75
N SER E 152 -20.87 40.48 25.93
CA SER E 152 -21.21 39.92 27.24
C SER E 152 -20.06 39.99 28.23
N ASP E 153 -20.37 40.46 29.43
CA ASP E 153 -19.38 40.59 30.49
C ASP E 153 -19.59 39.51 31.55
N ARG E 154 -20.48 38.57 31.25
CA ARG E 154 -20.76 37.43 32.14
C ARG E 154 -19.62 36.43 32.13
N CYS E 155 -19.28 35.93 33.32
CA CYS E 155 -18.24 34.94 33.52
C CYS E 155 -18.44 33.70 32.62
N GLN E 156 -19.67 33.18 32.59
CA GLN E 156 -20.07 32.05 31.77
C GLN E 156 -19.71 32.25 30.30
N ASP E 157 -20.15 33.38 29.76
CA ASP E 157 -19.96 33.70 28.35
C ASP E 157 -18.49 33.91 27.97
N ILE E 158 -17.72 34.49 28.88
CA ILE E 158 -16.29 34.68 28.67
C ILE E 158 -15.58 33.31 28.64
N ARG E 159 -15.93 32.43 29.58
CA ARG E 159 -15.39 31.08 29.62
C ARG E 159 -15.73 30.28 28.36
N ASN E 160 -17.01 30.23 28.02
CA ASN E 160 -17.50 29.48 26.86
C ASN E 160 -16.81 29.90 25.57
N LEU E 161 -16.58 31.20 25.41
CA LEU E 161 -15.88 31.75 24.25
C LEU E 161 -14.41 31.33 24.20
N ALA E 162 -13.76 31.31 25.36
CA ALA E 162 -12.37 30.87 25.46
C ALA E 162 -12.28 29.38 25.15
N PHE E 163 -13.25 28.60 25.64
CA PHE E 163 -13.33 27.19 25.32
C PHE E 163 -13.52 26.93 23.82
N LEU E 164 -14.45 27.65 23.20
CA LEU E 164 -14.73 27.49 21.77
C LEU E 164 -13.52 27.92 20.95
N GLY E 165 -12.86 29.00 21.39
CA GLY E 165 -11.63 29.46 20.78
C GLY E 165 -10.52 28.41 20.83
N ILE E 166 -10.34 27.77 21.99
CA ILE E 166 -9.30 26.76 22.13
C ILE E 166 -9.61 25.55 21.27
N ALA E 167 -10.85 25.06 21.39
CA ALA E 167 -11.27 23.87 20.62
C ALA E 167 -11.02 24.00 19.13
N TYR E 168 -11.36 25.16 18.57
CA TYR E 168 -11.20 25.37 17.13
C TYR E 168 -9.75 25.54 16.71
N ASN E 169 -9.00 26.30 17.49
CA ASN E 169 -7.60 26.63 17.25
C ASN E 169 -6.66 25.44 17.40
N THR E 170 -6.93 24.59 18.41
CA THR E 170 -6.00 23.50 18.76
C THR E 170 -6.37 22.11 18.25
N LEU E 171 -7.64 21.90 17.94
CA LEU E 171 -8.19 20.58 17.56
C LEU E 171 -8.07 19.53 18.67
N LEU E 172 -7.81 19.98 19.90
CA LEU E 172 -7.83 19.08 21.05
C LEU E 172 -9.25 18.58 21.30
N ARG E 173 -9.36 17.33 21.73
CA ARG E 173 -10.65 16.73 22.08
C ARG E 173 -11.05 17.23 23.46
N ILE E 174 -12.35 17.12 23.76
CA ILE E 174 -12.90 17.68 25.00
C ILE E 174 -12.21 17.21 26.28
N ALA E 175 -11.83 15.94 26.34
CA ALA E 175 -11.09 15.43 27.51
C ALA E 175 -9.74 16.10 27.66
N GLU E 176 -9.04 16.32 26.54
CA GLU E 176 -7.75 17.01 26.54
C GLU E 176 -7.86 18.45 27.03
N ILE E 177 -8.90 19.15 26.58
CA ILE E 177 -9.17 20.52 27.01
C ILE E 177 -9.48 20.59 28.51
N ALA E 178 -10.21 19.61 29.02
CA ALA E 178 -10.57 19.51 30.44
C ALA E 178 -9.37 19.28 31.35
N ARG E 179 -8.33 18.62 30.82
CA ARG E 179 -7.09 18.34 31.57
C ARG E 179 -6.10 19.50 31.61
N ILE E 180 -6.33 20.51 30.78
CA ILE E 180 -5.42 21.66 30.71
C ILE E 180 -5.36 22.38 32.06
N ARG E 181 -4.14 22.53 32.58
CA ARG E 181 -3.89 23.25 33.82
C ARG E 181 -3.24 24.59 33.50
N VAL E 182 -3.28 25.52 34.44
CA VAL E 182 -2.71 26.86 34.25
C VAL E 182 -1.19 26.83 34.00
N LYS E 183 -0.49 25.95 34.72
CA LYS E 183 0.96 25.80 34.57
C LYS E 183 1.38 25.28 33.19
N ASP E 184 0.42 24.73 32.45
CA ASP E 184 0.66 24.24 31.09
C ASP E 184 0.77 25.38 30.08
N ILE E 185 0.48 26.60 30.53
CA ILE E 185 0.44 27.77 29.64
C ILE E 185 1.67 28.66 29.80
N SER E 186 2.30 28.95 28.67
CA SER E 186 3.42 29.90 28.60
C SER E 186 3.18 30.91 27.47
N ARG E 187 4.14 31.80 27.26
CA ARG E 187 4.04 32.82 26.21
C ARG E 187 5.22 32.75 25.23
N THR E 188 4.92 32.89 23.94
CA THR E 188 5.94 32.93 22.90
C THR E 188 6.43 34.37 22.72
N ASP E 189 7.57 34.52 22.07
CA ASP E 189 8.15 35.84 21.78
C ASP E 189 7.19 36.76 21.01
N GLY E 190 6.28 36.15 20.24
CA GLY E 190 5.25 36.88 19.51
C GLY E 190 4.06 37.34 20.35
N GLY E 191 4.01 36.89 21.60
CA GLY E 191 2.93 37.26 22.51
C GLY E 191 1.74 36.33 22.47
N ARG E 192 1.89 35.21 21.77
CA ARG E 192 0.83 34.20 21.70
C ARG E 192 0.89 33.26 22.89
N MET E 193 -0.25 32.70 23.27
CA MET E 193 -0.29 31.67 24.29
C MET E 193 0.06 30.30 23.70
N LEU E 194 0.90 29.57 24.41
CA LEU E 194 1.32 28.24 24.01
C LEU E 194 0.81 27.27 25.08
N ILE E 195 0.05 26.26 24.65
CA ILE E 195 -0.44 25.24 25.57
C ILE E 195 0.38 23.97 25.42
N HIS E 196 1.18 23.68 26.44
CA HIS E 196 1.93 22.43 26.51
C HIS E 196 0.94 21.30 26.82
N ILE E 197 1.06 20.20 26.10
CA ILE E 197 0.20 19.03 26.34
C ILE E 197 0.81 18.20 27.47
N GLY E 198 0.08 18.13 28.57
CA GLY E 198 0.56 17.48 29.78
C GLY E 198 0.42 15.98 29.72
N ARG E 199 -0.65 15.51 29.09
CA ARG E 199 -0.88 14.09 28.86
C ARG E 199 -1.22 13.89 27.40
N THR E 200 -0.27 13.34 26.65
CA THR E 200 -0.47 13.09 25.23
C THR E 200 -1.43 11.93 25.01
N ALA E 201 -2.07 11.91 23.85
CA ALA E 201 -3.01 10.86 23.50
C ALA E 201 -2.34 9.49 23.51
N THR E 202 -1.13 9.43 22.96
CA THR E 202 -0.34 8.20 22.89
C THR E 202 1.09 8.47 23.30
N LEU E 203 1.89 7.42 23.41
CA LEU E 203 3.32 7.56 23.73
C LEU E 203 4.03 8.39 22.67
N VAL E 204 3.81 8.03 21.41
CA VAL E 204 4.32 8.78 20.27
C VAL E 204 3.21 9.72 19.83
N SER E 205 3.31 10.98 20.27
CA SER E 205 2.26 11.96 20.08
C SER E 205 2.30 12.59 18.68
N THR E 206 1.43 12.08 17.81
CA THR E 206 1.30 12.58 16.44
C THR E 206 0.79 14.03 16.36
N ALA E 207 0.10 14.48 17.41
CA ALA E 207 -0.38 15.87 17.49
C ALA E 207 0.71 16.84 17.98
N GLY E 208 1.87 16.30 18.33
CA GLY E 208 2.97 17.10 18.87
C GLY E 208 2.88 17.24 20.38
N VAL E 209 3.72 18.09 20.94
CA VAL E 209 3.74 18.30 22.40
C VAL E 209 3.14 19.65 22.80
N GLU E 210 2.84 20.47 21.79
CA GLU E 210 2.44 21.85 22.01
C GLU E 210 1.33 22.30 21.06
N LYS E 211 0.55 23.26 21.53
CA LYS E 211 -0.49 23.87 20.72
C LYS E 211 -0.40 25.38 20.91
N ALA E 212 -0.09 26.09 19.84
CA ALA E 212 -0.03 27.55 19.89
C ALA E 212 -1.38 28.17 19.55
N LEU E 213 -1.75 29.20 20.30
CA LEU E 213 -2.99 29.92 20.08
C LEU E 213 -2.72 31.16 19.23
N SER E 214 -3.71 31.60 18.46
CA SER E 214 -3.57 32.84 17.70
C SER E 214 -3.68 34.03 18.64
N LEU E 215 -3.37 35.23 18.14
CA LEU E 215 -3.46 36.45 18.94
C LEU E 215 -4.89 36.69 19.42
N GLY E 216 -5.86 36.45 18.53
CA GLY E 216 -7.27 36.58 18.86
C GLY E 216 -7.75 35.62 19.94
N VAL E 217 -7.33 34.36 19.85
CA VAL E 217 -7.76 33.34 20.82
C VAL E 217 -7.03 33.53 22.15
N THR E 218 -5.78 33.96 22.08
CA THR E 218 -5.01 34.33 23.27
C THR E 218 -5.79 35.35 24.09
N LYS E 219 -6.32 36.38 23.41
CA LYS E 219 -7.10 37.44 24.03
C LYS E 219 -8.37 36.92 24.72
N LEU E 220 -8.98 35.88 24.15
CA LEU E 220 -10.16 35.26 24.74
C LEU E 220 -9.84 34.50 26.03
N VAL E 221 -8.71 33.78 26.02
CA VAL E 221 -8.26 33.04 27.19
C VAL E 221 -7.76 33.98 28.29
N GLU E 222 -6.99 35.00 27.88
CA GLU E 222 -6.53 36.05 28.81
C GLU E 222 -7.69 36.67 29.57
N ARG E 223 -8.74 37.07 28.84
CA ARG E 223 -9.94 37.63 29.43
C ARG E 223 -10.55 36.67 30.44
N TRP E 224 -10.63 35.39 30.08
CA TRP E 224 -11.16 34.37 30.98
C TRP E 224 -10.30 34.15 32.21
N ILE E 225 -8.98 34.25 32.04
CA ILE E 225 -8.05 34.07 33.14
C ILE E 225 -8.23 35.14 34.22
N SER E 226 -8.50 36.38 33.80
CA SER E 226 -8.65 37.49 34.75
C SER E 226 -10.00 37.54 35.48
N VAL E 227 -11.07 37.11 34.81
CA VAL E 227 -12.40 37.14 35.43
C VAL E 227 -12.69 35.91 36.32
N SER E 228 -11.95 34.83 36.10
CA SER E 228 -12.14 33.58 36.85
C SER E 228 -11.24 33.50 38.09
N GLY E 229 -10.01 33.98 37.96
CA GLY E 229 -9.03 33.88 39.01
C GLY E 229 -8.41 32.50 39.11
N VAL E 230 -8.37 31.77 37.99
CA VAL E 230 -7.79 30.43 37.96
C VAL E 230 -6.26 30.46 38.04
N ALA E 231 -5.64 31.58 37.68
CA ALA E 231 -4.19 31.71 37.76
C ALA E 231 -3.69 32.00 39.18
N ASP E 232 -4.57 31.91 40.18
CA ASP E 232 -4.19 32.03 41.59
C ASP E 232 -3.35 30.83 42.05
N ASP E 233 -3.55 29.70 41.40
CA ASP E 233 -2.76 28.48 41.63
C ASP E 233 -2.44 27.84 40.27
N PRO E 234 -1.14 27.75 39.90
CA PRO E 234 -0.75 27.17 38.62
C PRO E 234 -1.20 25.71 38.42
N ASN E 235 -1.58 25.04 39.52
CA ASN E 235 -2.09 23.68 39.47
C ASN E 235 -3.59 23.64 39.17
N ASN E 236 -4.23 24.81 39.08
CA ASN E 236 -5.64 24.88 38.77
C ASN E 236 -5.89 24.50 37.34
N TYR E 237 -7.02 23.83 37.09
CA TYR E 237 -7.40 23.52 35.71
C TYR E 237 -7.82 24.83 35.09
N LEU E 238 -7.54 25.00 33.79
CA LEU E 238 -7.85 26.22 33.06
C LEU E 238 -9.34 26.54 33.06
N PHE E 239 -10.17 25.50 32.90
CA PHE E 239 -11.61 25.67 32.90
C PHE E 239 -12.23 25.08 34.15
N CYS E 240 -13.23 25.78 34.67
CA CYS E 240 -13.94 25.35 35.87
C CYS E 240 -15.38 25.75 35.76
N ARG E 241 -16.21 25.19 36.64
CA ARG E 241 -17.62 25.53 36.66
C ARG E 241 -17.85 26.97 37.11
N VAL E 242 -18.92 27.56 36.60
CA VAL E 242 -19.33 28.90 37.01
C VAL E 242 -20.79 28.82 37.45
N ARG E 243 -21.05 29.18 38.71
CA ARG E 243 -22.41 29.06 39.26
C ARG E 243 -23.33 30.21 38.86
N LYS E 244 -24.60 30.10 39.24
CA LYS E 244 -25.68 31.02 38.80
C LYS E 244 -25.45 32.51 39.09
N ASN E 245 -24.64 32.82 40.09
CA ASN E 245 -24.31 34.22 40.41
C ASN E 245 -23.06 34.71 39.69
N GLY E 246 -22.71 34.06 38.59
CA GLY E 246 -21.54 34.44 37.78
C GLY E 246 -20.20 34.33 38.48
N VAL E 247 -20.15 33.51 39.53
CA VAL E 247 -18.92 33.32 40.30
C VAL E 247 -18.23 32.00 39.92
N ALA E 248 -16.98 32.10 39.50
CA ALA E 248 -16.19 30.93 39.13
C ALA E 248 -15.67 30.18 40.36
N ALA E 249 -15.57 28.86 40.25
CA ALA E 249 -15.02 28.03 41.32
C ALA E 249 -13.80 27.24 40.85
N PRO E 250 -12.61 27.89 40.82
CA PRO E 250 -11.38 27.24 40.38
C PRO E 250 -10.98 26.05 41.26
N SER E 251 -10.41 25.02 40.63
CA SER E 251 -10.01 23.81 41.32
C SER E 251 -8.75 23.21 40.72
N ALA E 252 -7.98 22.53 41.57
CA ALA E 252 -6.78 21.81 41.13
C ALA E 252 -7.02 20.30 41.12
N THR E 253 -8.15 19.88 41.67
CA THR E 253 -8.45 18.46 41.86
C THR E 253 -9.64 17.98 41.03
N SER E 254 -10.56 18.89 40.78
CA SER E 254 -11.80 18.57 40.05
C SER E 254 -11.87 19.26 38.69
N GLN E 255 -11.99 18.46 37.64
CA GLN E 255 -12.10 18.99 36.31
C GLN E 255 -13.56 19.35 35.98
N LEU E 256 -13.72 20.22 35.02
CA LEU E 256 -15.05 20.48 34.49
C LEU E 256 -15.33 19.26 33.61
N SER E 257 -16.49 18.65 33.79
CA SER E 257 -16.83 17.41 33.06
C SER E 257 -16.88 17.60 31.55
N THR E 258 -16.57 16.53 30.82
CA THR E 258 -16.66 16.55 29.36
C THR E 258 -18.11 16.72 28.93
N ARG E 259 -19.03 16.32 29.81
CA ARG E 259 -20.46 16.54 29.62
C ARG E 259 -20.79 18.04 29.54
N ALA E 260 -20.25 18.80 30.49
CA ALA E 260 -20.41 20.26 30.50
C ALA E 260 -19.85 20.91 29.23
N LEU E 261 -18.70 20.43 28.77
CA LEU E 261 -18.07 20.98 27.55
C LEU E 261 -18.90 20.71 26.29
N GLU E 262 -19.57 19.57 26.25
CA GLU E 262 -20.55 19.29 25.20
C GLU E 262 -21.73 20.25 25.34
N GLY E 263 -22.12 20.48 26.59
CA GLY E 263 -23.21 21.40 26.92
C GLY E 263 -22.98 22.79 26.36
N ILE E 264 -21.75 23.29 26.50
CA ILE E 264 -21.36 24.56 25.93
C ILE E 264 -21.64 24.57 24.43
N PHE E 265 -21.05 23.63 23.71
CA PHE E 265 -21.27 23.50 22.27
C PHE E 265 -22.75 23.48 21.93
N GLU E 266 -23.52 22.65 22.64
CA GLU E 266 -24.95 22.50 22.39
C GLU E 266 -25.73 23.78 22.68
N ALA E 267 -25.44 24.41 23.82
CA ALA E 267 -26.11 25.64 24.25
C ALA E 267 -25.86 26.81 23.30
N THR E 268 -24.69 26.84 22.69
CA THR E 268 -24.33 27.88 21.73
C THR E 268 -25.13 27.71 20.44
N HIS E 269 -25.35 26.47 20.05
CA HIS E 269 -26.17 26.15 18.89
C HIS E 269 -27.63 26.50 19.16
N ARG E 270 -28.07 26.31 20.40
CA ARG E 270 -29.44 26.59 20.79
C ARG E 270 -29.70 28.10 20.75
N LEU E 271 -28.71 28.88 21.21
CA LEU E 271 -28.78 30.32 21.18
C LEU E 271 -29.08 30.83 19.76
N ILE E 272 -28.31 30.34 18.79
CA ILE E 272 -28.46 30.79 17.40
C ILE E 272 -29.65 30.16 16.66
N TYR E 273 -29.69 28.84 16.62
CA TYR E 273 -30.73 28.11 15.86
C TYR E 273 -31.99 27.65 16.60
N GLY E 274 -32.01 27.83 17.91
CA GLY E 274 -33.15 27.44 18.72
C GLY E 274 -33.06 25.97 19.18
N ALA E 275 -34.14 25.51 19.83
CA ALA E 275 -34.26 24.15 20.35
C ALA E 275 -34.20 23.07 19.26
N LYS E 276 -33.71 21.90 19.65
CA LYS E 276 -33.59 20.79 18.75
C LYS E 276 -34.92 20.10 18.50
N ASP E 277 -34.96 19.24 17.47
CA ASP E 277 -36.06 18.39 17.16
C ASP E 277 -36.20 17.39 18.32
N ASP E 278 -37.43 17.03 18.68
CA ASP E 278 -37.67 15.95 19.64
C ASP E 278 -37.55 14.58 18.98
N SER E 279 -36.91 14.53 17.81
CA SER E 279 -36.79 13.29 17.03
C SER E 279 -35.92 12.25 17.72
N GLY E 280 -34.79 12.70 18.29
CA GLY E 280 -33.86 11.80 18.96
C GLY E 280 -32.60 11.54 18.16
N GLN E 281 -32.53 12.06 16.94
CA GLN E 281 -31.36 11.95 16.08
C GLN E 281 -30.13 12.55 16.74
N ARG E 282 -28.95 12.05 16.38
CA ARG E 282 -27.69 12.60 16.85
C ARG E 282 -27.19 13.71 15.95
N TYR E 283 -26.40 14.61 16.53
CA TYR E 283 -25.72 15.67 15.79
C TYR E 283 -26.66 16.72 15.18
N LEU E 284 -27.75 17.01 15.88
CA LEU E 284 -28.67 18.08 15.49
C LEU E 284 -28.13 19.44 15.90
N ALA E 285 -27.35 19.45 16.98
CA ALA E 285 -26.62 20.63 17.43
C ALA E 285 -25.11 20.29 17.45
N TRP E 286 -24.26 21.30 17.63
CA TRP E 286 -22.82 21.06 17.77
C TRP E 286 -22.56 20.15 18.97
N SER E 287 -21.39 19.52 18.96
CA SER E 287 -20.94 18.69 20.07
C SER E 287 -19.42 18.72 20.18
N GLY E 288 -18.86 17.86 21.03
CA GLY E 288 -17.44 17.86 21.36
C GLY E 288 -16.45 17.79 20.20
N HIS E 289 -16.79 17.05 19.15
CA HIS E 289 -15.91 16.90 17.99
C HIS E 289 -16.14 17.91 16.87
N SER E 290 -17.08 18.83 17.09
CA SER E 290 -17.52 19.78 16.06
C SER E 290 -16.42 20.71 15.53
N ALA E 291 -15.56 21.19 16.42
CA ALA E 291 -14.47 22.10 16.05
C ALA E 291 -13.35 21.37 15.31
N ARG E 292 -13.12 20.10 15.66
CA ARG E 292 -12.15 19.25 14.96
C ARG E 292 -12.57 19.01 13.52
N VAL E 293 -13.85 18.68 13.34
CA VAL E 293 -14.43 18.49 12.01
C VAL E 293 -14.35 19.80 11.24
N GLY E 294 -14.78 20.88 11.91
CA GLY E 294 -14.79 22.20 11.32
C GLY E 294 -13.42 22.70 10.87
N ALA E 295 -12.44 22.58 11.76
CA ALA E 295 -11.08 23.07 11.46
C ALA E 295 -10.43 22.31 10.30
N ALA E 296 -10.65 20.99 10.23
CA ALA E 296 -10.15 20.15 9.14
C ALA E 296 -10.66 20.61 7.78
N ARG E 297 -11.95 20.96 7.73
CA ARG E 297 -12.59 21.47 6.51
C ARG E 297 -12.04 22.83 6.08
N ASP E 298 -11.70 23.67 7.07
CA ASP E 298 -11.20 25.00 6.77
C ASP E 298 -9.78 24.98 6.24
N MET E 299 -8.96 24.06 6.78
CA MET E 299 -7.60 23.87 6.30
C MET E 299 -7.63 23.33 4.87
N ALA E 300 -8.54 22.39 4.62
CA ALA E 300 -8.77 21.85 3.29
C ALA E 300 -9.15 22.94 2.29
N ARG E 301 -10.06 23.83 2.67
CA ARG E 301 -10.44 24.98 1.83
C ARG E 301 -9.25 25.89 1.56
N ALA E 302 -8.39 26.04 2.55
CA ALA E 302 -7.19 26.88 2.46
C ALA E 302 -6.04 26.23 1.68
N GLY E 303 -6.27 25.02 1.18
CA GLY E 303 -5.24 24.30 0.40
C GLY E 303 -4.11 23.69 1.22
N VAL E 304 -4.28 23.63 2.54
CA VAL E 304 -3.34 22.94 3.41
C VAL E 304 -3.32 21.46 3.00
N SER E 305 -2.11 20.90 2.88
CA SER E 305 -1.97 19.51 2.45
C SER E 305 -2.44 18.53 3.52
N ILE E 306 -2.93 17.38 3.07
CA ILE E 306 -3.47 16.34 3.93
C ILE E 306 -2.54 16.00 5.13
N PRO E 307 -1.23 15.74 4.87
CA PRO E 307 -0.35 15.43 6.01
C PRO E 307 -0.33 16.52 7.08
N GLU E 308 -0.36 17.78 6.66
CA GLU E 308 -0.33 18.90 7.59
C GLU E 308 -1.65 19.03 8.35
N ILE E 309 -2.76 18.79 7.65
CA ILE E 309 -4.09 18.70 8.29
C ILE E 309 -4.09 17.59 9.36
N MET E 310 -3.50 16.45 9.00
CA MET E 310 -3.41 15.28 9.89
C MET E 310 -2.56 15.52 11.13
N GLN E 311 -1.43 16.22 10.97
CA GLN E 311 -0.59 16.58 12.12
C GLN E 311 -1.34 17.53 13.06
N ALA E 312 -2.06 18.49 12.48
CA ALA E 312 -2.81 19.50 13.25
C ALA E 312 -3.86 18.91 14.19
N GLY E 313 -4.50 17.82 13.78
CA GLY E 313 -5.49 17.14 14.61
C GLY E 313 -4.94 15.94 15.33
N GLY E 314 -3.72 15.53 14.94
CA GLY E 314 -3.11 14.33 15.48
C GLY E 314 -3.63 13.03 14.87
N TRP E 315 -4.07 13.11 13.62
CA TRP E 315 -4.58 11.95 12.89
C TRP E 315 -3.45 11.10 12.29
N THR E 316 -3.58 9.78 12.41
CA THR E 316 -2.71 8.83 11.71
C THR E 316 -3.49 8.12 10.60
N ASN E 317 -4.79 7.98 10.81
CA ASN E 317 -5.69 7.37 9.84
C ASN E 317 -6.32 8.43 8.92
N VAL E 318 -5.84 8.46 7.67
CA VAL E 318 -6.30 9.47 6.68
C VAL E 318 -7.82 9.43 6.42
N ASN E 319 -8.47 8.28 6.60
CA ASN E 319 -9.88 8.12 6.24
C ASN E 319 -10.88 8.79 7.18
N ILE E 320 -10.41 9.10 8.38
CA ILE E 320 -11.25 9.85 9.35
C ILE E 320 -11.31 11.28 8.81
N VAL E 321 -10.16 11.78 8.38
CA VAL E 321 -10.03 13.13 7.80
C VAL E 321 -10.81 13.24 6.49
N MET E 322 -10.60 12.28 5.59
CA MET E 322 -11.30 12.25 4.32
C MET E 322 -12.82 12.30 4.48
N ASN E 323 -13.34 11.60 5.49
CA ASN E 323 -14.76 11.65 5.82
C ASN E 323 -15.27 13.07 6.14
N TYR E 324 -14.40 13.88 6.74
CA TYR E 324 -14.76 15.24 7.12
C TYR E 324 -14.77 16.20 5.93
N ILE E 325 -13.89 15.95 4.97
CA ILE E 325 -13.65 16.90 3.88
C ILE E 325 -14.12 16.44 2.50
N ARG E 326 -14.72 15.26 2.43
CA ARG E 326 -15.04 14.60 1.15
C ARG E 326 -16.13 15.29 0.31
N ASN E 327 -16.92 16.17 0.93
CA ASN E 327 -17.94 16.91 0.19
C ASN E 327 -17.49 18.32 -0.27
N LEU E 328 -16.20 18.60 -0.15
CA LEU E 328 -15.63 19.88 -0.60
C LEU E 328 -15.17 19.81 -2.06
N ASP E 329 -15.33 20.93 -2.76
CA ASP E 329 -15.01 21.02 -4.19
C ASP E 329 -13.55 20.72 -4.53
N SER E 330 -12.64 21.03 -3.62
CA SER E 330 -11.22 20.72 -3.81
C SER E 330 -10.90 19.23 -3.67
N GLU E 331 -11.84 18.45 -3.16
CA GLU E 331 -11.62 17.02 -2.96
C GLU E 331 -12.32 16.13 -3.99
N THR E 332 -12.92 16.77 -5.02
CA THR E 332 -13.74 16.09 -6.04
C THR E 332 -13.03 15.10 -6.94
N GLY E 333 -11.69 15.11 -6.98
CA GLY E 333 -11.02 14.08 -7.77
C GLY E 333 -10.60 14.48 -9.17
N ALA E 334 -9.89 13.56 -9.82
CA ALA E 334 -9.31 13.81 -11.14
C ALA E 334 -10.31 13.80 -12.30
N MET E 335 -11.36 13.00 -12.18
CA MET E 335 -12.36 12.90 -13.25
C MET E 335 -13.13 14.21 -13.43
N VAL E 336 -13.37 14.91 -12.33
CA VAL E 336 -14.03 16.21 -12.37
C VAL E 336 -13.14 17.25 -13.07
N ARG E 337 -11.84 17.25 -12.74
CA ARG E 337 -10.89 18.17 -13.37
C ARG E 337 -10.76 17.91 -14.87
N LEU E 338 -10.66 16.64 -15.24
CA LEU E 338 -10.56 16.24 -16.65
C LEU E 338 -11.77 16.66 -17.45
N LEU E 339 -12.96 16.48 -16.87
CA LEU E 339 -14.21 16.81 -17.55
C LEU E 339 -14.45 18.31 -17.65
N GLU E 340 -13.97 19.07 -16.66
CA GLU E 340 -14.20 20.51 -16.63
C GLU E 340 -13.08 21.31 -17.31
N ASP E 341 -12.18 20.60 -17.98
CA ASP E 341 -11.14 21.23 -18.79
C ASP E 341 -11.18 20.76 -20.24
N SER F 20 13.37 -30.15 26.45
CA SER F 20 14.54 -29.46 27.05
C SER F 20 15.77 -29.53 26.15
N ASP F 21 15.92 -30.64 25.44
CA ASP F 21 16.96 -30.78 24.42
C ASP F 21 16.63 -29.93 23.19
N GLU F 22 15.32 -29.79 22.91
CA GLU F 22 14.84 -28.93 21.84
C GLU F 22 15.25 -27.48 22.08
N VAL F 23 15.16 -27.04 23.33
CA VAL F 23 15.47 -25.66 23.72
C VAL F 23 16.95 -25.35 23.50
N ARG F 24 17.81 -26.22 23.99
CA ARG F 24 19.25 -26.05 23.87
C ARG F 24 19.70 -26.09 22.40
N LYS F 25 19.04 -26.95 21.61
CA LYS F 25 19.26 -27.05 20.17
C LYS F 25 18.72 -25.82 19.40
N ASN F 26 17.53 -25.33 19.77
CA ASN F 26 16.97 -24.12 19.14
C ASN F 26 17.83 -22.87 19.36
N LEU F 27 18.36 -22.72 20.58
CA LEU F 27 19.27 -21.63 20.92
C LEU F 27 20.61 -21.74 20.19
N MET F 28 21.10 -22.98 20.05
CA MET F 28 22.32 -23.29 19.32
C MET F 28 22.24 -22.82 17.86
N ASP F 29 21.11 -23.08 17.22
CA ASP F 29 20.89 -22.73 15.81
C ASP F 29 20.83 -21.23 15.59
N MET F 30 20.26 -20.51 16.55
CA MET F 30 20.19 -19.06 16.50
C MET F 30 21.59 -18.45 16.63
N PHE F 31 22.37 -18.96 17.58
CA PHE F 31 23.75 -18.51 17.78
C PHE F 31 24.65 -18.86 16.59
N ARG F 32 24.43 -20.07 16.05
CA ARG F 32 25.19 -20.55 14.89
C ARG F 32 25.00 -19.63 13.68
N ASP F 33 23.75 -19.22 13.44
CA ASP F 33 23.45 -18.26 12.37
C ASP F 33 23.20 -16.84 12.93
N ARG F 34 24.07 -16.43 13.86
CA ARG F 34 23.93 -15.15 14.58
C ARG F 34 24.02 -13.93 13.67
N GLN F 35 24.60 -14.10 12.49
CA GLN F 35 24.74 -13.03 11.51
C GLN F 35 23.42 -12.69 10.80
N ALA F 36 22.43 -13.56 10.94
CA ALA F 36 21.08 -13.35 10.42
C ALA F 36 20.36 -12.21 11.14
N PHE F 37 20.84 -11.90 12.34
CA PHE F 37 20.29 -10.82 13.14
C PHE F 37 21.28 -9.68 13.20
N SER F 38 20.80 -8.50 13.61
CA SER F 38 21.67 -7.35 13.74
C SER F 38 22.53 -7.47 14.98
N GLU F 39 23.75 -6.95 14.86
CA GLU F 39 24.73 -6.89 15.94
C GLU F 39 24.08 -6.16 17.14
N HIS F 40 23.23 -5.19 16.84
CA HIS F 40 22.54 -4.41 17.86
C HIS F 40 21.47 -5.24 18.60
N THR F 41 20.79 -6.10 17.86
CA THR F 41 19.80 -7.01 18.43
C THR F 41 20.45 -7.94 19.45
N TRP F 42 21.60 -8.50 19.08
CA TRP F 42 22.42 -9.27 20.03
C TRP F 42 22.87 -8.42 21.22
N LYS F 43 23.42 -7.25 20.95
CA LYS F 43 23.93 -6.38 22.01
C LYS F 43 22.86 -6.07 23.08
N MET F 44 21.63 -5.85 22.64
CA MET F 44 20.54 -5.57 23.58
C MET F 44 20.01 -6.82 24.28
N LEU F 45 20.02 -7.95 23.57
CA LEU F 45 19.68 -9.24 24.17
C LEU F 45 20.53 -9.49 25.42
N LEU F 46 21.86 -9.36 25.26
CA LEU F 46 22.81 -9.58 26.36
C LEU F 46 22.63 -8.55 27.48
N SER F 47 22.41 -7.30 27.08
CA SER F 47 22.17 -6.22 28.03
C SER F 47 20.95 -6.50 28.90
N VAL F 48 19.85 -6.87 28.27
CA VAL F 48 18.61 -7.17 28.98
C VAL F 48 18.82 -8.39 29.88
N CYS F 49 19.49 -9.41 29.35
CA CYS F 49 19.78 -10.62 30.11
C CYS F 49 20.56 -10.35 31.38
N ARG F 50 21.61 -9.52 31.28
CA ARG F 50 22.36 -9.12 32.47
C ARG F 50 21.47 -8.48 33.50
N SER F 51 20.68 -7.49 33.09
CA SER F 51 19.73 -6.81 33.97
C SER F 51 18.73 -7.79 34.59
N TRP F 52 18.12 -8.64 33.76
CA TRP F 52 17.11 -9.61 34.19
C TRP F 52 17.69 -10.70 35.09
N ALA F 53 18.88 -11.21 34.74
CA ALA F 53 19.58 -12.22 35.54
C ALA F 53 20.05 -11.68 36.89
N ALA F 54 20.54 -10.45 36.91
CA ALA F 54 21.01 -9.82 38.14
C ALA F 54 19.85 -9.59 39.10
N TRP F 55 18.73 -9.12 38.56
CA TRP F 55 17.51 -8.95 39.34
C TRP F 55 16.98 -10.28 39.88
N CYS F 56 17.10 -11.35 39.10
CA CYS F 56 16.66 -12.69 39.51
C CYS F 56 17.50 -13.27 40.65
N LYS F 57 18.82 -13.11 40.53
CA LYS F 57 19.77 -13.55 41.54
C LYS F 57 19.49 -12.85 42.88
N LEU F 58 19.16 -11.55 42.80
CA LEU F 58 18.90 -10.74 43.98
C LEU F 58 17.50 -10.98 44.57
N ASN F 59 16.62 -11.63 43.81
CA ASN F 59 15.24 -11.86 44.26
C ASN F 59 14.87 -13.34 44.34
N ASN F 60 15.87 -14.20 44.22
CA ASN F 60 15.71 -15.66 44.30
C ASN F 60 14.74 -16.25 43.28
N ARG F 61 14.85 -15.76 42.04
CA ARG F 61 14.02 -16.27 40.95
C ARG F 61 14.88 -17.03 39.94
N LYS F 62 14.23 -17.80 39.08
CA LYS F 62 14.91 -18.51 38.00
C LYS F 62 14.85 -17.66 36.73
N TRP F 63 16.01 -17.33 36.16
CA TRP F 63 16.07 -16.43 35.01
C TRP F 63 15.67 -17.09 33.69
N PHE F 64 15.84 -18.41 33.60
CA PHE F 64 15.46 -19.14 32.40
C PHE F 64 15.06 -20.58 32.68
N PRO F 65 13.86 -21.00 32.24
CA PRO F 65 12.87 -20.18 31.52
C PRO F 65 12.13 -19.24 32.46
N ALA F 66 11.76 -18.08 31.95
CA ALA F 66 11.21 -17.00 32.76
C ALA F 66 9.75 -17.25 33.11
N GLU F 67 9.45 -17.20 34.40
CA GLU F 67 8.10 -17.39 34.91
C GLU F 67 7.34 -16.06 34.85
N PRO F 68 6.09 -16.07 34.32
CA PRO F 68 5.23 -14.89 34.19
C PRO F 68 5.18 -13.96 35.41
N GLU F 69 4.92 -14.52 36.58
CA GLU F 69 4.86 -13.73 37.81
C GLU F 69 6.17 -12.97 38.10
N ASP F 70 7.31 -13.63 37.86
CA ASP F 70 8.64 -13.03 38.04
C ASP F 70 8.87 -11.88 37.06
N VAL F 71 8.55 -12.11 35.79
CA VAL F 71 8.66 -11.10 34.74
C VAL F 71 7.79 -9.87 35.07
N ARG F 72 6.61 -10.12 35.63
CA ARG F 72 5.70 -9.04 36.04
C ARG F 72 6.32 -8.17 37.15
N ASP F 73 6.89 -8.81 38.17
CA ASP F 73 7.55 -8.11 39.27
C ASP F 73 8.74 -7.30 38.75
N TYR F 74 9.45 -7.88 37.79
CA TYR F 74 10.63 -7.25 37.18
C TYR F 74 10.26 -6.01 36.35
N LEU F 75 9.18 -6.09 35.58
CA LEU F 75 8.74 -4.96 34.77
C LEU F 75 8.25 -3.80 35.64
N LEU F 76 7.61 -4.13 36.77
CA LEU F 76 7.19 -3.12 37.75
C LEU F 76 8.38 -2.47 38.47
N TYR F 77 9.45 -3.25 38.64
CA TYR F 77 10.71 -2.74 39.18
C TYR F 77 11.34 -1.75 38.20
N LEU F 78 11.28 -2.06 36.91
CA LEU F 78 11.81 -1.19 35.87
C LEU F 78 11.06 0.13 35.82
N GLN F 79 9.74 0.08 36.01
CA GLN F 79 8.90 1.26 36.04
C GLN F 79 9.26 2.12 37.26
N ALA F 80 9.44 1.46 38.41
CA ALA F 80 9.81 2.15 39.65
C ALA F 80 11.20 2.79 39.55
N ARG F 81 12.02 2.29 38.64
CA ARG F 81 13.36 2.83 38.40
C ARG F 81 13.25 4.08 37.53
N GLY F 82 12.04 4.36 37.04
CA GLY F 82 11.80 5.55 36.23
C GLY F 82 12.25 5.44 34.78
N LEU F 83 12.40 4.22 34.29
CA LEU F 83 12.78 4.01 32.89
C LEU F 83 11.64 4.34 31.96
N ALA F 84 11.97 4.68 30.72
CA ALA F 84 10.96 5.01 29.70
C ALA F 84 10.13 3.79 29.31
N VAL F 85 8.95 4.03 28.76
CA VAL F 85 8.06 2.95 28.30
C VAL F 85 8.71 2.12 27.20
N LYS F 86 9.39 2.80 26.28
CA LYS F 86 10.07 2.11 25.19
C LYS F 86 11.32 1.34 25.64
N THR F 87 11.92 1.77 26.74
CA THR F 87 12.99 1.01 27.39
C THR F 87 12.45 -0.29 27.97
N ILE F 88 11.36 -0.20 28.74
CA ILE F 88 10.75 -1.36 29.39
C ILE F 88 10.25 -2.39 28.36
N GLN F 89 9.62 -1.89 27.29
CA GLN F 89 9.20 -2.73 26.16
C GLN F 89 10.37 -3.49 25.55
N GLN F 90 11.53 -2.85 25.48
CA GLN F 90 12.75 -3.48 24.94
C GLN F 90 13.19 -4.66 25.81
N HIS F 91 13.16 -4.46 27.13
CA HIS F 91 13.48 -5.53 28.08
C HIS F 91 12.54 -6.72 27.98
N LEU F 92 11.24 -6.44 27.84
CA LEU F 92 10.25 -7.47 27.66
C LEU F 92 10.39 -8.13 26.28
N GLY F 93 10.63 -7.31 25.26
CA GLY F 93 10.81 -7.79 23.89
C GLY F 93 11.93 -8.81 23.77
N GLN F 94 13.08 -8.49 24.38
CA GLN F 94 14.23 -9.38 24.37
C GLN F 94 13.97 -10.67 25.13
N LEU F 95 13.30 -10.55 26.28
CA LEU F 95 12.80 -11.71 27.02
C LEU F 95 11.90 -12.57 26.13
N ASN F 96 10.98 -11.93 25.42
CA ASN F 96 10.09 -12.60 24.48
C ASN F 96 10.81 -13.35 23.36
N MET F 97 11.85 -12.74 22.79
CA MET F 97 12.59 -13.33 21.67
C MET F 97 13.38 -14.57 22.11
N LEU F 98 14.05 -14.45 23.25
CA LEU F 98 14.79 -15.55 23.87
C LEU F 98 13.90 -16.77 24.05
N HIS F 99 12.67 -16.55 24.50
CA HIS F 99 11.71 -17.62 24.72
C HIS F 99 11.10 -18.17 23.43
N ARG F 100 10.66 -17.28 22.55
CA ARG F 100 10.01 -17.67 21.31
C ARG F 100 10.95 -18.49 20.42
N ARG F 101 12.19 -18.04 20.31
CA ARG F 101 13.17 -18.73 19.45
C ARG F 101 13.77 -19.96 20.12
N SER F 102 13.45 -20.15 21.41
CA SER F 102 13.85 -21.37 22.10
C SER F 102 12.81 -22.43 21.79
N GLY F 103 11.60 -21.99 21.39
CA GLY F 103 10.49 -22.87 21.12
C GLY F 103 9.60 -22.94 22.34
N LEU F 104 9.78 -21.99 23.26
CA LEU F 104 9.00 -21.89 24.50
C LEU F 104 7.97 -20.76 24.42
N PRO F 105 6.91 -20.85 25.22
CA PRO F 105 5.94 -19.74 25.28
C PRO F 105 6.63 -18.47 25.77
N ARG F 106 6.15 -17.31 25.32
CA ARG F 106 6.71 -16.03 25.72
C ARG F 106 6.11 -15.55 27.04
N PRO F 107 6.82 -14.67 27.77
CA PRO F 107 6.20 -14.10 28.95
C PRO F 107 4.91 -13.38 28.54
N SER F 108 4.94 -12.71 27.40
CA SER F 108 3.77 -11.97 26.90
C SER F 108 2.60 -12.88 26.48
N ASP F 109 2.80 -14.18 26.51
CA ASP F 109 1.72 -15.13 26.21
C ASP F 109 0.76 -15.28 27.40
N SER F 110 1.16 -14.77 28.55
CA SER F 110 0.34 -14.83 29.75
C SER F 110 -0.27 -13.47 30.10
N ASN F 111 -1.42 -13.49 30.76
CA ASN F 111 -2.09 -12.26 31.19
C ASN F 111 -1.26 -11.41 32.15
N ALA F 112 -0.57 -12.06 33.08
CA ALA F 112 0.29 -11.38 34.04
C ALA F 112 1.24 -10.36 33.39
N VAL F 113 1.87 -10.74 32.30
CA VAL F 113 2.90 -9.91 31.66
C VAL F 113 2.34 -8.96 30.61
N SER F 114 1.40 -9.43 29.79
CA SER F 114 0.83 -8.59 28.74
C SER F 114 -0.05 -7.48 29.31
N LEU F 115 -0.75 -7.77 30.40
CA LEU F 115 -1.57 -6.75 31.06
C LEU F 115 -0.72 -5.70 31.78
N VAL F 116 0.31 -6.15 32.49
CA VAL F 116 1.19 -5.22 33.22
C VAL F 116 1.95 -4.28 32.29
N MET F 117 2.27 -4.75 31.08
CA MET F 117 2.90 -3.90 30.06
C MET F 117 1.92 -2.82 29.55
N ARG F 118 0.66 -3.22 29.32
CA ARG F 118 -0.40 -2.27 28.99
C ARG F 118 -0.57 -1.27 30.13
N ARG F 119 -0.53 -1.78 31.36
CA ARG F 119 -0.64 -0.97 32.56
C ARG F 119 0.52 0.02 32.72
N ILE F 120 1.75 -0.46 32.56
CA ILE F 120 2.93 0.40 32.65
C ILE F 120 2.87 1.52 31.61
N ARG F 121 2.55 1.18 30.37
CA ARG F 121 2.43 2.16 29.29
C ARG F 121 1.33 3.20 29.58
N LYS F 122 0.17 2.74 30.03
CA LYS F 122 -0.93 3.63 30.36
C LYS F 122 -0.63 4.58 31.52
N GLU F 123 -0.12 4.03 32.62
CA GLU F 123 0.22 4.84 33.79
C GLU F 123 1.25 5.92 33.48
N ASN F 124 2.28 5.55 32.72
CA ASN F 124 3.37 6.48 32.37
C ASN F 124 2.94 7.60 31.43
N VAL F 125 2.15 7.25 30.42
CA VAL F 125 1.60 8.24 29.50
C VAL F 125 0.69 9.22 30.26
N ASP F 126 -0.12 8.69 31.18
CA ASP F 126 -0.98 9.51 32.04
C ASP F 126 -0.18 10.38 33.01
N ALA F 127 0.97 9.87 33.45
CA ALA F 127 1.90 10.65 34.27
C ALA F 127 2.63 11.72 33.46
N GLY F 128 2.51 11.64 32.14
CA GLY F 128 3.08 12.68 31.26
C GLY F 128 4.16 12.25 30.28
N GLU F 129 4.43 10.95 30.18
CA GLU F 129 5.51 10.52 29.32
C GLU F 129 5.14 10.49 27.83
N ARG F 130 6.04 11.00 26.99
CA ARG F 130 5.90 10.97 25.56
C ARG F 130 7.29 10.72 24.96
N ALA F 131 7.32 10.03 23.82
CA ALA F 131 8.58 9.73 23.15
C ALA F 131 9.17 10.99 22.52
N LYS F 132 10.43 11.22 22.80
CA LYS F 132 11.14 12.38 22.30
C LYS F 132 11.50 12.20 20.82
N GLN F 133 11.96 13.27 20.20
CA GLN F 133 12.39 13.21 18.81
C GLN F 133 13.60 14.13 18.60
N ALA F 134 14.49 13.68 17.74
CA ALA F 134 15.70 14.44 17.43
C ALA F 134 15.37 15.86 16.94
N LEU F 135 16.23 16.78 17.33
CA LEU F 135 16.15 18.19 16.92
C LEU F 135 16.34 18.23 15.42
N ALA F 136 15.45 18.92 14.70
CA ALA F 136 15.51 18.92 13.24
C ALA F 136 16.71 19.71 12.69
N PHE F 137 17.32 19.13 11.65
CA PHE F 137 18.42 19.78 10.93
C PHE F 137 17.85 19.97 9.53
N GLU F 138 17.38 21.19 9.29
CA GLU F 138 16.62 21.50 8.07
C GLU F 138 17.43 22.32 7.06
N ARG F 139 16.81 22.56 5.91
CA ARG F 139 17.43 23.33 4.83
C ARG F 139 18.09 24.63 5.32
N THR F 140 17.39 25.38 6.17
CA THR F 140 17.89 26.66 6.65
C THR F 140 19.17 26.49 7.46
N ASP F 141 19.22 25.43 8.27
CA ASP F 141 20.42 25.09 9.03
C ASP F 141 21.55 24.66 8.10
N PHE F 142 21.21 23.88 7.08
CA PHE F 142 22.18 23.38 6.10
C PHE F 142 22.86 24.52 5.32
N ASP F 143 22.04 25.43 4.76
CA ASP F 143 22.55 26.58 4.00
C ASP F 143 23.44 27.50 4.85
N GLN F 144 23.08 27.65 6.14
CA GLN F 144 23.83 28.47 7.06
C GLN F 144 25.20 27.82 7.36
N VAL F 145 25.18 26.51 7.68
CA VAL F 145 26.41 25.76 7.97
C VAL F 145 27.32 25.79 6.75
N ARG F 146 26.74 25.60 5.57
CA ARG F 146 27.48 25.61 4.32
C ARG F 146 28.17 26.96 4.08
N SER F 147 27.43 28.05 4.24
CA SER F 147 27.98 29.39 4.03
C SER F 147 29.12 29.69 5.00
N LEU F 148 29.06 29.05 6.18
CA LEU F 148 30.12 29.24 7.17
C LEU F 148 31.35 28.37 6.92
N MET F 149 31.15 27.14 6.50
CA MET F 149 32.22 26.18 6.34
C MET F 149 32.78 25.95 4.91
N GLU F 150 32.04 26.40 3.89
CA GLU F 150 32.35 26.09 2.48
C GLU F 150 33.71 26.60 1.96
N ASN F 151 34.20 27.70 2.54
CA ASN F 151 35.46 28.29 2.13
C ASN F 151 36.66 27.76 2.92
N SER F 152 36.40 26.87 3.87
CA SER F 152 37.47 26.24 4.64
C SER F 152 38.27 25.26 3.78
N ASP F 153 39.58 25.27 3.98
CA ASP F 153 40.47 24.34 3.29
C ASP F 153 40.83 23.19 4.24
N ARG F 154 40.32 23.28 5.46
CA ARG F 154 40.55 22.24 6.47
C ARG F 154 39.93 20.92 6.05
N CYS F 155 40.72 19.86 6.12
CA CYS F 155 40.28 18.53 5.74
C CYS F 155 39.04 18.05 6.51
N GLN F 156 38.99 18.40 7.80
CA GLN F 156 37.88 18.00 8.67
C GLN F 156 36.61 18.74 8.29
N ASP F 157 36.74 20.00 7.87
CA ASP F 157 35.58 20.80 7.50
C ASP F 157 35.02 20.39 6.13
N ILE F 158 35.91 20.01 5.22
CA ILE F 158 35.51 19.52 3.90
C ILE F 158 34.75 18.20 4.05
N ARG F 159 35.20 17.36 4.98
CA ARG F 159 34.56 16.08 5.27
C ARG F 159 33.19 16.25 5.94
N ASN F 160 33.15 17.01 7.03
CA ASN F 160 31.92 17.19 7.79
C ASN F 160 30.82 17.87 6.95
N LEU F 161 31.24 18.73 6.03
CA LEU F 161 30.30 19.41 5.14
C LEU F 161 29.75 18.44 4.09
N ALA F 162 30.60 17.56 3.58
CA ALA F 162 30.18 16.51 2.65
C ALA F 162 29.24 15.51 3.35
N PHE F 163 29.53 15.21 4.61
CA PHE F 163 28.70 14.32 5.43
C PHE F 163 27.30 14.90 5.65
N LEU F 164 27.24 16.14 6.12
CA LEU F 164 25.96 16.83 6.36
C LEU F 164 25.13 16.94 5.09
N GLY F 165 25.80 17.21 3.97
CA GLY F 165 25.16 17.23 2.66
C GLY F 165 24.46 15.92 2.31
N ILE F 166 25.18 14.81 2.44
CA ILE F 166 24.63 13.47 2.18
C ILE F 166 23.49 13.10 3.14
N ALA F 167 23.70 13.34 4.43
CA ALA F 167 22.69 13.07 5.44
C ALA F 167 21.36 13.78 5.16
N TYR F 168 21.44 15.05 4.75
CA TYR F 168 20.23 15.80 4.44
C TYR F 168 19.63 15.41 3.08
N ASN F 169 20.48 15.26 2.07
CA ASN F 169 20.05 14.90 0.72
C ASN F 169 19.42 13.52 0.60
N THR F 170 19.98 12.55 1.30
CA THR F 170 19.53 11.14 1.18
C THR F 170 18.61 10.57 2.27
N LEU F 171 18.54 11.24 3.42
CA LEU F 171 17.81 10.78 4.60
C LEU F 171 18.29 9.39 5.09
N LEU F 172 19.51 9.01 4.71
CA LEU F 172 20.11 7.75 5.14
C LEU F 172 20.51 7.78 6.61
N ARG F 173 20.34 6.66 7.30
CA ARG F 173 20.81 6.52 8.67
C ARG F 173 22.32 6.70 8.70
N ILE F 174 22.86 7.13 9.84
CA ILE F 174 24.30 7.35 9.95
C ILE F 174 25.10 6.06 9.75
N ALA F 175 24.50 4.93 10.13
CA ALA F 175 25.12 3.61 9.95
C ALA F 175 25.23 3.23 8.47
N GLU F 176 24.25 3.64 7.68
CA GLU F 176 24.27 3.43 6.24
C GLU F 176 25.31 4.32 5.55
N ILE F 177 25.38 5.58 5.96
CA ILE F 177 26.36 6.51 5.42
C ILE F 177 27.78 6.00 5.69
N ALA F 178 28.00 5.54 6.93
CA ALA F 178 29.29 4.95 7.33
C ALA F 178 29.70 3.74 6.49
N ARG F 179 28.71 3.00 5.97
CA ARG F 179 28.98 1.82 5.15
C ARG F 179 29.29 2.11 3.68
N ILE F 180 28.95 3.32 3.21
CA ILE F 180 29.22 3.72 1.83
C ILE F 180 30.70 3.56 1.48
N ARG F 181 30.96 2.82 0.41
CA ARG F 181 32.31 2.67 -0.14
C ARG F 181 32.38 3.41 -1.48
N VAL F 182 33.60 3.73 -1.91
CA VAL F 182 33.83 4.46 -3.18
C VAL F 182 33.18 3.79 -4.39
N LYS F 183 33.29 2.46 -4.48
CA LYS F 183 32.68 1.69 -5.59
C LYS F 183 31.15 1.80 -5.67
N ASP F 184 30.53 2.30 -4.60
CA ASP F 184 29.08 2.47 -4.57
C ASP F 184 28.62 3.78 -5.20
N ILE F 185 29.58 4.54 -5.72
CA ILE F 185 29.32 5.86 -6.29
C ILE F 185 29.36 5.86 -7.82
N SER F 186 28.26 6.30 -8.42
CA SER F 186 28.17 6.44 -9.87
C SER F 186 27.63 7.83 -10.24
N ARG F 187 27.46 8.08 -11.53
CA ARG F 187 26.96 9.37 -11.96
C ARG F 187 25.76 9.27 -12.89
N THR F 188 24.99 10.37 -12.93
CA THR F 188 23.84 10.49 -13.83
C THR F 188 24.41 11.07 -15.12
N ASP F 189 23.56 11.18 -16.15
CA ASP F 189 23.98 11.77 -17.43
C ASP F 189 24.30 13.27 -17.22
N GLY F 190 23.65 13.87 -16.22
CA GLY F 190 23.89 15.27 -15.87
C GLY F 190 24.98 15.48 -14.83
N GLY F 191 25.67 14.41 -14.45
CA GLY F 191 26.84 14.51 -13.58
C GLY F 191 26.59 14.53 -12.09
N ARG F 192 25.32 14.36 -11.69
CA ARG F 192 24.95 14.25 -10.28
C ARG F 192 25.41 12.90 -9.72
N MET F 193 25.82 12.89 -8.45
CA MET F 193 26.26 11.66 -7.80
C MET F 193 25.12 10.74 -7.39
N LEU F 194 25.34 9.44 -7.59
CA LEU F 194 24.41 8.40 -7.16
C LEU F 194 25.11 7.47 -6.21
N ILE F 195 24.48 7.22 -5.07
CA ILE F 195 25.05 6.30 -4.09
C ILE F 195 24.17 5.05 -3.98
N HIS F 196 24.79 3.89 -4.19
CA HIS F 196 24.08 2.63 -4.05
C HIS F 196 24.11 2.16 -2.60
N ILE F 197 22.94 1.81 -2.09
CA ILE F 197 22.81 1.30 -0.73
C ILE F 197 22.20 -0.09 -0.82
N GLY F 198 22.89 -1.08 -0.32
CA GLY F 198 22.34 -2.40 -0.38
C GLY F 198 21.58 -2.79 0.88
N ARG F 199 21.93 -2.20 2.02
CA ARG F 199 21.31 -2.56 3.25
C ARG F 199 20.84 -1.41 4.10
N THR F 200 19.54 -1.43 4.47
CA THR F 200 19.03 -0.45 5.44
C THR F 200 18.44 -1.29 6.56
N ALA F 201 17.88 -0.64 7.61
CA ALA F 201 17.29 -1.34 8.73
C ALA F 201 16.11 -2.24 8.32
N THR F 202 15.46 -1.90 7.21
CA THR F 202 14.23 -2.58 6.79
C THR F 202 14.36 -3.27 5.43
N LEU F 203 15.50 -3.10 4.77
CA LEU F 203 15.73 -3.66 3.43
C LEU F 203 17.12 -4.28 3.25
N VAL F 204 17.15 -5.52 2.77
CA VAL F 204 18.40 -6.24 2.49
C VAL F 204 18.26 -6.82 1.08
N SER F 205 18.89 -6.15 0.10
CA SER F 205 18.74 -6.53 -1.29
C SER F 205 20.00 -6.30 -2.14
N THR F 206 20.16 -7.16 -3.16
CA THR F 206 21.31 -7.06 -4.10
C THR F 206 20.99 -6.06 -5.20
N ALA F 207 19.69 -5.79 -5.35
CA ALA F 207 19.23 -4.77 -6.25
C ALA F 207 19.48 -3.44 -5.53
N GLY F 208 19.15 -3.41 -4.23
CA GLY F 208 19.40 -2.24 -3.39
C GLY F 208 18.65 -1.00 -3.83
N VAL F 209 19.08 0.15 -3.35
CA VAL F 209 18.42 1.41 -3.70
C VAL F 209 19.48 2.45 -4.14
N GLU F 210 19.06 3.40 -4.99
CA GLU F 210 19.95 4.48 -5.44
C GLU F 210 19.56 5.82 -4.84
N LYS F 211 20.53 6.46 -4.19
CA LYS F 211 20.33 7.79 -3.61
C LYS F 211 21.02 8.83 -4.47
N ALA F 212 20.25 9.77 -5.00
CA ALA F 212 20.80 10.84 -5.81
C ALA F 212 21.20 12.04 -4.96
N LEU F 213 22.30 12.68 -5.34
CA LEU F 213 22.74 13.91 -4.70
C LEU F 213 22.56 15.07 -5.67
N SER F 214 22.11 16.21 -5.15
CA SER F 214 21.98 17.44 -5.94
C SER F 214 23.35 17.89 -6.43
N LEU F 215 23.36 18.79 -7.43
CA LEU F 215 24.60 19.30 -8.01
C LEU F 215 25.54 19.90 -6.95
N GLY F 216 24.97 20.71 -6.05
CA GLY F 216 25.72 21.33 -4.97
C GLY F 216 26.29 20.35 -3.94
N VAL F 217 25.47 19.37 -3.53
CA VAL F 217 25.91 18.35 -2.58
C VAL F 217 27.00 17.47 -3.21
N THR F 218 26.81 17.13 -4.49
CA THR F 218 27.79 16.40 -5.29
C THR F 218 29.15 17.09 -5.24
N LYS F 219 29.15 18.40 -5.49
CA LYS F 219 30.34 19.23 -5.46
C LYS F 219 31.09 19.14 -4.13
N LEU F 220 30.34 19.15 -3.03
CA LEU F 220 30.90 18.99 -1.69
C LEU F 220 31.60 17.64 -1.49
N VAL F 221 31.00 16.58 -2.00
CA VAL F 221 31.54 15.23 -1.89
C VAL F 221 32.77 15.06 -2.79
N GLU F 222 32.72 15.62 -3.99
CA GLU F 222 33.86 15.64 -4.91
C GLU F 222 35.09 16.30 -4.29
N ARG F 223 34.89 17.39 -3.56
CA ARG F 223 35.98 18.08 -2.91
C ARG F 223 36.59 17.21 -1.81
N TRP F 224 35.72 16.48 -1.10
CA TRP F 224 36.17 15.58 -0.05
C TRP F 224 36.99 14.42 -0.60
N ILE F 225 36.54 13.86 -1.73
CA ILE F 225 37.22 12.74 -2.36
C ILE F 225 38.64 13.10 -2.79
N SER F 226 38.81 14.25 -3.43
CA SER F 226 40.13 14.68 -3.92
C SER F 226 41.10 15.02 -2.78
N VAL F 227 40.58 15.65 -1.72
CA VAL F 227 41.41 16.09 -0.59
C VAL F 227 41.82 14.92 0.33
N SER F 228 41.02 13.86 0.34
CA SER F 228 41.24 12.74 1.26
C SER F 228 42.07 11.60 0.68
N GLY F 229 41.88 11.34 -0.62
CA GLY F 229 42.50 10.20 -1.28
C GLY F 229 41.72 8.90 -1.14
N VAL F 230 40.41 9.00 -0.92
CA VAL F 230 39.57 7.79 -0.75
C VAL F 230 39.42 6.98 -2.03
N ALA F 231 39.49 7.65 -3.17
CA ALA F 231 39.29 7.00 -4.47
C ALA F 231 40.49 6.15 -4.94
N ASP F 232 41.60 6.19 -4.19
CA ASP F 232 42.79 5.39 -4.48
C ASP F 232 42.56 3.87 -4.35
N ASP F 233 41.52 3.49 -3.62
CA ASP F 233 41.04 2.11 -3.57
C ASP F 233 39.51 2.12 -3.57
N PRO F 234 38.88 1.52 -4.60
CA PRO F 234 37.42 1.42 -4.72
C PRO F 234 36.74 0.77 -3.50
N ASN F 235 37.49 0.02 -2.71
CA ASN F 235 36.94 -0.64 -1.52
C ASN F 235 36.95 0.21 -0.24
N ASN F 236 37.69 1.32 -0.31
CA ASN F 236 37.75 2.25 0.79
C ASN F 236 36.35 2.81 1.11
N TYR F 237 36.08 2.99 2.40
CA TYR F 237 34.82 3.63 2.79
C TYR F 237 34.93 5.09 2.40
N LEU F 238 33.82 5.69 1.97
CA LEU F 238 33.82 7.09 1.57
C LEU F 238 34.28 8.01 2.70
N PHE F 239 33.78 7.75 3.90
CA PHE F 239 34.14 8.57 5.06
C PHE F 239 35.13 7.87 5.98
N CYS F 240 36.11 8.65 6.43
CA CYS F 240 37.18 8.14 7.28
C CYS F 240 37.59 9.18 8.31
N ARG F 241 38.42 8.76 9.26
CA ARG F 241 38.92 9.67 10.28
C ARG F 241 39.97 10.63 9.70
N VAL F 242 40.02 11.82 10.28
CA VAL F 242 40.98 12.84 9.92
C VAL F 242 41.74 13.18 11.19
N ARG F 243 43.06 12.99 11.18
CA ARG F 243 43.85 13.22 12.38
C ARG F 243 44.19 14.69 12.56
N LYS F 244 44.72 15.05 13.73
CA LYS F 244 44.97 16.45 14.09
C LYS F 244 45.81 17.23 13.08
N ASN F 245 46.70 16.56 12.37
CA ASN F 245 47.53 17.22 11.36
C ASN F 245 46.81 17.41 10.02
N GLY F 246 45.49 17.19 10.03
CA GLY F 246 44.63 17.46 8.87
C GLY F 246 44.76 16.47 7.72
N VAL F 247 45.32 15.30 8.00
CA VAL F 247 45.50 14.27 6.99
C VAL F 247 44.45 13.17 7.17
N ALA F 248 43.77 12.83 6.08
CA ALA F 248 42.75 11.80 6.11
C ALA F 248 43.40 10.42 6.02
N ALA F 249 42.85 9.46 6.75
CA ALA F 249 43.35 8.09 6.75
C ALA F 249 42.31 7.11 6.19
N PRO F 250 42.26 6.95 4.85
CA PRO F 250 41.26 6.06 4.24
C PRO F 250 41.51 4.59 4.53
N SER F 251 40.43 3.81 4.64
CA SER F 251 40.50 2.41 5.02
C SER F 251 39.45 1.59 4.31
N ALA F 252 39.79 0.35 3.98
CA ALA F 252 38.84 -0.58 3.37
C ALA F 252 38.26 -1.52 4.42
N THR F 253 38.77 -1.44 5.64
CA THR F 253 38.38 -2.37 6.69
C THR F 253 37.73 -1.69 7.90
N SER F 254 38.10 -0.43 8.15
CA SER F 254 37.59 0.29 9.29
C SER F 254 36.66 1.44 8.93
N GLN F 255 35.41 1.36 9.37
CA GLN F 255 34.42 2.40 9.13
C GLN F 255 34.61 3.52 10.11
N LEU F 256 34.14 4.69 9.74
CA LEU F 256 34.09 5.83 10.66
C LEU F 256 32.88 5.48 11.53
N SER F 257 33.06 5.49 12.85
CA SER F 257 32.04 5.07 13.79
C SER F 257 30.78 5.96 13.75
N THR F 258 29.64 5.36 14.10
CA THR F 258 28.39 6.11 14.23
C THR F 258 28.53 7.17 15.31
N ARG F 259 29.31 6.86 16.35
CA ARG F 259 29.58 7.80 17.41
C ARG F 259 30.26 9.06 16.89
N ALA F 260 31.25 8.89 16.01
CA ALA F 260 31.96 10.00 15.39
C ALA F 260 31.02 10.82 14.52
N LEU F 261 30.07 10.14 13.85
CA LEU F 261 29.12 10.83 12.97
C LEU F 261 28.13 11.65 13.79
N GLU F 262 27.74 11.11 14.97
CA GLU F 262 26.87 11.79 15.91
C GLU F 262 27.65 13.04 16.38
N GLY F 263 28.95 12.86 16.62
CA GLY F 263 29.84 13.92 17.04
C GLY F 263 29.92 15.08 16.08
N ILE F 264 29.92 14.79 14.78
CA ILE F 264 29.92 15.82 13.74
C ILE F 264 28.66 16.68 13.83
N PHE F 265 27.49 16.04 13.91
CA PHE F 265 26.24 16.74 14.13
C PHE F 265 26.31 17.65 15.35
N GLU F 266 26.84 17.11 16.46
CA GLU F 266 26.94 17.88 17.70
C GLU F 266 27.91 19.05 17.59
N ALA F 267 29.11 18.79 17.06
CA ALA F 267 30.12 19.82 16.86
C ALA F 267 29.59 20.96 15.99
N THR F 268 28.83 20.61 14.96
CA THR F 268 28.21 21.59 14.06
C THR F 268 27.12 22.39 14.79
N HIS F 269 26.42 21.77 15.72
CA HIS F 269 25.45 22.48 16.54
C HIS F 269 26.16 23.44 17.50
N ARG F 270 27.29 22.99 18.04
CA ARG F 270 28.11 23.78 18.95
C ARG F 270 28.68 25.00 18.21
N LEU F 271 29.07 24.78 16.96
CA LEU F 271 29.61 25.82 16.09
C LEU F 271 28.68 27.03 15.94
N ILE F 272 27.38 26.80 15.99
CA ILE F 272 26.40 27.85 15.71
C ILE F 272 25.66 28.33 16.96
N TYR F 273 25.38 27.41 17.89
CA TYR F 273 24.51 27.72 19.03
C TYR F 273 25.21 27.63 20.38
N GLY F 274 26.44 27.12 20.39
CA GLY F 274 27.24 27.08 21.61
C GLY F 274 27.06 25.79 22.40
N ALA F 275 27.33 25.89 23.70
CA ALA F 275 27.27 24.72 24.58
C ALA F 275 25.84 24.21 24.74
N LYS F 276 25.72 22.94 25.15
CA LYS F 276 24.44 22.33 25.44
C LYS F 276 23.86 22.88 26.72
N ASP F 277 22.53 22.98 26.75
CA ASP F 277 21.79 23.28 27.97
C ASP F 277 22.14 22.26 29.05
N ASP F 278 22.03 22.66 30.31
CA ASP F 278 22.50 21.84 31.44
C ASP F 278 21.53 20.74 31.90
N SER F 279 20.31 20.74 31.38
CA SER F 279 19.25 19.81 31.80
C SER F 279 19.63 18.32 31.81
N GLY F 280 20.47 17.87 30.87
CA GLY F 280 20.81 16.46 30.85
C GLY F 280 19.84 15.69 29.93
N GLN F 281 18.83 16.38 29.42
CA GLN F 281 17.86 15.80 28.49
C GLN F 281 18.55 15.43 27.20
N ARG F 282 17.92 14.55 26.43
CA ARG F 282 18.43 14.18 25.12
C ARG F 282 17.95 15.22 24.10
N TYR F 283 18.60 15.23 22.93
CA TYR F 283 18.18 16.04 21.78
C TYR F 283 18.26 17.57 22.00
N LEU F 284 19.23 18.01 22.79
CA LEU F 284 19.45 19.44 23.00
C LEU F 284 20.29 20.05 21.88
N ALA F 285 21.13 19.20 21.29
CA ALA F 285 21.87 19.53 20.08
C ALA F 285 21.46 18.57 18.97
N TRP F 286 21.94 18.80 17.75
CA TRP F 286 21.69 17.89 16.65
C TRP F 286 22.35 16.53 16.92
N SER F 287 21.75 15.48 16.37
CA SER F 287 22.30 14.13 16.47
C SER F 287 22.05 13.36 15.18
N GLY F 288 22.40 12.06 15.19
CA GLY F 288 22.33 11.22 13.99
C GLY F 288 21.03 11.23 13.23
N HIS F 289 19.92 11.44 13.93
CA HIS F 289 18.60 11.38 13.31
C HIS F 289 18.08 12.73 12.79
N SER F 290 18.77 13.81 13.17
CA SER F 290 18.33 15.18 12.91
C SER F 290 18.03 15.52 11.45
N ALA F 291 18.94 15.15 10.56
CA ALA F 291 18.81 15.48 9.14
C ALA F 291 17.68 14.68 8.48
N ARG F 292 17.42 13.48 8.99
CA ARG F 292 16.33 12.66 8.47
C ARG F 292 14.97 13.32 8.73
N VAL F 293 14.77 13.82 9.96
CA VAL F 293 13.52 14.48 10.34
C VAL F 293 13.38 15.86 9.68
N GLY F 294 14.48 16.62 9.67
CA GLY F 294 14.53 17.93 9.03
C GLY F 294 14.14 17.87 7.55
N ALA F 295 14.68 16.88 6.83
CA ALA F 295 14.38 16.73 5.42
C ALA F 295 12.93 16.33 5.20
N ALA F 296 12.40 15.50 6.08
CA ALA F 296 11.02 15.06 5.99
C ALA F 296 10.04 16.21 6.25
N ARG F 297 10.36 17.02 7.25
CA ARG F 297 9.58 18.23 7.56
C ARG F 297 9.58 19.23 6.41
N ASP F 298 10.76 19.48 5.84
CA ASP F 298 10.89 20.40 4.71
C ASP F 298 10.07 19.94 3.51
N MET F 299 10.01 18.62 3.33
CA MET F 299 9.21 18.02 2.28
C MET F 299 7.71 18.18 2.51
N ALA F 300 7.27 17.92 3.74
CA ALA F 300 5.87 18.10 4.12
C ALA F 300 5.43 19.55 3.89
N ARG F 301 6.26 20.49 4.35
CA ARG F 301 5.99 21.94 4.25
C ARG F 301 5.95 22.44 2.82
N ALA F 302 6.82 21.90 1.97
CA ALA F 302 6.88 22.28 0.55
C ALA F 302 5.74 21.65 -0.26
N GLY F 303 4.93 20.82 0.38
CA GLY F 303 3.77 20.20 -0.27
C GLY F 303 4.11 19.01 -1.15
N VAL F 304 5.26 18.39 -0.87
CA VAL F 304 5.69 17.18 -1.56
C VAL F 304 4.71 16.04 -1.27
N SER F 305 4.23 15.39 -2.33
CA SER F 305 3.27 14.29 -2.22
C SER F 305 3.85 13.12 -1.43
N ILE F 306 2.98 12.40 -0.73
CA ILE F 306 3.35 11.25 0.10
C ILE F 306 4.19 10.18 -0.62
N PRO F 307 3.76 9.73 -1.82
CA PRO F 307 4.57 8.77 -2.57
C PRO F 307 6.03 9.20 -2.77
N GLU F 308 6.26 10.49 -3.01
CA GLU F 308 7.62 11.01 -3.18
C GLU F 308 8.38 11.13 -1.86
N ILE F 309 7.67 11.49 -0.80
CA ILE F 309 8.26 11.54 0.54
C ILE F 309 8.83 10.16 0.92
N MET F 310 8.00 9.13 0.74
CA MET F 310 8.39 7.78 1.09
C MET F 310 9.47 7.20 0.17
N GLN F 311 9.44 7.59 -1.10
CA GLN F 311 10.50 7.21 -2.04
C GLN F 311 11.84 7.75 -1.55
N ALA F 312 11.83 8.99 -1.07
CA ALA F 312 13.03 9.67 -0.60
C ALA F 312 13.56 9.08 0.71
N GLY F 313 12.64 8.67 1.57
CA GLY F 313 12.99 8.09 2.86
C GLY F 313 13.18 6.59 2.81
N GLY F 314 12.74 5.98 1.71
CA GLY F 314 12.81 4.53 1.52
C GLY F 314 11.80 3.77 2.36
N TRP F 315 10.64 4.38 2.59
CA TRP F 315 9.61 3.80 3.44
C TRP F 315 8.49 3.15 2.62
N THR F 316 7.97 2.04 3.13
CA THR F 316 6.92 1.29 2.44
C THR F 316 5.51 1.61 2.95
N ASN F 317 5.43 2.09 4.19
CA ASN F 317 4.14 2.37 4.82
C ASN F 317 3.99 3.83 5.26
N VAL F 318 2.79 4.37 5.03
CA VAL F 318 2.50 5.80 5.20
C VAL F 318 2.43 6.30 6.64
N ASN F 319 2.39 5.39 7.60
CA ASN F 319 2.28 5.75 9.02
C ASN F 319 3.52 6.45 9.57
N ILE F 320 4.67 6.17 8.97
CA ILE F 320 5.94 6.71 9.42
C ILE F 320 6.10 8.21 9.13
N VAL F 321 5.39 8.71 8.11
CA VAL F 321 5.40 10.14 7.77
C VAL F 321 4.86 10.95 8.95
N MET F 322 3.83 10.43 9.59
CA MET F 322 3.24 11.07 10.78
C MET F 322 4.16 11.03 11.99
N ASN F 323 4.99 9.99 12.08
CA ASN F 323 6.03 9.90 13.11
C ASN F 323 7.05 11.03 12.97
N TYR F 324 7.43 11.33 11.73
CA TYR F 324 8.51 12.27 11.44
C TYR F 324 8.10 13.72 11.62
N ILE F 325 6.86 14.05 11.26
CA ILE F 325 6.40 15.43 11.20
C ILE F 325 5.54 15.84 12.40
N ARG F 326 5.42 14.94 13.38
CA ARG F 326 4.57 15.15 14.56
C ARG F 326 4.88 16.44 15.33
N ASN F 327 6.14 16.84 15.37
CA ASN F 327 6.53 18.05 16.09
C ASN F 327 6.71 19.28 15.20
N LEU F 328 5.91 19.38 14.13
CA LEU F 328 5.85 20.59 13.33
C LEU F 328 5.48 21.78 14.21
N ASP F 329 6.19 22.88 14.01
CA ASP F 329 6.00 24.10 14.80
C ASP F 329 4.56 24.58 14.70
N SER F 330 3.84 24.57 15.83
CA SER F 330 2.43 24.93 15.84
C SER F 330 2.19 26.44 15.71
N GLU F 331 3.12 27.25 16.20
CA GLU F 331 3.01 28.71 16.08
C GLU F 331 3.05 29.21 14.62
N THR F 332 3.73 28.46 13.77
CA THR F 332 3.73 28.71 12.33
C THR F 332 2.80 27.70 11.64
N GLY F 333 2.11 26.89 12.44
CA GLY F 333 1.19 25.88 11.93
C GLY F 333 0.02 26.45 11.16
N ALA F 334 -0.73 25.56 10.50
CA ALA F 334 -1.84 25.96 9.65
C ALA F 334 -2.91 26.75 10.40
N MET F 335 -3.20 26.34 11.63
CA MET F 335 -4.31 26.93 12.40
C MET F 335 -4.07 28.37 12.81
N VAL F 336 -2.89 28.66 13.34
CA VAL F 336 -2.52 30.03 13.71
C VAL F 336 -2.53 30.94 12.47
N ARG F 337 -2.01 30.44 11.36
CA ARG F 337 -1.94 31.21 10.13
C ARG F 337 -3.33 31.50 9.54
N LEU F 338 -4.22 30.51 9.61
CA LEU F 338 -5.61 30.67 9.14
C LEU F 338 -6.43 31.64 10.00
N LEU F 339 -6.29 31.54 11.32
CA LEU F 339 -7.04 32.41 12.23
C LEU F 339 -6.58 33.88 12.15
N GLU F 340 -5.30 34.10 11.90
CA GLU F 340 -4.77 35.46 11.82
C GLU F 340 -4.94 36.08 10.43
N ASP F 341 -5.67 35.35 9.57
CA ASP F 341 -6.33 35.83 8.35
C ASP F 341 -6.10 37.30 8.00
N SER G 20 4.59 -42.34 1.72
CA SER G 20 5.52 -43.36 1.17
C SER G 20 5.08 -43.81 -0.22
N ASP G 21 3.81 -44.20 -0.33
CA ASP G 21 3.19 -44.49 -1.61
C ASP G 21 2.37 -43.30 -2.07
N GLU G 22 1.97 -42.47 -1.11
CA GLU G 22 1.33 -41.19 -1.38
C GLU G 22 2.28 -40.24 -2.09
N VAL G 23 3.57 -40.33 -1.74
CA VAL G 23 4.58 -39.51 -2.39
C VAL G 23 4.87 -40.00 -3.82
N ARG G 24 4.79 -41.31 -4.03
CA ARG G 24 4.99 -41.91 -5.36
C ARG G 24 3.80 -41.64 -6.29
N LYS G 25 2.61 -41.53 -5.71
CA LYS G 25 1.40 -41.21 -6.45
C LYS G 25 1.41 -39.74 -6.90
N ASN G 26 1.87 -38.86 -6.01
CA ASN G 26 2.00 -37.44 -6.29
C ASN G 26 2.97 -37.14 -7.43
N LEU G 27 4.10 -37.86 -7.45
CA LEU G 27 5.11 -37.69 -8.50
C LEU G 27 4.62 -38.15 -9.86
N MET G 28 3.80 -39.20 -9.87
CA MET G 28 3.22 -39.69 -11.11
C MET G 28 2.14 -38.74 -11.64
N ASP G 29 1.44 -38.07 -10.72
CA ASP G 29 0.55 -36.97 -11.07
C ASP G 29 1.33 -35.82 -11.68
N MET G 30 2.54 -35.60 -11.18
CA MET G 30 3.45 -34.57 -11.70
C MET G 30 3.89 -34.86 -13.13
N PHE G 31 4.19 -36.13 -13.41
CA PHE G 31 4.61 -36.53 -14.75
C PHE G 31 3.45 -36.46 -15.75
N ARG G 32 2.31 -37.04 -15.38
CA ARG G 32 1.13 -37.07 -16.23
C ARG G 32 0.74 -35.68 -16.72
N ASP G 33 0.81 -34.70 -15.82
CA ASP G 33 0.49 -33.31 -16.14
C ASP G 33 1.74 -32.44 -16.11
N ARG G 34 2.80 -32.87 -16.80
CA ARG G 34 4.06 -32.13 -16.82
C ARG G 34 3.93 -30.78 -17.53
N GLN G 35 3.00 -30.69 -18.48
CA GLN G 35 2.73 -29.45 -19.20
C GLN G 35 2.10 -28.37 -18.32
N ALA G 36 1.90 -28.67 -17.04
CA ALA G 36 1.44 -27.70 -16.06
C ALA G 36 2.50 -26.63 -15.80
N PHE G 37 3.75 -26.98 -16.00
CA PHE G 37 4.87 -26.06 -15.85
C PHE G 37 5.61 -25.90 -17.16
N SER G 38 6.26 -24.75 -17.31
CA SER G 38 7.12 -24.47 -18.45
C SER G 38 8.25 -25.48 -18.52
N GLU G 39 8.74 -25.74 -19.72
CA GLU G 39 9.87 -26.63 -19.90
C GLU G 39 11.18 -25.98 -19.42
N HIS G 40 11.16 -24.65 -19.29
CA HIS G 40 12.25 -23.92 -18.64
C HIS G 40 12.31 -24.22 -17.15
N THR G 41 11.14 -24.28 -16.52
CA THR G 41 10.99 -24.66 -15.11
C THR G 41 11.50 -26.09 -14.89
N TRP G 42 11.15 -26.99 -15.81
CA TRP G 42 11.59 -28.38 -15.75
C TRP G 42 13.10 -28.52 -15.86
N LYS G 43 13.68 -27.87 -16.85
CA LYS G 43 15.13 -27.90 -17.06
C LYS G 43 15.93 -27.41 -15.85
N MET G 44 15.42 -26.36 -15.20
CA MET G 44 16.04 -25.84 -14.00
C MET G 44 15.89 -26.76 -12.79
N LEU G 45 14.71 -27.39 -12.66
CA LEU G 45 14.43 -28.32 -11.57
C LEU G 45 15.39 -29.52 -11.61
N LEU G 46 15.63 -30.05 -12.81
CA LEU G 46 16.55 -31.17 -12.99
C LEU G 46 17.97 -30.75 -12.65
N SER G 47 18.33 -29.55 -13.12
CA SER G 47 19.65 -28.97 -12.88
C SER G 47 19.94 -28.84 -11.39
N VAL G 48 19.00 -28.26 -10.65
CA VAL G 48 19.12 -28.12 -9.19
C VAL G 48 19.14 -29.49 -8.50
N CYS G 49 18.31 -30.42 -8.98
CA CYS G 49 18.29 -31.78 -8.45
C CYS G 49 19.61 -32.51 -8.60
N ARG G 50 20.25 -32.33 -9.76
CA ARG G 50 21.55 -32.93 -10.04
C ARG G 50 22.63 -32.35 -9.11
N SER G 51 22.66 -31.03 -8.98
CA SER G 51 23.57 -30.35 -8.06
C SER G 51 23.37 -30.81 -6.62
N TRP G 52 22.11 -30.81 -6.19
CA TRP G 52 21.73 -31.20 -4.83
C TRP G 52 22.04 -32.68 -4.55
N ALA G 53 21.70 -33.56 -5.48
CA ALA G 53 21.98 -34.98 -5.33
C ALA G 53 23.47 -35.29 -5.34
N ALA G 54 24.22 -34.56 -6.17
CA ALA G 54 25.67 -34.76 -6.27
C ALA G 54 26.37 -34.33 -4.99
N TRP G 55 25.92 -33.21 -4.43
CA TRP G 55 26.39 -32.75 -3.13
C TRP G 55 26.00 -33.73 -2.01
N CYS G 56 24.79 -34.27 -2.07
CA CYS G 56 24.31 -35.21 -1.05
C CYS G 56 25.08 -36.52 -1.08
N LYS G 57 25.33 -37.03 -2.28
CA LYS G 57 26.07 -38.26 -2.47
C LYS G 57 27.51 -38.10 -2.00
N LEU G 58 28.09 -36.94 -2.26
CA LEU G 58 29.45 -36.61 -1.81
C LEU G 58 29.54 -36.46 -0.30
N ASN G 59 28.53 -35.84 0.31
CA ASN G 59 28.55 -35.54 1.75
C ASN G 59 27.85 -36.57 2.65
N ASN G 60 27.41 -37.68 2.06
CA ASN G 60 26.73 -38.77 2.78
C ASN G 60 25.42 -38.32 3.44
N ARG G 61 24.54 -37.74 2.63
CA ARG G 61 23.25 -37.26 3.12
C ARG G 61 22.15 -37.80 2.23
N LYS G 62 20.98 -38.06 2.81
CA LYS G 62 19.83 -38.51 2.00
C LYS G 62 19.22 -37.32 1.27
N TRP G 63 19.08 -37.47 -0.06
CA TRP G 63 18.67 -36.34 -0.90
C TRP G 63 17.14 -36.15 -0.96
N PHE G 64 16.39 -37.18 -0.60
CA PHE G 64 14.93 -37.13 -0.69
C PHE G 64 14.23 -38.07 0.29
N PRO G 65 13.43 -37.51 1.24
CA PRO G 65 13.18 -36.08 1.46
C PRO G 65 14.41 -35.35 1.95
N ALA G 66 14.44 -34.03 1.74
CA ALA G 66 15.57 -33.21 2.14
C ALA G 66 15.38 -32.71 3.57
N GLU G 67 16.38 -32.94 4.41
CA GLU G 67 16.33 -32.51 5.80
C GLU G 67 16.90 -31.11 5.99
N PRO G 68 16.26 -30.30 6.86
CA PRO G 68 16.64 -28.91 7.17
C PRO G 68 18.15 -28.69 7.33
N GLU G 69 18.78 -29.52 8.15
CA GLU G 69 20.21 -29.43 8.47
C GLU G 69 21.09 -29.64 7.23
N ASP G 70 20.69 -30.60 6.40
CA ASP G 70 21.40 -30.89 5.17
C ASP G 70 21.21 -29.81 4.11
N VAL G 71 19.99 -29.29 4.01
CA VAL G 71 19.70 -28.18 3.10
C VAL G 71 20.53 -26.95 3.48
N ARG G 72 20.57 -26.64 4.77
CA ARG G 72 21.35 -25.51 5.27
C ARG G 72 22.82 -25.57 4.81
N ASP G 73 23.47 -26.71 5.08
CA ASP G 73 24.87 -26.93 4.69
C ASP G 73 25.08 -26.78 3.19
N TYR G 74 24.11 -27.23 2.40
CA TYR G 74 24.17 -27.12 0.95
C TYR G 74 24.09 -25.66 0.49
N LEU G 75 23.29 -24.86 1.20
CA LEU G 75 23.15 -23.45 0.87
C LEU G 75 24.45 -22.69 1.16
N LEU G 76 25.08 -23.02 2.28
CA LEU G 76 26.39 -22.47 2.63
C LEU G 76 27.44 -22.82 1.60
N TYR G 77 27.32 -24.01 1.02
CA TYR G 77 28.20 -24.47 -0.05
C TYR G 77 28.02 -23.62 -1.30
N LEU G 78 26.78 -23.39 -1.71
CA LEU G 78 26.46 -22.58 -2.88
C LEU G 78 27.00 -21.16 -2.70
N GLN G 79 26.95 -20.65 -1.47
CA GLN G 79 27.46 -19.34 -1.13
C GLN G 79 28.98 -19.31 -1.28
N ALA G 80 29.65 -20.31 -0.71
CA ALA G 80 31.10 -20.42 -0.78
C ALA G 80 31.58 -20.62 -2.21
N ARG G 81 30.71 -21.21 -3.04
CA ARG G 81 31.00 -21.42 -4.44
C ARG G 81 31.04 -20.08 -5.17
N GLY G 82 30.34 -19.09 -4.60
CA GLY G 82 30.36 -17.75 -5.15
C GLY G 82 29.09 -17.41 -5.95
N LEU G 83 28.05 -18.21 -5.79
CA LEU G 83 26.79 -18.00 -6.50
C LEU G 83 26.04 -16.79 -5.94
N ALA G 84 25.33 -16.10 -6.81
CA ALA G 84 24.50 -14.97 -6.40
C ALA G 84 23.38 -15.41 -5.46
N VAL G 85 22.89 -14.47 -4.66
CA VAL G 85 21.75 -14.69 -3.77
C VAL G 85 20.52 -15.20 -4.51
N LYS G 86 20.23 -14.62 -5.68
CA LYS G 86 19.10 -15.07 -6.49
C LYS G 86 19.26 -16.51 -6.98
N THR G 87 20.49 -16.85 -7.38
CA THR G 87 20.81 -18.23 -7.76
C THR G 87 20.53 -19.17 -6.58
N ILE G 88 20.96 -18.79 -5.38
CA ILE G 88 20.73 -19.58 -4.17
C ILE G 88 19.24 -19.72 -3.83
N GLN G 89 18.47 -18.64 -3.98
CA GLN G 89 17.01 -18.65 -3.84
C GLN G 89 16.37 -19.59 -4.86
N GLN G 90 16.83 -19.50 -6.10
CA GLN G 90 16.34 -20.36 -7.17
C GLN G 90 16.47 -21.85 -6.81
N HIS G 91 17.64 -22.24 -6.31
CA HIS G 91 17.89 -23.60 -5.86
C HIS G 91 16.94 -24.00 -4.75
N LEU G 92 16.80 -23.12 -3.75
CA LEU G 92 15.88 -23.33 -2.64
C LEU G 92 14.44 -23.51 -3.12
N GLY G 93 14.00 -22.61 -3.98
CA GLY G 93 12.64 -22.63 -4.53
C GLY G 93 12.33 -23.96 -5.21
N GLN G 94 13.30 -24.48 -5.96
CA GLN G 94 13.13 -25.76 -6.65
C GLN G 94 12.92 -26.90 -5.67
N LEU G 95 13.68 -26.88 -4.56
CA LEU G 95 13.59 -27.91 -3.52
C LEU G 95 12.23 -27.79 -2.84
N ASN G 96 11.77 -26.55 -2.64
CA ASN G 96 10.44 -26.31 -2.08
C ASN G 96 9.34 -26.88 -2.95
N MET G 97 9.44 -26.61 -4.26
CA MET G 97 8.45 -27.05 -5.23
C MET G 97 8.34 -28.57 -5.22
N LEU G 98 9.49 -29.23 -5.42
CA LEU G 98 9.57 -30.68 -5.46
C LEU G 98 8.93 -31.34 -4.23
N HIS G 99 9.21 -30.78 -3.06
CA HIS G 99 8.67 -31.31 -1.80
C HIS G 99 7.17 -31.08 -1.61
N ARG G 100 6.72 -29.86 -1.88
CA ARG G 100 5.30 -29.51 -1.76
C ARG G 100 4.43 -30.39 -2.67
N ARG G 101 4.84 -30.52 -3.93
CA ARG G 101 4.16 -31.38 -4.90
C ARG G 101 4.22 -32.84 -4.49
N SER G 102 5.29 -33.24 -3.80
CA SER G 102 5.40 -34.59 -3.25
C SER G 102 4.50 -34.78 -2.03
N GLY G 103 3.99 -33.67 -1.48
CA GLY G 103 3.21 -33.72 -0.25
C GLY G 103 4.10 -33.87 0.96
N LEU G 104 5.35 -33.45 0.83
CA LEU G 104 6.32 -33.47 1.92
C LEU G 104 6.55 -32.04 2.43
N PRO G 105 6.96 -31.90 3.71
CA PRO G 105 7.22 -30.56 4.24
C PRO G 105 8.40 -29.87 3.54
N ARG G 106 8.27 -28.57 3.30
CA ARG G 106 9.29 -27.79 2.57
C ARG G 106 10.51 -27.49 3.42
N PRO G 107 11.71 -27.52 2.80
CA PRO G 107 12.96 -27.06 3.44
C PRO G 107 12.86 -25.65 4.04
N SER G 108 12.27 -24.71 3.30
CA SER G 108 12.11 -23.32 3.74
C SER G 108 11.34 -23.12 5.03
N ASP G 109 10.41 -24.03 5.31
CA ASP G 109 9.56 -23.91 6.50
C ASP G 109 10.27 -24.28 7.81
N SER G 110 11.56 -24.59 7.73
CA SER G 110 12.35 -24.95 8.91
C SER G 110 13.10 -23.76 9.49
N ASN G 111 13.43 -23.84 10.78
CA ASN G 111 14.23 -22.84 11.47
C ASN G 111 15.59 -22.65 10.82
N ALA G 112 16.30 -23.77 10.62
CA ALA G 112 17.67 -23.77 10.10
C ALA G 112 17.83 -23.11 8.73
N VAL G 113 16.86 -23.33 7.83
CA VAL G 113 16.93 -22.78 6.48
C VAL G 113 16.56 -21.29 6.44
N SER G 114 15.54 -20.92 7.22
CA SER G 114 15.13 -19.51 7.34
C SER G 114 16.28 -18.66 7.85
N LEU G 115 17.02 -19.19 8.82
CA LEU G 115 18.14 -18.46 9.42
C LEU G 115 19.37 -18.32 8.50
N VAL G 116 19.72 -19.34 7.73
CA VAL G 116 20.86 -19.19 6.79
C VAL G 116 20.57 -18.25 5.64
N MET G 117 19.34 -18.27 5.13
CA MET G 117 18.97 -17.36 4.05
C MET G 117 19.14 -15.90 4.44
N ARG G 118 18.65 -15.54 5.63
CA ARG G 118 18.87 -14.21 6.19
C ARG G 118 20.36 -13.91 6.31
N ARG G 119 21.10 -14.87 6.85
CA ARG G 119 22.54 -14.75 6.99
C ARG G 119 23.25 -14.60 5.64
N ILE G 120 22.93 -15.46 4.68
CA ILE G 120 23.57 -15.43 3.36
C ILE G 120 23.29 -14.11 2.63
N ARG G 121 22.03 -13.67 2.65
CA ARG G 121 21.65 -12.41 2.00
C ARG G 121 22.39 -11.21 2.58
N LYS G 122 22.49 -11.16 3.90
CA LYS G 122 23.14 -10.06 4.60
C LYS G 122 24.66 -10.04 4.34
N GLU G 123 25.28 -11.22 4.37
CA GLU G 123 26.72 -11.35 4.12
C GLU G 123 27.11 -10.98 2.69
N ASN G 124 26.34 -11.50 1.72
CA ASN G 124 26.60 -11.23 0.30
C ASN G 124 26.42 -9.76 -0.09
N VAL G 125 25.35 -9.15 0.39
CA VAL G 125 25.10 -7.72 0.21
C VAL G 125 26.25 -6.90 0.80
N ASP G 126 26.60 -7.17 2.07
CA ASP G 126 27.71 -6.48 2.72
C ASP G 126 29.05 -6.73 2.04
N ALA G 127 29.26 -7.94 1.50
CA ALA G 127 30.45 -8.25 0.73
C ALA G 127 30.43 -7.58 -0.66
N GLY G 128 29.36 -6.85 -0.96
CA GLY G 128 29.28 -6.01 -2.16
C GLY G 128 28.63 -6.60 -3.40
N GLU G 129 27.96 -7.75 -3.26
CA GLU G 129 27.28 -8.40 -4.38
C GLU G 129 26.16 -7.51 -4.96
N ARG G 130 26.12 -7.42 -6.28
CA ARG G 130 25.16 -6.57 -6.97
C ARG G 130 24.39 -7.30 -8.06
N ALA G 131 23.07 -7.11 -8.08
CA ALA G 131 22.24 -7.68 -9.12
C ALA G 131 22.50 -6.84 -10.38
N LYS G 132 22.91 -7.53 -11.45
CA LYS G 132 23.18 -6.89 -12.72
C LYS G 132 21.90 -6.79 -13.56
N GLN G 133 21.98 -5.99 -14.63
CA GLN G 133 20.90 -5.89 -15.59
C GLN G 133 21.49 -5.58 -16.96
N ALA G 134 20.76 -5.92 -18.02
CA ALA G 134 21.24 -5.72 -19.39
C ALA G 134 21.71 -4.30 -19.64
N LEU G 135 22.87 -4.19 -20.26
CA LEU G 135 23.40 -2.93 -20.77
C LEU G 135 22.39 -2.35 -21.77
N ALA G 136 21.97 -1.10 -21.52
CA ALA G 136 20.90 -0.47 -22.29
C ALA G 136 21.22 -0.24 -23.77
N PHE G 137 20.25 -0.55 -24.63
CA PHE G 137 20.31 -0.23 -26.05
C PHE G 137 19.29 0.86 -26.29
N GLU G 138 19.78 2.10 -26.37
CA GLU G 138 18.91 3.28 -26.40
C GLU G 138 18.83 3.87 -27.80
N ARG G 139 18.00 4.90 -27.96
CA ARG G 139 17.83 5.54 -29.26
C ARG G 139 19.17 6.00 -29.88
N THR G 140 20.02 6.63 -29.09
CA THR G 140 21.33 7.10 -29.56
C THR G 140 22.14 5.96 -30.17
N ASP G 141 22.10 4.80 -29.51
CA ASP G 141 22.74 3.58 -30.01
C ASP G 141 22.07 3.08 -31.30
N PHE G 142 20.75 3.21 -31.35
CA PHE G 142 19.96 2.74 -32.48
C PHE G 142 20.15 3.61 -33.72
N ASP G 143 20.19 4.93 -33.53
CA ASP G 143 20.48 5.87 -34.61
C ASP G 143 21.86 5.62 -35.19
N GLN G 144 22.84 5.43 -34.30
CA GLN G 144 24.23 5.14 -34.68
C GLN G 144 24.36 3.87 -35.52
N VAL G 145 23.74 2.78 -35.08
CA VAL G 145 23.70 1.51 -35.81
C VAL G 145 22.99 1.70 -37.15
N ARG G 146 21.90 2.47 -37.14
CA ARG G 146 21.14 2.76 -38.34
C ARG G 146 21.96 3.57 -39.35
N SER G 147 22.77 4.51 -38.86
CA SER G 147 23.59 5.35 -39.73
C SER G 147 24.83 4.62 -40.29
N LEU G 148 25.08 3.42 -39.78
CA LEU G 148 26.20 2.60 -40.24
C LEU G 148 25.76 1.42 -41.10
N MET G 149 24.51 1.00 -40.95
CA MET G 149 24.02 -0.22 -41.59
C MET G 149 22.79 0.00 -42.48
N GLU G 150 22.29 1.24 -42.50
CA GLU G 150 21.12 1.66 -43.28
C GLU G 150 21.22 1.22 -44.75
N ASN G 151 22.39 1.48 -45.34
CA ASN G 151 22.63 1.22 -46.75
C ASN G 151 23.40 -0.06 -47.02
N SER G 152 23.82 -0.73 -45.95
CA SER G 152 24.39 -2.07 -46.08
C SER G 152 23.35 -2.90 -46.79
N ASP G 153 23.72 -3.37 -47.97
CA ASP G 153 22.79 -4.09 -48.81
C ASP G 153 22.84 -5.59 -48.54
N ARG G 154 23.83 -6.02 -47.75
CA ARG G 154 23.94 -7.40 -47.26
C ARG G 154 22.67 -7.84 -46.52
N CYS G 155 22.25 -9.07 -46.82
CA CYS G 155 21.01 -9.64 -46.28
C CYS G 155 21.04 -9.80 -44.76
N GLN G 156 22.19 -10.22 -44.23
CA GLN G 156 22.44 -10.37 -42.80
C GLN G 156 22.14 -9.08 -42.04
N ASP G 157 22.62 -7.95 -42.58
CA ASP G 157 22.50 -6.64 -41.95
C ASP G 157 21.08 -6.09 -42.01
N ILE G 158 20.38 -6.39 -43.10
CA ILE G 158 18.99 -5.97 -43.27
C ILE G 158 18.11 -6.66 -42.23
N ARG G 159 18.32 -7.96 -42.03
CA ARG G 159 17.60 -8.72 -41.01
C ARG G 159 17.92 -8.20 -39.60
N ASN G 160 19.20 -8.10 -39.29
CA ASN G 160 19.67 -7.66 -37.98
C ASN G 160 19.13 -6.31 -37.58
N LEU G 161 19.03 -5.41 -38.54
CA LEU G 161 18.56 -4.05 -38.28
C LEU G 161 17.06 -4.02 -38.07
N ALA G 162 16.36 -4.90 -38.79
CA ALA G 162 14.92 -5.09 -38.63
C ALA G 162 14.59 -5.64 -37.25
N PHE G 163 15.41 -6.58 -36.78
CA PHE G 163 15.26 -7.16 -35.45
C PHE G 163 15.44 -6.11 -34.35
N LEU G 164 16.53 -5.34 -34.45
CA LEU G 164 16.81 -4.30 -33.47
C LEU G 164 15.68 -3.27 -33.43
N GLY G 165 15.17 -2.94 -34.62
CA GLY G 165 14.06 -1.99 -34.77
C GLY G 165 12.84 -2.46 -34.02
N ILE G 166 12.41 -3.69 -34.27
CA ILE G 166 11.27 -4.28 -33.59
C ILE G 166 11.53 -4.36 -32.08
N ALA G 167 12.69 -4.88 -31.71
CA ALA G 167 13.08 -5.04 -30.30
C ALA G 167 12.96 -3.72 -29.54
N TYR G 168 13.42 -2.63 -30.16
CA TYR G 168 13.38 -1.32 -29.53
C TYR G 168 11.99 -0.71 -29.56
N ASN G 169 11.30 -0.87 -30.68
CA ASN G 169 9.97 -0.29 -30.88
C ASN G 169 8.90 -0.95 -30.05
N THR G 170 8.89 -2.30 -30.00
CA THR G 170 7.83 -3.04 -29.33
C THR G 170 8.07 -3.46 -27.89
N LEU G 171 9.34 -3.54 -27.50
CA LEU G 171 9.75 -3.98 -26.16
C LEU G 171 9.40 -5.45 -25.93
N LEU G 172 9.10 -6.17 -27.00
CA LEU G 172 8.88 -7.60 -26.92
C LEU G 172 10.18 -8.32 -26.54
N ARG G 173 10.05 -9.38 -25.77
CA ARG G 173 11.19 -10.20 -25.37
C ARG G 173 11.64 -11.05 -26.56
N ILE G 174 12.87 -11.55 -26.50
CA ILE G 174 13.46 -12.28 -27.63
C ILE G 174 12.61 -13.48 -28.07
N ALA G 175 12.11 -14.24 -27.10
CA ALA G 175 11.27 -15.39 -27.38
C ALA G 175 9.99 -14.97 -28.11
N GLU G 176 9.42 -13.85 -27.69
CA GLU G 176 8.23 -13.30 -28.34
C GLU G 176 8.51 -12.85 -29.77
N ILE G 177 9.69 -12.26 -29.99
CA ILE G 177 10.07 -11.80 -31.33
C ILE G 177 10.30 -12.98 -32.28
N ALA G 178 10.81 -14.09 -31.73
CA ALA G 178 11.07 -15.29 -32.52
C ALA G 178 9.78 -16.01 -32.96
N ARG G 179 8.67 -15.69 -32.30
CA ARG G 179 7.38 -16.33 -32.55
C ARG G 179 6.49 -15.58 -33.53
N ILE G 180 6.87 -14.34 -33.83
CA ILE G 180 6.13 -13.53 -34.79
C ILE G 180 6.15 -14.21 -36.17
N ARG G 181 4.98 -14.32 -36.77
CA ARG G 181 4.83 -14.90 -38.11
C ARG G 181 4.36 -13.80 -39.04
N VAL G 182 4.45 -14.05 -40.35
CA VAL G 182 4.04 -13.07 -41.35
C VAL G 182 2.56 -12.67 -41.19
N LYS G 183 1.69 -13.65 -40.94
CA LYS G 183 0.26 -13.38 -40.81
C LYS G 183 -0.12 -12.55 -39.58
N ASP G 184 0.82 -12.40 -38.63
CA ASP G 184 0.62 -11.53 -37.48
C ASP G 184 0.73 -10.05 -37.86
N ILE G 185 1.31 -9.76 -39.02
CA ILE G 185 1.54 -8.39 -39.49
C ILE G 185 0.39 -7.89 -40.36
N SER G 186 0.02 -6.64 -40.17
CA SER G 186 -1.03 -5.99 -40.96
C SER G 186 -0.78 -4.48 -41.07
N ARG G 187 -1.58 -3.82 -41.91
CA ARG G 187 -1.49 -2.38 -42.14
C ARG G 187 -2.44 -1.59 -41.27
N THR G 188 -1.97 -0.44 -40.75
CA THR G 188 -2.85 0.44 -40.01
C THR G 188 -3.36 1.47 -41.00
N ASP G 189 -4.43 2.19 -40.61
CA ASP G 189 -5.01 3.25 -41.40
C ASP G 189 -3.93 4.25 -41.87
N GLY G 190 -2.94 4.48 -41.02
CA GLY G 190 -1.87 5.45 -41.30
C GLY G 190 -0.59 4.93 -41.94
N GLY G 191 -0.61 3.70 -42.46
CA GLY G 191 0.54 3.14 -43.17
C GLY G 191 1.64 2.49 -42.32
N ARG G 192 1.31 2.19 -41.07
CA ARG G 192 2.27 1.53 -40.18
C ARG G 192 1.94 0.06 -40.03
N MET G 193 2.99 -0.76 -39.87
CA MET G 193 2.83 -2.17 -39.59
C MET G 193 2.35 -2.39 -38.15
N LEU G 194 1.29 -3.18 -38.02
CA LEU G 194 0.74 -3.54 -36.73
C LEU G 194 0.96 -5.02 -36.49
N ILE G 195 1.73 -5.35 -35.45
CA ILE G 195 2.06 -6.73 -35.16
C ILE G 195 1.14 -7.29 -34.07
N HIS G 196 0.26 -8.20 -34.46
CA HIS G 196 -0.59 -8.90 -33.52
C HIS G 196 0.26 -9.89 -32.74
N ILE G 197 0.04 -9.93 -31.42
CA ILE G 197 0.76 -10.87 -30.57
C ILE G 197 0.01 -12.21 -30.56
N GLY G 198 0.58 -13.19 -31.26
CA GLY G 198 -0.06 -14.50 -31.44
C GLY G 198 -0.24 -15.24 -30.15
N ARG G 199 0.81 -15.30 -29.35
CA ARG G 199 0.78 -15.89 -28.02
C ARG G 199 1.21 -14.87 -26.97
N THR G 200 0.28 -14.53 -26.08
CA THR G 200 0.56 -13.55 -25.03
C THR G 200 1.38 -14.17 -23.89
N ALA G 201 2.03 -13.31 -23.11
CA ALA G 201 2.84 -13.73 -21.97
C ALA G 201 2.01 -14.45 -20.92
N THR G 202 0.82 -13.91 -20.65
CA THR G 202 -0.09 -14.43 -19.64
C THR G 202 -1.51 -14.42 -20.20
N LEU G 203 -2.46 -14.91 -19.43
CA LEU G 203 -3.87 -14.89 -19.84
C LEU G 203 -4.36 -13.44 -19.96
N VAL G 204 -4.04 -12.63 -18.97
CA VAL G 204 -4.33 -11.19 -19.01
C VAL G 204 -3.06 -10.46 -19.45
N SER G 205 -3.00 -10.13 -20.73
CA SER G 205 -1.80 -9.54 -21.34
C SER G 205 -1.67 -8.05 -21.08
N THR G 206 -0.77 -7.71 -20.16
CA THR G 206 -0.50 -6.32 -19.76
C THR G 206 0.06 -5.47 -20.90
N ALA G 207 0.79 -6.10 -21.80
CA ALA G 207 1.39 -5.41 -22.94
C ALA G 207 0.37 -5.16 -24.05
N GLY G 208 -0.79 -5.81 -23.95
CA GLY G 208 -1.83 -5.74 -24.95
C GLY G 208 -1.85 -6.95 -25.87
N VAL G 209 -2.38 -6.75 -27.07
CA VAL G 209 -2.47 -7.81 -28.08
C VAL G 209 -1.89 -7.32 -29.41
N GLU G 210 -1.48 -6.06 -29.43
CA GLU G 210 -1.05 -5.39 -30.66
C GLU G 210 0.17 -4.53 -30.38
N LYS G 211 1.19 -4.66 -31.22
CA LYS G 211 2.33 -3.76 -31.19
C LYS G 211 2.44 -3.01 -32.51
N ALA G 212 2.44 -1.68 -32.44
CA ALA G 212 2.56 -0.86 -33.63
C ALA G 212 4.02 -0.45 -33.86
N LEU G 213 4.43 -0.49 -35.11
CA LEU G 213 5.75 -0.03 -35.51
C LEU G 213 5.66 1.39 -36.03
N SER G 214 6.68 2.20 -35.74
CA SER G 214 6.77 3.55 -36.31
C SER G 214 6.98 3.47 -37.82
N LEU G 215 6.75 4.57 -38.52
CA LEU G 215 6.94 4.62 -39.97
C LEU G 215 8.37 4.26 -40.38
N GLY G 216 9.34 4.73 -39.60
CA GLY G 216 10.75 4.41 -39.82
C GLY G 216 11.08 2.94 -39.67
N VAL G 217 10.64 2.34 -38.57
CA VAL G 217 10.87 0.91 -38.31
C VAL G 217 10.09 0.02 -39.28
N THR G 218 8.92 0.50 -39.73
CA THR G 218 8.15 -0.19 -40.77
C THR G 218 8.99 -0.38 -42.04
N LYS G 219 9.69 0.68 -42.46
CA LYS G 219 10.59 0.60 -43.62
C LYS G 219 11.67 -0.47 -43.44
N LEU G 220 12.25 -0.53 -42.25
CA LEU G 220 13.28 -1.52 -41.93
C LEU G 220 12.76 -2.95 -42.04
N VAL G 221 11.55 -3.19 -41.54
CA VAL G 221 10.94 -4.51 -41.54
C VAL G 221 10.49 -4.92 -42.94
N GLU G 222 10.01 -3.94 -43.71
CA GLU G 222 9.62 -4.16 -45.11
C GLU G 222 10.82 -4.56 -45.97
N ARG G 223 11.94 -3.88 -45.76
CA ARG G 223 13.19 -4.20 -46.44
C ARG G 223 13.58 -5.66 -46.19
N TRP G 224 13.44 -6.11 -44.95
CA TRP G 224 13.74 -7.49 -44.61
C TRP G 224 12.75 -8.48 -45.24
N ILE G 225 11.47 -8.13 -45.25
CA ILE G 225 10.45 -9.00 -45.82
C ILE G 225 10.66 -9.21 -47.32
N SER G 226 10.87 -8.11 -48.04
CA SER G 226 11.05 -8.19 -49.50
C SER G 226 12.35 -8.88 -49.92
N VAL G 227 13.43 -8.62 -49.21
CA VAL G 227 14.75 -9.15 -49.60
C VAL G 227 14.98 -10.62 -49.21
N SER G 228 14.11 -11.17 -48.33
CA SER G 228 14.30 -12.51 -47.79
C SER G 228 13.28 -13.57 -48.19
N GLY G 229 12.11 -13.12 -48.64
CA GLY G 229 11.07 -14.01 -49.15
C GLY G 229 10.27 -14.76 -48.10
N VAL G 230 10.12 -14.16 -46.90
CA VAL G 230 9.35 -14.79 -45.82
C VAL G 230 7.84 -14.66 -46.04
N ALA G 231 7.42 -13.64 -46.78
CA ALA G 231 6.00 -13.39 -47.04
C ALA G 231 5.43 -14.23 -48.19
N ASP G 232 6.19 -15.22 -48.64
CA ASP G 232 5.71 -16.16 -49.65
C ASP G 232 4.77 -17.19 -49.02
N ASP G 233 4.86 -17.31 -47.70
CA ASP G 233 3.94 -18.11 -46.91
C ASP G 233 3.62 -17.32 -45.63
N PRO G 234 2.33 -16.98 -45.43
CA PRO G 234 1.86 -16.29 -44.22
C PRO G 234 2.20 -16.99 -42.90
N ASN G 235 2.43 -18.31 -42.95
CA ASN G 235 2.75 -19.09 -41.76
C ASN G 235 4.22 -19.05 -41.36
N ASN G 236 5.08 -18.53 -42.26
CA ASN G 236 6.50 -18.40 -41.99
C ASN G 236 6.76 -17.44 -40.86
N TYR G 237 7.78 -17.73 -40.04
CA TYR G 237 8.19 -16.84 -38.97
C TYR G 237 8.84 -15.63 -39.65
N LEU G 238 8.70 -14.46 -39.04
CA LEU G 238 9.25 -13.23 -39.58
C LEU G 238 10.76 -13.36 -39.80
N PHE G 239 11.46 -13.87 -38.79
CA PHE G 239 12.91 -13.97 -38.83
C PHE G 239 13.38 -15.42 -38.99
N CYS G 240 14.51 -15.58 -39.66
CA CYS G 240 15.06 -16.90 -39.97
C CYS G 240 16.58 -16.87 -40.17
N ARG G 241 17.15 -18.04 -40.45
CA ARG G 241 18.54 -18.23 -40.76
C ARG G 241 18.92 -17.45 -42.00
N VAL G 242 20.12 -16.93 -42.03
CA VAL G 242 20.69 -16.32 -43.24
C VAL G 242 22.11 -16.88 -43.32
N ARG G 243 22.31 -17.81 -44.24
CA ARG G 243 23.60 -18.51 -44.36
C ARG G 243 24.71 -17.63 -44.99
N LYS G 244 25.92 -18.18 -45.04
CA LYS G 244 27.12 -17.41 -45.44
C LYS G 244 27.05 -16.74 -46.81
N ASN G 245 26.21 -17.27 -47.70
CA ASN G 245 26.03 -16.72 -49.05
C ASN G 245 24.95 -15.64 -49.15
N GLY G 246 24.53 -15.11 -48.02
CA GLY G 246 23.49 -14.07 -47.96
C GLY G 246 22.12 -14.51 -48.44
N VAL G 247 21.83 -15.82 -48.31
CA VAL G 247 20.53 -16.35 -48.69
C VAL G 247 19.76 -16.75 -47.44
N ALA G 248 18.57 -16.19 -47.28
CA ALA G 248 17.71 -16.51 -46.16
C ALA G 248 16.97 -17.81 -46.43
N ALA G 249 16.65 -18.53 -45.36
CA ALA G 249 15.90 -19.79 -45.47
C ALA G 249 14.63 -19.75 -44.62
N PRO G 250 13.55 -19.15 -45.16
CA PRO G 250 12.27 -19.04 -44.47
C PRO G 250 11.73 -20.40 -44.03
N SER G 251 11.14 -20.43 -42.82
CA SER G 251 10.60 -21.66 -42.24
C SER G 251 9.35 -21.37 -41.43
N ALA G 252 8.35 -22.23 -41.58
CA ALA G 252 7.12 -22.12 -40.81
C ALA G 252 7.12 -23.08 -39.62
N THR G 253 8.12 -23.95 -39.55
CA THR G 253 8.18 -24.95 -38.48
C THR G 253 9.23 -24.61 -37.41
N SER G 254 10.39 -24.11 -37.85
CA SER G 254 11.46 -23.77 -36.91
C SER G 254 11.71 -22.26 -36.86
N GLN G 255 12.02 -21.76 -35.66
CA GLN G 255 12.28 -20.37 -35.46
C GLN G 255 13.79 -20.13 -35.32
N LEU G 256 14.19 -18.87 -35.49
CA LEU G 256 15.55 -18.45 -35.21
C LEU G 256 15.61 -18.62 -33.70
N SER G 257 16.66 -19.29 -33.22
CA SER G 257 16.83 -19.50 -31.78
C SER G 257 16.98 -18.15 -31.09
N THR G 258 16.52 -18.09 -29.85
CA THR G 258 16.71 -16.90 -29.02
C THR G 258 18.20 -16.63 -28.82
N ARG G 259 18.99 -17.69 -28.97
CA ARG G 259 20.44 -17.62 -28.87
C ARG G 259 21.03 -16.77 -30.00
N ALA G 260 20.51 -16.96 -31.20
CA ALA G 260 20.95 -16.20 -32.37
C ALA G 260 20.57 -14.72 -32.21
N LEU G 261 19.37 -14.47 -31.69
CA LEU G 261 18.90 -13.10 -31.45
C LEU G 261 19.77 -12.35 -30.43
N GLU G 262 20.28 -13.06 -29.43
CA GLU G 262 21.26 -12.51 -28.50
C GLU G 262 22.57 -12.21 -29.22
N GLY G 263 22.96 -13.11 -30.13
CA GLY G 263 24.12 -12.94 -31.00
C GLY G 263 24.05 -11.70 -31.86
N ILE G 264 22.84 -11.38 -32.35
CA ILE G 264 22.62 -10.15 -33.11
C ILE G 264 22.94 -8.93 -32.27
N PHE G 265 22.46 -8.93 -31.02
CA PHE G 265 22.77 -7.85 -30.07
C PHE G 265 24.27 -7.77 -29.78
N GLU G 266 24.88 -8.94 -29.55
CA GLU G 266 26.30 -9.02 -29.23
C GLU G 266 27.19 -8.59 -30.40
N ALA G 267 26.86 -9.07 -31.60
CA ALA G 267 27.64 -8.75 -32.80
C ALA G 267 27.55 -7.26 -33.13
N THR G 268 26.36 -6.69 -32.94
CA THR G 268 26.12 -5.26 -33.13
C THR G 268 27.01 -4.41 -32.20
N HIS G 269 27.19 -4.88 -30.97
CA HIS G 269 28.02 -4.21 -29.98
C HIS G 269 29.50 -4.32 -30.36
N ARG G 270 29.90 -5.49 -30.87
CA ARG G 270 31.27 -5.74 -31.31
C ARG G 270 31.60 -4.89 -32.54
N LEU G 271 30.59 -4.63 -33.36
CA LEU G 271 30.72 -3.76 -34.54
C LEU G 271 31.26 -2.38 -34.17
N ILE G 272 30.81 -1.85 -33.04
CA ILE G 272 31.11 -0.48 -32.65
C ILE G 272 32.23 -0.39 -31.61
N TYR G 273 32.30 -1.38 -30.72
CA TYR G 273 33.21 -1.31 -29.57
C TYR G 273 34.25 -2.43 -29.51
N GLY G 274 34.20 -3.36 -30.47
CA GLY G 274 35.17 -4.45 -30.53
C GLY G 274 34.92 -5.57 -29.53
N ALA G 275 35.95 -6.38 -29.31
CA ALA G 275 35.87 -7.54 -28.40
C ALA G 275 35.56 -7.14 -26.95
N LYS G 276 34.93 -8.06 -26.23
CA LYS G 276 34.49 -7.82 -24.84
C LYS G 276 35.64 -7.62 -23.87
N ASP G 277 35.36 -6.99 -22.73
CA ASP G 277 36.32 -6.82 -21.63
C ASP G 277 36.93 -8.15 -21.15
N ASP G 278 36.32 -9.26 -21.56
CA ASP G 278 36.79 -10.61 -21.25
C ASP G 278 36.98 -10.90 -19.75
N SER G 279 36.44 -10.02 -18.90
CA SER G 279 36.51 -10.17 -17.45
C SER G 279 35.49 -11.20 -16.93
N GLY G 280 34.93 -12.01 -17.84
CA GLY G 280 33.97 -13.06 -17.47
C GLY G 280 32.58 -12.54 -17.12
N GLN G 281 32.52 -11.28 -16.70
CA GLN G 281 31.28 -10.62 -16.30
C GLN G 281 30.16 -10.70 -17.35
N ARG G 282 28.93 -10.46 -16.90
CA ARG G 282 27.77 -10.42 -17.79
C ARG G 282 27.45 -8.99 -18.19
N TYR G 283 26.75 -8.86 -19.32
CA TYR G 283 26.26 -7.58 -19.83
C TYR G 283 27.36 -6.60 -20.26
N LEU G 284 28.49 -7.16 -20.69
CA LEU G 284 29.60 -6.37 -21.24
C LEU G 284 29.27 -5.85 -22.64
N ALA G 285 28.47 -6.62 -23.37
CA ALA G 285 27.89 -6.22 -24.64
C ALA G 285 26.37 -6.24 -24.52
N TRP G 286 25.67 -5.72 -25.53
CA TRP G 286 24.21 -5.79 -25.57
C TRP G 286 23.72 -7.24 -25.58
N SER G 287 22.55 -7.46 -25.00
CA SER G 287 21.90 -8.76 -24.99
C SER G 287 20.40 -8.60 -25.24
N GLY G 288 19.66 -9.71 -25.11
CA GLY G 288 18.23 -9.76 -25.40
C GLY G 288 17.29 -8.79 -24.69
N HIS G 289 17.67 -8.36 -23.49
CA HIS G 289 16.85 -7.41 -22.74
C HIS G 289 17.25 -5.94 -22.92
N SER G 290 18.34 -5.71 -23.67
CA SER G 290 18.94 -4.40 -23.83
C SER G 290 18.01 -3.33 -24.41
N ALA G 291 17.22 -3.72 -25.41
CA ALA G 291 16.28 -2.80 -26.05
C ALA G 291 15.10 -2.46 -25.14
N ARG G 292 14.70 -3.42 -24.31
CA ARG G 292 13.66 -3.18 -23.29
C ARG G 292 14.12 -2.14 -22.28
N VAL G 293 15.28 -2.38 -21.69
CA VAL G 293 15.91 -1.45 -20.73
C VAL G 293 16.07 -0.06 -21.37
N GLY G 294 16.65 -0.02 -22.56
CA GLY G 294 16.90 1.21 -23.32
C GLY G 294 15.67 2.03 -23.69
N ALA G 295 14.61 1.34 -24.11
CA ALA G 295 13.34 2.01 -24.44
C ALA G 295 12.68 2.60 -23.19
N ALA G 296 12.78 1.88 -22.08
CA ALA G 296 12.26 2.36 -20.80
C ALA G 296 12.96 3.65 -20.39
N ARG G 297 14.28 3.68 -20.58
CA ARG G 297 15.08 4.85 -20.22
C ARG G 297 14.75 6.05 -21.09
N ASP G 298 14.56 5.82 -22.39
CA ASP G 298 14.21 6.87 -23.34
C ASP G 298 12.82 7.46 -23.09
N MET G 299 11.86 6.60 -22.75
CA MET G 299 10.53 7.05 -22.34
C MET G 299 10.58 7.88 -21.06
N ALA G 300 11.40 7.44 -20.10
CA ALA G 300 11.61 8.16 -18.85
C ALA G 300 12.17 9.57 -19.11
N ARG G 301 13.16 9.67 -20.00
CA ARG G 301 13.74 10.96 -20.39
C ARG G 301 12.70 11.90 -20.99
N ALA G 302 11.86 11.37 -21.87
CA ALA G 302 10.86 12.17 -22.57
C ALA G 302 9.72 12.63 -21.68
N GLY G 303 9.69 12.14 -20.45
CA GLY G 303 8.65 12.53 -19.49
C GLY G 303 7.39 11.69 -19.52
N VAL G 304 7.46 10.54 -20.22
CA VAL G 304 6.35 9.58 -20.25
C VAL G 304 6.03 9.08 -18.83
N SER G 305 4.75 9.07 -18.48
CA SER G 305 4.26 8.56 -17.19
C SER G 305 4.73 7.14 -16.89
N ILE G 306 5.02 6.87 -15.63
CA ILE G 306 5.34 5.51 -15.17
C ILE G 306 4.32 4.45 -15.63
N PRO G 307 3.00 4.70 -15.43
CA PRO G 307 1.98 3.76 -15.92
C PRO G 307 2.07 3.45 -17.42
N GLU G 308 2.36 4.45 -18.24
CA GLU G 308 2.45 4.27 -19.69
C GLU G 308 3.74 3.57 -20.11
N ILE G 309 4.82 3.82 -19.38
CA ILE G 309 6.07 3.08 -19.56
C ILE G 309 5.84 1.60 -19.23
N MET G 310 5.05 1.38 -18.18
CA MET G 310 4.74 0.03 -17.72
C MET G 310 3.86 -0.75 -18.71
N GLN G 311 2.90 -0.07 -19.32
CA GLN G 311 2.03 -0.67 -20.33
C GLN G 311 2.84 -1.02 -21.57
N ALA G 312 3.81 -0.17 -21.92
CA ALA G 312 4.65 -0.35 -23.10
C ALA G 312 5.50 -1.62 -23.08
N GLY G 313 5.94 -2.04 -21.90
CA GLY G 313 6.75 -3.25 -21.76
C GLY G 313 6.08 -4.37 -20.99
N GLY G 314 4.76 -4.26 -20.81
CA GLY G 314 3.98 -5.30 -20.12
C GLY G 314 4.22 -5.45 -18.63
N TRP G 315 4.93 -4.48 -18.04
CA TRP G 315 5.28 -4.50 -16.61
C TRP G 315 4.08 -4.25 -15.70
N THR G 316 4.04 -4.98 -14.58
CA THR G 316 3.06 -4.74 -13.51
C THR G 316 3.78 -4.46 -12.18
N ASN G 317 5.04 -4.90 -12.10
CA ASN G 317 5.94 -4.60 -10.98
C ASN G 317 6.81 -3.39 -11.30
N VAL G 318 6.50 -2.26 -10.67
CA VAL G 318 7.22 -1.00 -10.90
C VAL G 318 8.71 -1.08 -10.58
N ASN G 319 9.08 -1.93 -9.62
CA ASN G 319 10.47 -2.06 -9.16
C ASN G 319 11.44 -2.55 -10.22
N ILE G 320 10.92 -3.31 -11.20
CA ILE G 320 11.73 -3.73 -12.34
C ILE G 320 12.05 -2.49 -13.19
N VAL G 321 11.02 -1.71 -13.51
CA VAL G 321 11.15 -0.47 -14.28
C VAL G 321 12.11 0.49 -13.59
N MET G 322 11.91 0.69 -12.28
CA MET G 322 12.73 1.60 -11.49
C MET G 322 14.21 1.26 -11.58
N ASN G 323 14.55 -0.02 -11.46
CA ASN G 323 15.93 -0.48 -11.58
C ASN G 323 16.55 -0.02 -12.90
N TYR G 324 15.71 0.14 -13.92
CA TYR G 324 16.20 0.54 -15.24
C TYR G 324 16.37 2.06 -15.38
N ILE G 325 15.49 2.80 -14.74
CA ILE G 325 15.47 4.26 -14.95
C ILE G 325 15.94 5.14 -13.76
N ARG G 326 16.25 4.51 -12.61
CA ARG G 326 16.56 5.25 -11.37
C ARG G 326 17.87 6.05 -11.35
N ASN G 327 18.72 5.85 -12.36
CA ASN G 327 19.95 6.64 -12.48
C ASN G 327 19.82 7.74 -13.54
N LEU G 328 18.59 8.16 -13.82
CA LEU G 328 18.35 9.27 -14.73
C LEU G 328 18.01 10.52 -13.94
N ASP G 329 18.44 11.67 -14.48
CA ASP G 329 18.23 12.96 -13.82
C ASP G 329 16.76 13.27 -13.55
N SER G 330 15.87 12.83 -14.44
CA SER G 330 14.43 13.05 -14.27
C SER G 330 13.82 12.18 -13.17
N GLU G 331 14.57 11.17 -12.72
CA GLU G 331 14.10 10.26 -11.67
C GLU G 331 14.84 10.43 -10.34
N THR G 332 15.58 11.54 -10.20
CA THR G 332 16.42 11.78 -9.01
C THR G 332 15.65 12.03 -7.71
N GLY G 333 14.36 12.34 -7.78
CA GLY G 333 13.62 12.48 -6.53
C GLY G 333 13.37 13.93 -6.07
N ALA G 334 12.55 14.06 -5.04
CA ALA G 334 12.11 15.36 -4.54
C ALA G 334 13.18 16.17 -3.80
N MET G 335 14.11 15.49 -3.12
CA MET G 335 15.13 16.18 -2.34
C MET G 335 16.13 16.94 -3.22
N VAL G 336 16.47 16.34 -4.36
CA VAL G 336 17.33 16.99 -5.35
C VAL G 336 16.56 18.17 -5.96
N ARG G 337 15.28 17.96 -6.23
CA ARG G 337 14.39 19.00 -6.74
C ARG G 337 14.28 20.18 -5.77
N LEU G 338 14.13 19.88 -4.49
CA LEU G 338 14.05 20.90 -3.43
C LEU G 338 15.36 21.65 -3.24
N LEU G 339 16.48 20.93 -3.32
CA LEU G 339 17.80 21.53 -3.08
C LEU G 339 18.31 22.35 -4.25
N GLU G 340 17.75 22.12 -5.45
CA GLU G 340 18.27 22.81 -6.64
C GLU G 340 17.57 24.10 -7.04
N ASP G 341 16.52 24.45 -6.28
CA ASP G 341 15.90 25.80 -6.45
C ASP G 341 15.35 26.29 -5.11
N SER H 20 -20.34 -36.51 8.10
CA SER H 20 -21.62 -36.48 7.35
C SER H 20 -22.62 -35.47 7.94
N ASP H 21 -22.77 -35.49 9.26
CA ASP H 21 -23.63 -34.53 9.95
C ASP H 21 -22.97 -33.16 10.00
N GLU H 22 -21.65 -33.17 10.22
CA GLU H 22 -20.83 -31.96 10.20
C GLU H 22 -21.01 -31.22 8.87
N VAL H 23 -20.93 -31.97 7.78
CA VAL H 23 -21.04 -31.43 6.42
C VAL H 23 -22.42 -30.79 6.16
N ARG H 24 -23.48 -31.46 6.60
CA ARG H 24 -24.84 -30.93 6.47
C ARG H 24 -25.02 -29.67 7.29
N LYS H 25 -24.49 -29.68 8.51
CA LYS H 25 -24.52 -28.53 9.41
C LYS H 25 -23.81 -27.33 8.78
N ASN H 26 -22.61 -27.56 8.27
CA ASN H 26 -21.80 -26.54 7.60
C ASN H 26 -22.48 -25.94 6.36
N LEU H 27 -23.13 -26.80 5.58
CA LEU H 27 -23.89 -26.37 4.41
C LEU H 27 -25.16 -25.61 4.79
N MET H 28 -25.86 -26.08 5.81
CA MET H 28 -27.09 -25.44 6.27
C MET H 28 -26.79 -24.04 6.83
N ASP H 29 -25.67 -23.90 7.52
CA ASP H 29 -25.24 -22.61 8.07
C ASP H 29 -24.88 -21.59 6.99
N MET H 30 -24.28 -22.07 5.90
CA MET H 30 -23.95 -21.20 4.77
C MET H 30 -25.22 -20.72 4.09
N PHE H 31 -26.21 -21.62 3.99
CA PHE H 31 -27.49 -21.31 3.37
C PHE H 31 -28.36 -20.45 4.30
N ARG H 32 -28.26 -20.71 5.59
CA ARG H 32 -28.97 -19.92 6.59
C ARG H 32 -28.56 -18.45 6.51
N ASP H 33 -27.28 -18.21 6.22
CA ASP H 33 -26.79 -16.85 6.02
C ASP H 33 -26.39 -16.57 4.55
N ARG H 34 -27.29 -16.94 3.63
CA ARG H 34 -27.14 -16.68 2.21
C ARG H 34 -26.64 -15.25 1.92
N GLN H 35 -27.30 -14.29 2.57
CA GLN H 35 -27.06 -12.84 2.39
C GLN H 35 -25.63 -12.41 2.66
N ALA H 36 -24.83 -13.30 3.24
CA ALA H 36 -23.40 -13.02 3.49
C ALA H 36 -22.64 -13.01 2.16
N PHE H 37 -23.17 -13.71 1.17
CA PHE H 37 -22.56 -13.77 -0.16
C PHE H 37 -23.43 -13.07 -1.18
N SER H 38 -22.80 -12.70 -2.29
CA SER H 38 -23.48 -12.02 -3.35
C SER H 38 -24.51 -12.96 -4.02
N GLU H 39 -25.58 -12.38 -4.56
CA GLU H 39 -26.57 -13.12 -5.34
C GLU H 39 -25.90 -13.81 -6.52
N HIS H 40 -24.85 -13.20 -7.06
CA HIS H 40 -24.13 -13.73 -8.22
C HIS H 40 -23.26 -14.92 -7.88
N THR H 41 -22.72 -14.94 -6.66
CA THR H 41 -21.98 -16.09 -6.17
C THR H 41 -22.89 -17.31 -6.06
N TRP H 42 -24.11 -17.11 -5.58
CA TRP H 42 -25.10 -18.18 -5.49
C TRP H 42 -25.58 -18.65 -6.86
N LYS H 43 -25.81 -17.71 -7.76
CA LYS H 43 -26.22 -18.02 -9.11
C LYS H 43 -25.18 -18.86 -9.86
N MET H 44 -23.91 -18.52 -9.69
CA MET H 44 -22.84 -19.28 -10.32
C MET H 44 -22.54 -20.63 -9.63
N LEU H 45 -22.68 -20.68 -8.30
CA LEU H 45 -22.59 -21.95 -7.57
C LEU H 45 -23.61 -22.94 -8.13
N LEU H 46 -24.85 -22.47 -8.30
CA LEU H 46 -25.93 -23.30 -8.79
C LEU H 46 -25.78 -23.63 -10.27
N SER H 47 -25.21 -22.69 -11.04
CA SER H 47 -24.95 -22.92 -12.45
C SER H 47 -23.91 -24.02 -12.65
N VAL H 48 -22.80 -23.90 -11.91
CA VAL H 48 -21.72 -24.87 -11.97
C VAL H 48 -22.15 -26.24 -11.47
N CYS H 49 -22.89 -26.27 -10.36
CA CYS H 49 -23.40 -27.53 -9.80
C CYS H 49 -24.29 -28.31 -10.77
N ARG H 50 -25.22 -27.63 -11.43
CA ARG H 50 -26.03 -28.26 -12.48
C ARG H 50 -25.13 -28.90 -13.54
N SER H 51 -24.19 -28.11 -14.05
CA SER H 51 -23.23 -28.54 -15.07
C SER H 51 -22.39 -29.73 -14.61
N TRP H 52 -21.82 -29.61 -13.41
CA TRP H 52 -21.03 -30.66 -12.80
C TRP H 52 -21.85 -31.92 -12.53
N ALA H 53 -23.07 -31.74 -12.01
CA ALA H 53 -23.93 -32.87 -11.66
C ALA H 53 -24.51 -33.57 -12.88
N ALA H 54 -24.77 -32.80 -13.94
CA ALA H 54 -25.25 -33.37 -15.20
C ALA H 54 -24.14 -34.22 -15.85
N TRP H 55 -22.93 -33.67 -15.88
CA TRP H 55 -21.78 -34.40 -16.40
C TRP H 55 -21.50 -35.68 -15.59
N CYS H 56 -21.62 -35.61 -14.26
CA CYS H 56 -21.46 -36.76 -13.38
C CYS H 56 -22.49 -37.86 -13.65
N LYS H 57 -23.73 -37.44 -13.91
CA LYS H 57 -24.82 -38.36 -14.21
C LYS H 57 -24.53 -39.13 -15.50
N LEU H 58 -24.12 -38.42 -16.55
CA LEU H 58 -23.84 -39.02 -17.85
C LEU H 58 -22.53 -39.83 -17.87
N ASN H 59 -21.64 -39.54 -16.92
CA ASN H 59 -20.36 -40.24 -16.86
C ASN H 59 -20.20 -41.21 -15.69
N ASN H 60 -21.30 -41.44 -14.97
CA ASN H 60 -21.34 -42.39 -13.85
C ASN H 60 -20.38 -42.05 -12.70
N ARG H 61 -20.41 -40.79 -12.26
CA ARG H 61 -19.57 -40.35 -11.14
C ARG H 61 -20.43 -39.79 -10.03
N LYS H 62 -19.92 -39.83 -8.80
CA LYS H 62 -20.62 -39.21 -7.67
C LYS H 62 -20.32 -37.71 -7.63
N TRP H 63 -21.36 -36.90 -7.52
CA TRP H 63 -21.21 -35.45 -7.63
C TRP H 63 -20.73 -34.77 -6.36
N PHE H 64 -21.09 -35.32 -5.20
CA PHE H 64 -20.64 -34.81 -3.91
C PHE H 64 -20.47 -35.94 -2.90
N PRO H 65 -19.33 -35.98 -2.16
CA PRO H 65 -18.13 -35.15 -2.33
C PRO H 65 -17.42 -35.51 -3.62
N ALA H 66 -16.83 -34.52 -4.27
CA ALA H 66 -16.17 -34.73 -5.55
C ALA H 66 -14.80 -35.38 -5.39
N GLU H 67 -14.60 -36.49 -6.09
CA GLU H 67 -13.28 -37.14 -6.16
C GLU H 67 -12.37 -36.43 -7.15
N PRO H 68 -11.10 -36.20 -6.76
CA PRO H 68 -10.10 -35.48 -7.57
C PRO H 68 -10.02 -35.96 -9.03
N GLU H 69 -9.96 -37.28 -9.23
CA GLU H 69 -9.91 -37.87 -10.58
C GLU H 69 -11.12 -37.51 -11.43
N ASP H 70 -12.31 -37.52 -10.83
CA ASP H 70 -13.54 -37.16 -11.55
C ASP H 70 -13.51 -35.68 -11.93
N VAL H 71 -13.04 -34.85 -11.00
CA VAL H 71 -12.94 -33.40 -11.23
C VAL H 71 -11.93 -33.09 -12.34
N ARG H 72 -10.82 -33.82 -12.37
CA ARG H 72 -9.84 -33.67 -13.45
C ARG H 72 -10.49 -33.91 -14.82
N ASP H 73 -11.19 -35.03 -14.95
CA ASP H 73 -11.86 -35.40 -16.21
C ASP H 73 -12.84 -34.33 -16.67
N TYR H 74 -13.60 -33.79 -15.72
CA TYR H 74 -14.57 -32.73 -15.99
C TYR H 74 -13.90 -31.45 -16.52
N LEU H 75 -12.77 -31.07 -15.93
CA LEU H 75 -12.04 -29.88 -16.40
C LEU H 75 -11.50 -30.07 -17.82
N LEU H 76 -10.97 -31.25 -18.11
CA LEU H 76 -10.52 -31.58 -19.46
C LEU H 76 -11.70 -31.60 -20.43
N TYR H 77 -12.85 -32.03 -19.93
CA TYR H 77 -14.10 -31.99 -20.69
C TYR H 77 -14.47 -30.55 -21.09
N LEU H 78 -14.34 -29.64 -20.12
CA LEU H 78 -14.61 -28.20 -20.36
C LEU H 78 -13.60 -27.61 -21.34
N GLN H 79 -12.34 -28.08 -21.24
CA GLN H 79 -11.32 -27.64 -22.19
C GLN H 79 -11.65 -28.06 -23.60
N ALA H 80 -12.01 -29.35 -23.75
CA ALA H 80 -12.38 -29.93 -25.02
C ALA H 80 -13.54 -29.18 -25.67
N ARG H 81 -14.43 -28.61 -24.83
CA ARG H 81 -15.58 -27.85 -25.31
C ARG H 81 -15.19 -26.48 -25.87
N GLY H 82 -13.94 -26.08 -25.62
CA GLY H 82 -13.41 -24.83 -26.14
C GLY H 82 -13.78 -23.63 -25.27
N LEU H 83 -14.16 -23.89 -24.02
CA LEU H 83 -14.49 -22.81 -23.08
C LEU H 83 -13.25 -22.00 -22.71
N ALA H 84 -13.46 -20.77 -22.23
CA ALA H 84 -12.35 -19.92 -21.82
C ALA H 84 -11.73 -20.42 -20.52
N VAL H 85 -10.44 -20.13 -20.33
CA VAL H 85 -9.72 -20.44 -19.10
C VAL H 85 -10.43 -19.91 -17.86
N LYS H 86 -10.94 -18.69 -17.94
CA LYS H 86 -11.62 -18.09 -16.78
C LYS H 86 -12.98 -18.73 -16.49
N THR H 87 -13.61 -19.26 -17.53
CA THR H 87 -14.79 -20.09 -17.38
C THR H 87 -14.44 -21.37 -16.61
N ILE H 88 -13.39 -22.06 -17.06
CA ILE H 88 -12.95 -23.30 -16.44
C ILE H 88 -12.57 -23.04 -14.99
N GLN H 89 -11.92 -21.88 -14.75
CA GLN H 89 -11.50 -21.51 -13.40
C GLN H 89 -12.71 -21.24 -12.49
N GLN H 90 -13.77 -20.69 -13.05
CA GLN H 90 -15.00 -20.42 -12.31
C GLN H 90 -15.64 -21.73 -11.83
N HIS H 91 -15.69 -22.72 -12.72
CA HIS H 91 -16.22 -24.04 -12.41
C HIS H 91 -15.46 -24.70 -11.27
N LEU H 92 -14.13 -24.77 -11.40
CA LEU H 92 -13.28 -25.28 -10.34
C LEU H 92 -13.48 -24.47 -9.05
N GLY H 93 -13.45 -23.14 -9.18
CA GLY H 93 -13.62 -22.22 -8.05
C GLY H 93 -14.87 -22.52 -7.22
N GLN H 94 -16.01 -22.67 -7.87
CA GLN H 94 -17.26 -22.98 -7.18
C GLN H 94 -17.23 -24.36 -6.53
N LEU H 95 -16.62 -25.33 -7.25
CA LEU H 95 -16.43 -26.68 -6.70
C LEU H 95 -15.58 -26.59 -5.44
N ASN H 96 -14.57 -25.72 -5.48
CA ASN H 96 -13.66 -25.54 -4.36
C ASN H 96 -14.42 -24.95 -3.17
N MET H 97 -15.24 -23.94 -3.43
CA MET H 97 -15.96 -23.24 -2.37
C MET H 97 -16.93 -24.16 -1.65
N LEU H 98 -17.69 -24.94 -2.42
CA LEU H 98 -18.68 -25.86 -1.88
C LEU H 98 -18.04 -26.86 -0.92
N HIS H 99 -16.85 -27.35 -1.27
CA HIS H 99 -16.13 -28.31 -0.43
C HIS H 99 -15.49 -27.68 0.81
N ARG H 100 -14.84 -26.54 0.62
CA ARG H 100 -14.16 -25.87 1.73
C ARG H 100 -15.13 -25.43 2.82
N ARG H 101 -16.29 -24.88 2.40
CA ARG H 101 -17.32 -24.39 3.34
C ARG H 101 -18.19 -25.53 3.89
N SER H 102 -17.92 -26.76 3.40
CA SER H 102 -18.58 -27.95 3.91
C SER H 102 -17.74 -28.52 5.04
N GLY H 103 -16.45 -28.13 5.03
CA GLY H 103 -15.48 -28.64 5.99
C GLY H 103 -14.73 -29.80 5.36
N LEU H 104 -14.76 -29.88 4.04
CA LEU H 104 -14.10 -30.95 3.29
C LEU H 104 -12.89 -30.41 2.53
N PRO H 105 -11.94 -31.29 2.18
CA PRO H 105 -10.79 -30.87 1.37
C PRO H 105 -11.26 -30.50 -0.04
N ARG H 106 -10.68 -29.43 -0.59
CA ARG H 106 -10.99 -28.95 -1.93
C ARG H 106 -10.37 -29.85 -3.02
N PRO H 107 -11.03 -29.96 -4.18
CA PRO H 107 -10.50 -30.72 -5.30
C PRO H 107 -9.11 -30.17 -5.64
N SER H 108 -8.92 -28.86 -5.48
CA SER H 108 -7.63 -28.20 -5.77
C SER H 108 -6.53 -28.56 -4.76
N ASP H 109 -6.92 -29.15 -3.62
CA ASP H 109 -5.95 -29.61 -2.61
C ASP H 109 -5.16 -30.85 -3.07
N SER H 110 -5.58 -31.45 -4.19
CA SER H 110 -4.88 -32.59 -4.77
C SER H 110 -4.07 -32.16 -5.99
N ASN H 111 -3.03 -32.93 -6.31
CA ASN H 111 -2.18 -32.65 -7.47
C ASN H 111 -2.89 -32.82 -8.81
N ALA H 112 -3.81 -33.78 -8.88
CA ALA H 112 -4.54 -34.08 -10.11
C ALA H 112 -5.31 -32.86 -10.63
N VAL H 113 -6.00 -32.17 -9.73
CA VAL H 113 -6.86 -31.07 -10.10
C VAL H 113 -6.07 -29.77 -10.32
N SER H 114 -5.18 -29.45 -9.38
CA SER H 114 -4.45 -28.18 -9.45
C SER H 114 -3.42 -28.15 -10.59
N LEU H 115 -2.85 -29.31 -10.89
CA LEU H 115 -1.88 -29.41 -11.98
C LEU H 115 -2.57 -29.32 -13.33
N VAL H 116 -3.70 -30.00 -13.48
CA VAL H 116 -4.45 -29.96 -14.74
C VAL H 116 -5.00 -28.56 -15.03
N MET H 117 -5.35 -27.82 -13.97
CA MET H 117 -5.82 -26.46 -14.10
C MET H 117 -4.69 -25.58 -14.65
N ARG H 118 -3.50 -25.71 -14.06
CA ARG H 118 -2.31 -25.02 -14.57
C ARG H 118 -2.05 -25.41 -16.02
N ARG H 119 -2.19 -26.71 -16.30
CA ARG H 119 -1.93 -27.24 -17.63
C ARG H 119 -2.91 -26.69 -18.67
N ILE H 120 -4.20 -26.71 -18.33
CA ILE H 120 -5.25 -26.18 -19.21
C ILE H 120 -4.99 -24.69 -19.51
N ARG H 121 -4.73 -23.91 -18.45
CA ARG H 121 -4.38 -22.50 -18.58
C ARG H 121 -3.22 -22.30 -19.55
N LYS H 122 -2.16 -23.08 -19.34
CA LYS H 122 -0.93 -22.97 -20.10
C LYS H 122 -1.11 -23.41 -21.56
N GLU H 123 -1.78 -24.54 -21.76
CA GLU H 123 -2.05 -25.05 -23.12
C GLU H 123 -2.86 -24.04 -23.95
N ASN H 124 -3.93 -23.51 -23.36
CA ASN H 124 -4.82 -22.56 -24.04
C ASN H 124 -4.15 -21.23 -24.40
N VAL H 125 -3.35 -20.69 -23.48
CA VAL H 125 -2.60 -19.45 -23.74
C VAL H 125 -1.55 -19.67 -24.83
N ASP H 126 -0.94 -20.85 -24.85
CA ASP H 126 -0.01 -21.25 -25.91
C ASP H 126 -0.73 -21.43 -27.25
N ALA H 127 -1.99 -21.85 -27.20
CA ALA H 127 -2.82 -21.99 -28.41
C ALA H 127 -3.39 -20.64 -28.90
N GLY H 128 -3.15 -19.58 -28.15
CA GLY H 128 -3.54 -18.23 -28.56
C GLY H 128 -4.47 -17.49 -27.62
N GLU H 129 -5.04 -18.19 -26.65
CA GLU H 129 -6.04 -17.57 -25.80
C GLU H 129 -5.52 -16.42 -24.93
N ARG H 130 -6.33 -15.37 -24.82
CA ARG H 130 -6.03 -14.25 -23.94
C ARG H 130 -7.37 -13.71 -23.43
N ALA H 131 -7.39 -13.24 -22.18
CA ALA H 131 -8.57 -12.63 -21.58
C ALA H 131 -8.95 -11.36 -22.34
N LYS H 132 -10.22 -11.29 -22.72
CA LYS H 132 -10.76 -10.18 -23.50
C LYS H 132 -11.10 -8.98 -22.62
N GLN H 133 -11.17 -7.80 -23.22
CA GLN H 133 -11.53 -6.57 -22.49
C GLN H 133 -12.61 -5.79 -23.23
N ALA H 134 -13.49 -5.14 -22.48
CA ALA H 134 -14.55 -4.30 -23.05
C ALA H 134 -13.98 -3.20 -23.91
N LEU H 135 -14.68 -2.87 -25.00
CA LEU H 135 -14.34 -1.79 -25.89
C LEU H 135 -14.44 -0.46 -25.14
N ALA H 136 -13.40 0.34 -25.22
CA ALA H 136 -13.33 1.61 -24.46
C ALA H 136 -14.33 2.69 -24.83
N PHE H 137 -15.01 3.24 -23.81
CA PHE H 137 -15.91 4.38 -23.98
C PHE H 137 -15.17 5.57 -23.40
N GLU H 138 -14.45 6.29 -24.25
CA GLU H 138 -13.54 7.34 -23.82
C GLU H 138 -14.17 8.72 -23.89
N ARG H 139 -13.37 9.74 -23.58
CA ARG H 139 -13.85 11.12 -23.53
C ARG H 139 -14.31 11.60 -24.90
N THR H 140 -13.52 11.28 -25.92
CA THR H 140 -13.90 11.59 -27.30
C THR H 140 -15.26 10.98 -27.62
N ASP H 141 -15.46 9.71 -27.24
CA ASP H 141 -16.72 9.00 -27.47
C ASP H 141 -17.88 9.67 -26.75
N PHE H 142 -17.64 10.09 -25.51
CA PHE H 142 -18.66 10.75 -24.70
C PHE H 142 -19.07 12.10 -25.28
N ASP H 143 -18.09 12.90 -25.70
CA ASP H 143 -18.33 14.21 -26.31
C ASP H 143 -19.09 14.12 -27.63
N GLN H 144 -18.82 13.05 -28.40
CA GLN H 144 -19.48 12.82 -29.68
C GLN H 144 -20.94 12.44 -29.46
N VAL H 145 -21.20 11.61 -28.45
CA VAL H 145 -22.55 11.21 -28.07
C VAL H 145 -23.32 12.39 -27.49
N ARG H 146 -22.64 13.17 -26.64
CA ARG H 146 -23.22 14.34 -26.02
C ARG H 146 -23.68 15.35 -27.07
N SER H 147 -22.81 15.64 -28.05
CA SER H 147 -23.15 16.60 -29.11
C SER H 147 -24.12 16.02 -30.15
N LEU H 148 -24.37 14.72 -30.09
CA LEU H 148 -25.36 14.08 -30.94
C LEU H 148 -26.73 14.02 -30.26
N MET H 149 -26.74 13.88 -28.94
CA MET H 149 -27.98 13.62 -28.21
C MET H 149 -28.42 14.71 -27.23
N GLU H 150 -27.61 15.75 -27.06
CA GLU H 150 -27.94 16.94 -26.25
C GLU H 150 -29.34 17.49 -26.53
N ASN H 151 -29.64 17.62 -27.82
CA ASN H 151 -30.85 18.29 -28.30
C ASN H 151 -32.13 17.50 -28.06
N SER H 152 -32.01 16.18 -27.94
CA SER H 152 -33.17 15.33 -27.80
C SER H 152 -33.99 15.65 -26.55
N ASP H 153 -35.30 15.77 -26.75
CA ASP H 153 -36.23 16.02 -25.66
C ASP H 153 -36.97 14.73 -25.32
N ARG H 154 -36.58 13.63 -25.97
CA ARG H 154 -37.08 12.32 -25.63
C ARG H 154 -36.58 11.91 -24.26
N CYS H 155 -37.51 11.51 -23.40
CA CYS H 155 -37.23 11.20 -22.01
C CYS H 155 -36.20 10.08 -21.83
N GLN H 156 -36.22 9.13 -22.77
CA GLN H 156 -35.28 8.02 -22.78
C GLN H 156 -33.86 8.48 -23.05
N ASP H 157 -33.72 9.45 -23.95
CA ASP H 157 -32.41 9.97 -24.33
C ASP H 157 -31.80 10.84 -23.23
N ILE H 158 -32.66 11.54 -22.50
CA ILE H 158 -32.23 12.33 -21.36
C ILE H 158 -31.69 11.40 -20.27
N ARG H 159 -32.42 10.31 -20.03
CA ARG H 159 -32.01 9.28 -19.07
C ARG H 159 -30.67 8.65 -19.47
N ASN H 160 -30.58 8.19 -20.71
CA ASN H 160 -29.39 7.52 -21.21
C ASN H 160 -28.14 8.37 -21.10
N LEU H 161 -28.26 9.65 -21.46
CA LEU H 161 -27.14 10.57 -21.46
C LEU H 161 -26.67 10.86 -20.04
N ALA H 162 -27.63 10.92 -19.12
CA ALA H 162 -27.35 11.07 -17.69
C ALA H 162 -26.61 9.83 -17.18
N PHE H 163 -27.09 8.65 -17.59
CA PHE H 163 -26.43 7.40 -17.25
C PHE H 163 -24.99 7.33 -17.77
N LEU H 164 -24.80 7.64 -19.04
CA LEU H 164 -23.47 7.58 -19.65
C LEU H 164 -22.50 8.54 -18.99
N GLY H 165 -23.02 9.70 -18.58
CA GLY H 165 -22.23 10.69 -17.87
C GLY H 165 -21.77 10.21 -16.51
N ILE H 166 -22.71 9.67 -15.73
CA ILE H 166 -22.39 9.10 -14.42
C ILE H 166 -21.37 7.97 -14.59
N ALA H 167 -21.66 7.03 -15.50
CA ALA H 167 -20.77 5.89 -15.75
C ALA H 167 -19.34 6.33 -16.03
N TYR H 168 -19.16 7.35 -16.88
CA TYR H 168 -17.83 7.85 -17.22
C TYR H 168 -17.19 8.65 -16.07
N ASN H 169 -17.98 9.55 -15.48
CA ASN H 169 -17.52 10.41 -14.39
C ASN H 169 -17.13 9.64 -13.14
N THR H 170 -17.87 8.57 -12.84
CA THR H 170 -17.71 7.85 -11.57
C THR H 170 -16.89 6.56 -11.64
N LEU H 171 -16.83 5.92 -12.79
CA LEU H 171 -16.22 4.61 -12.99
C LEU H 171 -16.92 3.55 -12.13
N LEU H 172 -18.17 3.81 -11.77
CA LEU H 172 -18.90 2.82 -11.01
C LEU H 172 -19.36 1.67 -11.91
N ARG H 173 -19.50 0.49 -11.32
CA ARG H 173 -20.04 -0.67 -11.98
C ARG H 173 -21.51 -0.35 -12.23
N ILE H 174 -22.09 -0.98 -13.28
CA ILE H 174 -23.48 -0.68 -13.62
C ILE H 174 -24.45 -1.04 -12.49
N ALA H 175 -24.18 -2.16 -11.79
CA ALA H 175 -25.00 -2.55 -10.64
C ALA H 175 -24.97 -1.51 -9.53
N GLU H 176 -23.83 -0.85 -9.38
CA GLU H 176 -23.67 0.20 -8.39
C GLU H 176 -24.52 1.41 -8.78
N ILE H 177 -24.54 1.73 -10.07
CA ILE H 177 -25.34 2.85 -10.59
C ILE H 177 -26.83 2.55 -10.47
N ALA H 178 -27.24 1.35 -10.89
CA ALA H 178 -28.62 0.89 -10.75
C ALA H 178 -29.13 0.99 -9.31
N ARG H 179 -28.22 0.85 -8.34
CA ARG H 179 -28.59 0.91 -6.92
C ARG H 179 -28.71 2.33 -6.33
N ILE H 180 -28.26 3.34 -7.08
CA ILE H 180 -28.36 4.72 -6.59
C ILE H 180 -29.82 5.10 -6.33
N ARG H 181 -30.10 5.53 -5.11
CA ARG H 181 -31.40 6.07 -4.74
C ARG H 181 -31.31 7.59 -4.58
N VAL H 182 -32.40 8.29 -4.87
CA VAL H 182 -32.41 9.75 -4.87
C VAL H 182 -31.80 10.36 -3.60
N LYS H 183 -32.11 9.76 -2.45
CA LYS H 183 -31.56 10.20 -1.16
C LYS H 183 -30.03 10.09 -1.06
N ASP H 184 -29.41 9.31 -1.94
CA ASP H 184 -27.96 9.14 -1.97
C ASP H 184 -27.26 10.35 -2.60
N ILE H 185 -28.05 11.24 -3.20
CA ILE H 185 -27.53 12.42 -3.88
C ILE H 185 -27.51 13.66 -2.96
N SER H 186 -26.38 14.36 -2.97
CA SER H 186 -26.28 15.63 -2.25
C SER H 186 -25.43 16.61 -3.07
N ARG H 187 -25.10 17.75 -2.47
CA ARG H 187 -24.36 18.77 -3.18
C ARG H 187 -23.12 19.26 -2.45
N THR H 188 -22.15 19.75 -3.25
CA THR H 188 -20.96 20.45 -2.74
C THR H 188 -21.40 21.91 -2.75
N ASP H 189 -20.71 22.75 -1.98
CA ASP H 189 -21.03 24.18 -1.94
C ASP H 189 -21.02 24.84 -3.33
N GLY H 190 -20.21 24.29 -4.23
CA GLY H 190 -20.14 24.76 -5.63
C GLY H 190 -21.27 24.26 -6.51
N GLY H 191 -22.14 23.41 -5.97
CA GLY H 191 -23.32 22.93 -6.68
C GLY H 191 -23.16 21.61 -7.43
N ARG H 192 -21.94 21.06 -7.40
CA ARG H 192 -21.67 19.77 -8.05
C ARG H 192 -22.34 18.63 -7.29
N MET H 193 -22.86 17.65 -8.03
CA MET H 193 -23.53 16.51 -7.42
C MET H 193 -22.56 15.51 -6.80
N LEU H 194 -22.96 14.98 -5.64
CA LEU H 194 -22.25 13.92 -4.95
C LEU H 194 -23.15 12.73 -4.82
N ILE H 195 -22.63 11.55 -5.16
CA ILE H 195 -23.39 10.32 -5.02
C ILE H 195 -22.75 9.48 -3.92
N HIS H 196 -23.54 9.16 -2.91
CA HIS H 196 -23.08 8.23 -1.88
C HIS H 196 -23.24 6.79 -2.36
N ILE H 197 -22.15 6.03 -2.33
CA ILE H 197 -22.18 4.60 -2.60
C ILE H 197 -21.66 3.85 -1.36
N GLY H 198 -22.52 3.01 -0.79
CA GLY H 198 -22.14 2.28 0.42
C GLY H 198 -21.60 0.88 0.15
N ARG H 199 -21.90 0.35 -1.04
CA ARG H 199 -21.46 -0.98 -1.37
C ARG H 199 -20.95 -1.13 -2.81
N THR H 200 -19.72 -1.66 -2.92
CA THR H 200 -19.15 -2.01 -4.22
C THR H 200 -18.69 -3.46 -4.09
N ALA H 201 -18.19 -4.03 -5.18
CA ALA H 201 -17.72 -5.41 -5.20
C ALA H 201 -16.64 -5.72 -4.16
N THR H 202 -15.93 -4.70 -3.71
CA THR H 202 -14.81 -4.88 -2.77
C THR H 202 -14.96 -4.09 -1.47
N LEU H 203 -16.06 -3.34 -1.34
CA LEU H 203 -16.27 -2.48 -0.18
C LEU H 203 -17.70 -2.53 0.34
N VAL H 204 -17.84 -2.74 1.65
CA VAL H 204 -19.14 -2.73 2.33
C VAL H 204 -18.94 -2.00 3.65
N SER H 205 -19.53 -0.82 3.75
CA SER H 205 -19.36 0.08 4.87
C SER H 205 -20.47 1.12 5.00
N THR H 206 -20.80 1.51 6.24
CA THR H 206 -21.84 2.49 6.47
C THR H 206 -21.30 3.91 6.22
N ALA H 207 -19.97 4.05 6.22
CA ALA H 207 -19.32 5.33 5.87
C ALA H 207 -19.36 5.55 4.35
N GLY H 208 -19.19 4.47 3.60
CA GLY H 208 -19.23 4.48 2.14
C GLY H 208 -18.19 5.37 1.49
N VAL H 209 -18.47 5.73 0.24
CA VAL H 209 -17.64 6.66 -0.54
C VAL H 209 -18.55 7.68 -1.20
N GLU H 210 -17.99 8.83 -1.57
CA GLU H 210 -18.76 9.86 -2.28
C GLU H 210 -18.15 10.09 -3.66
N LYS H 211 -18.93 9.83 -4.69
CA LYS H 211 -18.48 10.04 -6.06
C LYS H 211 -19.01 11.39 -6.56
N ALA H 212 -18.08 12.26 -6.97
CA ALA H 212 -18.43 13.60 -7.40
C ALA H 212 -18.63 13.69 -8.91
N LEU H 213 -19.63 14.47 -9.31
CA LEU H 213 -19.88 14.69 -10.74
C LEU H 213 -19.48 16.11 -11.13
N SER H 214 -18.98 16.26 -12.35
CA SER H 214 -18.66 17.57 -12.91
C SER H 214 -19.92 18.43 -13.06
N LEU H 215 -19.73 19.74 -13.23
CA LEU H 215 -20.84 20.67 -13.47
C LEU H 215 -21.65 20.27 -14.71
N GLY H 216 -20.94 19.85 -15.77
CA GLY H 216 -21.58 19.36 -17.00
C GLY H 216 -22.43 18.12 -16.79
N VAL H 217 -21.84 17.10 -16.19
CA VAL H 217 -22.54 15.84 -15.89
C VAL H 217 -23.66 16.06 -14.87
N THR H 218 -23.43 16.98 -13.92
CA THR H 218 -24.47 17.34 -12.95
C THR H 218 -25.71 17.91 -13.66
N LYS H 219 -25.48 18.74 -14.66
CA LYS H 219 -26.58 19.31 -15.45
C LYS H 219 -27.38 18.22 -16.15
N LEU H 220 -26.68 17.21 -16.66
CA LEU H 220 -27.31 16.07 -17.35
C LEU H 220 -28.23 15.29 -16.43
N VAL H 221 -27.79 15.05 -15.20
CA VAL H 221 -28.57 14.33 -14.21
C VAL H 221 -29.78 15.16 -13.76
N GLU H 222 -29.53 16.44 -13.46
CA GLU H 222 -30.58 17.38 -13.10
C GLU H 222 -31.74 17.34 -14.08
N ARG H 223 -31.41 17.36 -15.38
CA ARG H 223 -32.42 17.31 -16.43
C ARG H 223 -33.26 16.04 -16.36
N TRP H 224 -32.60 14.89 -16.13
CA TRP H 224 -33.29 13.62 -15.97
C TRP H 224 -34.21 13.60 -14.74
N ILE H 225 -33.74 14.17 -13.63
CA ILE H 225 -34.54 14.27 -12.41
C ILE H 225 -35.80 15.10 -12.65
N SER H 226 -35.63 16.20 -13.39
CA SER H 226 -36.73 17.11 -13.70
C SER H 226 -37.77 16.45 -14.59
N VAL H 227 -37.30 15.66 -15.55
CA VAL H 227 -38.17 15.03 -16.54
C VAL H 227 -38.88 13.76 -16.03
N SER H 228 -38.21 13.01 -15.15
CA SER H 228 -38.70 11.69 -14.75
C SER H 228 -39.63 11.70 -13.56
N GLY H 229 -39.47 12.69 -12.68
CA GLY H 229 -40.23 12.74 -11.44
C GLY H 229 -39.75 11.77 -10.38
N VAL H 230 -38.50 11.33 -10.48
CA VAL H 230 -37.89 10.43 -9.49
C VAL H 230 -37.76 11.05 -8.10
N ALA H 231 -37.62 12.37 -8.04
CA ALA H 231 -37.41 13.05 -6.75
C ALA H 231 -38.68 13.27 -5.93
N ASP H 232 -39.81 12.73 -6.39
CA ASP H 232 -41.07 12.77 -5.65
C ASP H 232 -41.04 11.87 -4.41
N ASP H 233 -40.07 10.97 -4.36
CA ASP H 233 -39.85 10.06 -3.23
C ASP H 233 -38.36 9.76 -3.11
N PRO H 234 -37.72 10.17 -1.99
CA PRO H 234 -36.28 9.98 -1.78
C PRO H 234 -35.80 8.53 -1.93
N ASN H 235 -36.67 7.57 -1.63
CA ASN H 235 -36.33 6.16 -1.73
C ASN H 235 -36.31 5.61 -3.16
N ASN H 236 -36.84 6.40 -4.10
CA ASN H 236 -36.83 6.01 -5.48
C ASN H 236 -35.40 5.82 -5.99
N TYR H 237 -35.23 4.85 -6.87
CA TYR H 237 -33.94 4.65 -7.53
C TYR H 237 -33.84 5.80 -8.54
N LEU H 238 -32.64 6.34 -8.68
CA LEU H 238 -32.40 7.42 -9.62
C LEU H 238 -32.80 7.02 -11.05
N PHE H 239 -32.43 5.81 -11.46
CA PHE H 239 -32.74 5.34 -12.79
C PHE H 239 -33.91 4.38 -12.86
N CYS H 240 -34.78 4.61 -13.84
CA CYS H 240 -35.95 3.77 -14.05
C CYS H 240 -36.23 3.62 -15.54
N ARG H 241 -37.13 2.70 -15.86
CA ARG H 241 -37.53 2.47 -17.23
C ARG H 241 -38.38 3.61 -17.77
N VAL H 242 -38.30 3.83 -19.07
CA VAL H 242 -39.13 4.81 -19.76
C VAL H 242 -39.92 4.06 -20.82
N ARG H 243 -41.25 4.09 -20.70
CA ARG H 243 -42.11 3.38 -21.63
C ARG H 243 -42.27 4.14 -22.94
N LYS H 244 -42.94 3.51 -23.91
CA LYS H 244 -43.03 4.01 -25.30
C LYS H 244 -43.64 5.40 -25.48
N ASN H 245 -44.56 5.82 -24.60
CA ASN H 245 -45.10 7.17 -24.68
C ASN H 245 -44.20 8.24 -24.06
N GLY H 246 -42.96 7.86 -23.78
CA GLY H 246 -41.95 8.77 -23.24
C GLY H 246 -42.16 9.15 -21.78
N VAL H 247 -42.88 8.32 -21.04
CA VAL H 247 -43.18 8.58 -19.63
C VAL H 247 -42.42 7.61 -18.71
N ALA H 248 -41.73 8.17 -17.72
CA ALA H 248 -40.91 7.41 -16.80
C ALA H 248 -41.73 6.83 -15.64
N ALA H 249 -41.33 5.65 -15.18
CA ALA H 249 -42.02 4.97 -14.08
C ALA H 249 -41.11 4.78 -12.86
N PRO H 250 -41.04 5.80 -11.98
CA PRO H 250 -40.17 5.75 -10.79
C PRO H 250 -40.60 4.64 -9.84
N SER H 251 -39.64 4.10 -9.10
CA SER H 251 -39.89 3.00 -8.17
C SER H 251 -38.87 3.00 -7.04
N ALA H 252 -39.32 2.63 -5.85
CA ALA H 252 -38.43 2.47 -4.71
C ALA H 252 -38.14 1.00 -4.45
N THR H 253 -38.62 0.12 -5.33
CA THR H 253 -38.52 -1.33 -5.11
C THR H 253 -37.94 -2.05 -6.32
N SER H 254 -38.21 -1.51 -7.50
CA SER H 254 -37.76 -2.12 -8.75
C SER H 254 -36.68 -1.28 -9.41
N GLN H 255 -35.53 -1.90 -9.60
CA GLN H 255 -34.41 -1.25 -10.24
C GLN H 255 -34.56 -1.34 -11.73
N LEU H 256 -33.73 -0.57 -12.41
CA LEU H 256 -33.58 -0.64 -13.86
C LEU H 256 -32.51 -1.74 -13.95
N SER H 257 -32.79 -2.81 -14.68
CA SER H 257 -31.88 -3.95 -14.78
C SER H 257 -30.53 -3.59 -15.35
N THR H 258 -29.50 -4.29 -14.89
CA THR H 258 -28.13 -4.09 -15.38
C THR H 258 -28.11 -4.48 -16.85
N ARG H 259 -29.10 -5.29 -17.22
CA ARG H 259 -29.27 -5.73 -18.61
C ARG H 259 -29.66 -4.54 -19.51
N ALA H 260 -30.63 -3.75 -19.05
CA ALA H 260 -31.06 -2.54 -19.74
C ALA H 260 -29.94 -1.50 -19.81
N LEU H 261 -29.17 -1.40 -18.73
CA LEU H 261 -28.03 -0.49 -18.70
C LEU H 261 -27.00 -0.83 -19.79
N GLU H 262 -26.71 -2.12 -19.93
CA GLU H 262 -25.86 -2.60 -21.02
C GLU H 262 -26.46 -2.26 -22.38
N GLY H 263 -27.78 -2.42 -22.48
CA GLY H 263 -28.53 -2.07 -23.69
C GLY H 263 -28.25 -0.65 -24.14
N ILE H 264 -28.21 0.29 -23.18
CA ILE H 264 -27.93 1.70 -23.46
C ILE H 264 -26.57 1.86 -24.14
N PHE H 265 -25.54 1.22 -23.59
CA PHE H 265 -24.22 1.16 -24.23
C PHE H 265 -24.28 0.57 -25.65
N GLU H 266 -25.03 -0.52 -25.81
CA GLU H 266 -25.21 -1.19 -27.10
C GLU H 266 -25.96 -0.31 -28.12
N ALA H 267 -27.00 0.39 -27.67
CA ALA H 267 -27.81 1.23 -28.57
C ALA H 267 -27.07 2.49 -29.02
N THR H 268 -26.30 3.08 -28.11
CA THR H 268 -25.49 4.26 -28.39
C THR H 268 -24.43 3.95 -29.45
N HIS H 269 -23.77 2.79 -29.28
CA HIS H 269 -22.76 2.32 -30.23
C HIS H 269 -23.37 2.11 -31.63
N ARG H 270 -24.53 1.46 -31.66
CA ARG H 270 -25.28 1.20 -32.88
C ARG H 270 -25.68 2.50 -33.59
N LEU H 271 -25.95 3.54 -32.81
CA LEU H 271 -26.32 4.85 -33.34
C LEU H 271 -25.20 5.50 -34.15
N ILE H 272 -23.96 5.19 -33.79
CA ILE H 272 -22.78 5.82 -34.38
C ILE H 272 -22.06 4.92 -35.39
N TYR H 273 -22.13 3.60 -35.20
CA TYR H 273 -21.38 2.67 -36.04
C TYR H 273 -22.24 1.63 -36.74
N GLY H 274 -23.55 1.71 -36.54
CA GLY H 274 -24.48 0.78 -37.15
C GLY H 274 -24.54 -0.55 -36.41
N ALA H 275 -25.37 -1.46 -36.93
CA ALA H 275 -25.60 -2.76 -36.32
C ALA H 275 -24.31 -3.55 -36.13
N LYS H 276 -24.28 -4.32 -35.06
CA LYS H 276 -23.15 -5.15 -34.68
C LYS H 276 -22.87 -6.25 -35.72
N ASP H 277 -21.63 -6.74 -35.73
CA ASP H 277 -21.26 -7.88 -36.58
C ASP H 277 -21.93 -9.17 -36.09
N ASP H 278 -22.10 -10.14 -36.98
CA ASP H 278 -22.83 -11.37 -36.64
C ASP H 278 -21.88 -12.53 -36.27
N SER H 279 -20.63 -12.18 -35.94
CA SER H 279 -19.59 -13.18 -35.68
C SER H 279 -19.72 -13.93 -34.35
N GLY H 280 -20.53 -13.39 -33.45
CA GLY H 280 -20.77 -14.03 -32.14
C GLY H 280 -19.71 -13.74 -31.09
N GLN H 281 -18.67 -13.01 -31.48
CA GLN H 281 -17.61 -12.60 -30.55
C GLN H 281 -18.11 -11.53 -29.58
N ARG H 282 -17.50 -11.48 -28.41
CA ARG H 282 -17.83 -10.48 -27.39
C ARG H 282 -17.10 -9.15 -27.62
N TYR H 283 -17.74 -8.08 -27.16
CA TYR H 283 -17.20 -6.72 -27.19
C TYR H 283 -17.04 -6.17 -28.61
N LEU H 284 -18.06 -6.35 -29.43
CA LEU H 284 -18.08 -5.73 -30.76
C LEU H 284 -18.66 -4.33 -30.66
N ALA H 285 -19.31 -4.06 -29.53
CA ALA H 285 -19.90 -2.77 -29.22
C ALA H 285 -19.63 -2.46 -27.76
N TRP H 286 -19.95 -1.23 -27.34
CA TRP H 286 -19.83 -0.87 -25.93
C TRP H 286 -20.73 -1.72 -25.05
N SER H 287 -20.33 -1.85 -23.79
CA SER H 287 -21.07 -2.62 -22.81
C SER H 287 -20.84 -2.02 -21.43
N GLY H 288 -21.42 -2.61 -20.40
CA GLY H 288 -21.37 -2.12 -19.01
C GLY H 288 -20.02 -1.70 -18.45
N HIS H 289 -18.94 -2.33 -18.91
CA HIS H 289 -17.58 -2.02 -18.42
C HIS H 289 -16.85 -0.93 -19.21
N SER H 290 -17.42 -0.53 -20.36
CA SER H 290 -16.73 0.38 -21.30
C SER H 290 -16.33 1.76 -20.78
N ALA H 291 -17.20 2.42 -20.02
CA ALA H 291 -16.90 3.75 -19.50
C ALA H 291 -15.86 3.66 -18.38
N ARG H 292 -15.88 2.55 -17.65
CA ARG H 292 -14.84 2.25 -16.69
C ARG H 292 -13.44 2.17 -17.30
N VAL H 293 -13.26 1.42 -18.38
CA VAL H 293 -11.92 1.30 -18.97
C VAL H 293 -11.49 2.58 -19.69
N GLY H 294 -12.44 3.22 -20.38
CA GLY H 294 -12.20 4.47 -21.11
C GLY H 294 -11.75 5.62 -20.23
N ALA H 295 -12.37 5.74 -19.06
CA ALA H 295 -12.00 6.77 -18.08
C ALA H 295 -10.61 6.51 -17.52
N ALA H 296 -10.30 5.24 -17.27
CA ALA H 296 -9.00 4.86 -16.74
C ALA H 296 -7.88 5.12 -17.76
N ARG H 297 -8.20 4.99 -19.03
CA ARG H 297 -7.23 5.24 -20.08
C ARG H 297 -7.00 6.74 -20.26
N ASP H 298 -8.07 7.52 -20.19
CA ASP H 298 -8.00 8.98 -20.26
C ASP H 298 -7.16 9.55 -19.12
N MET H 299 -7.29 8.98 -17.93
CA MET H 299 -6.51 9.41 -16.79
C MET H 299 -5.04 9.02 -16.93
N ALA H 300 -4.79 7.82 -17.44
CA ALA H 300 -3.43 7.34 -17.65
C ALA H 300 -2.72 8.19 -18.71
N ARG H 301 -3.44 8.50 -19.80
CA ARG H 301 -2.90 9.33 -20.89
C ARG H 301 -2.74 10.80 -20.52
N ALA H 302 -3.56 11.27 -19.58
CA ALA H 302 -3.50 12.66 -19.11
C ALA H 302 -2.44 12.88 -18.03
N GLY H 303 -1.71 11.82 -17.69
CA GLY H 303 -0.66 11.90 -16.69
C GLY H 303 -1.13 12.08 -15.27
N VAL H 304 -2.29 11.53 -14.95
CA VAL H 304 -2.80 11.53 -13.58
C VAL H 304 -1.97 10.55 -12.75
N SER H 305 -1.67 10.92 -11.51
CA SER H 305 -0.89 10.07 -10.61
C SER H 305 -1.65 8.81 -10.20
N ILE H 306 -0.91 7.72 -10.01
CA ILE H 306 -1.45 6.44 -9.55
C ILE H 306 -2.45 6.59 -8.38
N PRO H 307 -2.05 7.28 -7.27
CA PRO H 307 -2.99 7.43 -6.16
C PRO H 307 -4.32 8.04 -6.56
N GLU H 308 -4.28 9.04 -7.44
CA GLU H 308 -5.50 9.70 -7.91
C GLU H 308 -6.35 8.81 -8.83
N ILE H 309 -5.68 7.99 -9.65
CA ILE H 309 -6.36 7.01 -10.51
C ILE H 309 -7.10 6.02 -9.62
N MET H 310 -6.42 5.52 -8.60
CA MET H 310 -7.00 4.57 -7.66
C MET H 310 -8.15 5.16 -6.86
N GLN H 311 -8.00 6.41 -6.44
CA GLN H 311 -9.07 7.12 -5.73
C GLN H 311 -10.32 7.27 -6.62
N ALA H 312 -10.09 7.53 -7.91
CA ALA H 312 -11.16 7.68 -8.89
C ALA H 312 -11.99 6.40 -9.05
N GLY H 313 -11.31 5.27 -9.16
CA GLY H 313 -11.96 3.99 -9.36
C GLY H 313 -12.19 3.17 -8.11
N GLY H 314 -11.85 3.74 -6.95
CA GLY H 314 -12.03 3.07 -5.67
C GLY H 314 -11.24 1.77 -5.50
N TRP H 315 -10.01 1.77 -6.00
CA TRP H 315 -9.14 0.60 -5.91
C TRP H 315 -8.10 0.78 -4.81
N THR H 316 -7.81 -0.32 -4.09
CA THR H 316 -6.86 -0.26 -2.97
C THR H 316 -5.48 -0.84 -3.28
N ASN H 317 -5.36 -1.52 -4.41
CA ASN H 317 -4.11 -2.16 -4.84
C ASN H 317 -3.77 -1.68 -6.25
N VAL H 318 -2.48 -1.43 -6.50
CA VAL H 318 -2.03 -0.81 -7.77
C VAL H 318 -2.09 -1.63 -9.04
N ASN H 319 -2.22 -2.96 -8.93
CA ASN H 319 -2.10 -3.86 -10.09
C ASN H 319 -3.26 -3.82 -11.10
N ILE H 320 -4.46 -3.43 -10.65
CA ILE H 320 -5.61 -3.32 -11.57
C ILE H 320 -5.48 -2.17 -12.55
N VAL H 321 -4.64 -1.19 -12.23
CA VAL H 321 -4.40 -0.07 -13.12
C VAL H 321 -3.85 -0.64 -14.43
N MET H 322 -2.92 -1.58 -14.29
CA MET H 322 -2.32 -2.26 -15.42
C MET H 322 -3.32 -3.13 -16.18
N ASN H 323 -4.23 -3.76 -15.44
CA ASN H 323 -5.37 -4.47 -16.01
C ASN H 323 -6.18 -3.55 -16.92
N TYR H 324 -6.58 -2.40 -16.37
CA TYR H 324 -7.43 -1.44 -17.08
C TYR H 324 -6.82 -0.84 -18.34
N ILE H 325 -5.54 -0.51 -18.29
CA ILE H 325 -4.91 0.22 -19.39
C ILE H 325 -4.14 -0.67 -20.37
N ARG H 326 -4.26 -1.98 -20.20
CA ARG H 326 -3.49 -2.97 -20.96
C ARG H 326 -3.63 -2.83 -22.48
N ASN H 327 -4.75 -2.27 -22.95
CA ASN H 327 -5.04 -2.19 -24.38
C ASN H 327 -4.96 -0.77 -24.95
N LEU H 328 -4.10 0.07 -24.36
CA LEU H 328 -3.83 1.40 -24.92
C LEU H 328 -3.45 1.29 -26.39
N ASP H 329 -4.01 2.17 -27.21
CA ASP H 329 -3.73 2.18 -28.63
C ASP H 329 -2.22 2.30 -28.85
N SER H 330 -1.66 1.32 -29.54
CA SER H 330 -0.22 1.24 -29.75
C SER H 330 0.25 2.31 -30.73
N GLU H 331 -0.52 2.54 -31.78
CA GLU H 331 -0.16 3.48 -32.86
C GLU H 331 0.04 4.91 -32.38
N THR H 332 -0.69 5.32 -31.35
CA THR H 332 -0.54 6.64 -30.75
C THR H 332 0.07 6.50 -29.36
N GLY H 333 0.68 5.35 -29.11
CA GLY H 333 1.35 5.05 -27.84
C GLY H 333 2.69 5.75 -27.76
N ALA H 334 3.31 5.67 -26.60
CA ALA H 334 4.53 6.41 -26.29
C ALA H 334 5.71 6.14 -27.26
N MET H 335 5.92 4.88 -27.62
CA MET H 335 7.09 4.49 -28.39
C MET H 335 7.06 5.00 -29.84
N VAL H 336 5.90 4.86 -30.49
CA VAL H 336 5.73 5.34 -31.85
C VAL H 336 5.89 6.86 -31.93
N ARG H 337 5.35 7.57 -30.94
CA ARG H 337 5.48 9.04 -30.89
C ARG H 337 6.93 9.45 -30.64
N LEU H 338 7.63 8.70 -29.80
CA LEU H 338 9.05 8.91 -29.53
C LEU H 338 9.93 8.73 -30.75
N LEU H 339 9.61 7.73 -31.56
CA LEU H 339 10.44 7.40 -32.73
C LEU H 339 10.20 8.32 -33.93
N GLU H 340 9.00 8.87 -34.04
CA GLU H 340 8.65 9.67 -35.22
C GLU H 340 8.92 11.18 -35.06
N ASP H 341 9.04 11.64 -33.82
CA ASP H 341 9.30 13.05 -33.52
C ASP H 341 10.04 13.23 -32.18
#